data_8E8U
#
_entry.id   8E8U
#
_cell.length_a   73.005
_cell.length_b   131.944
_cell.length_c   96.494
_cell.angle_alpha   90.000
_cell.angle_beta   100.720
_cell.angle_gamma   90.000
#
_symmetry.space_group_name_H-M   'P 1 21 1'
#
loop_
_entity.id
_entity.type
_entity.pdbx_description
1 polymer 'Alpha-aminoadipic semialdehyde synthase, mitochondrial'
2 non-polymer 'MAGNESIUM ION'
3 water water
#
_entity_poly.entity_id   1
_entity_poly.type   'polypeptide(L)'
_entity_poly.pdbx_seq_one_letter_code
;GSHHKAVLAVRREDVNAWERRAPLAPKHIKGITNLGYKVLIQPSNRRAIHDKDYVKAGGILQEDISEACLILGVKRPPAA
ALMSRKTYAFFSHTIKAQEANMGLLDEILKQEIRLIDYEKMVDHRGVRVVAFGQWAGVAGMINILHGMGLRLLALGHHTP
FMHIGMAHNYRNSSQAVQAVRDAGYEISLGLMPKSIGPLTFVFTGTGNVSKGAQAIFNELPCEYVEPHELKEVSQTGDLR
KVYGTVLSRHHHLVRKTDAVYDPAEYDKHPERYISRFNTDIAPYTTCLINGIYWAANTPRLLTRQDAQSLLAPGKFSPAG
VEGCPALPHKLVAICDISADTGGSIEFMTECTTIEHPFCMYDADQHIIHDSVEGSGILMCSIDNLPAQLPIEATECFGDM
LYPYVEEMILSDATQPLESQNFSPVVRDAVITSNGTLPDKYKYIQTLRESRE
;
_entity_poly.pdbx_strand_id   A,B,C,D
#
loop_
_chem_comp.id
_chem_comp.type
_chem_comp.name
_chem_comp.formula
MG non-polymer 'MAGNESIUM ION' 'Mg 2'
#
# COMPACT_ATOMS: atom_id res chain seq x y z
N ALA A 6 29.74 16.25 -37.51
CA ALA A 6 28.49 16.95 -37.20
C ALA A 6 27.29 16.02 -37.33
N VAL A 7 27.18 15.08 -36.41
CA VAL A 7 26.10 14.08 -36.41
C VAL A 7 25.34 14.21 -35.10
N LEU A 8 24.02 14.23 -35.19
CA LEU A 8 23.13 14.37 -34.05
C LEU A 8 22.36 13.08 -33.82
N ALA A 9 22.20 12.71 -32.55
CA ALA A 9 21.42 11.53 -32.18
C ALA A 9 20.45 11.87 -31.07
N VAL A 10 19.25 11.31 -31.15
CA VAL A 10 18.23 11.43 -30.11
C VAL A 10 18.17 10.08 -29.39
N ARG A 11 18.68 10.05 -28.17
CA ARG A 11 18.75 8.80 -27.42
C ARG A 11 17.37 8.38 -26.92
N ARG A 12 17.28 7.11 -26.56
CA ARG A 12 16.05 6.55 -26.02
C ARG A 12 15.96 6.86 -24.52
N GLU A 13 14.76 7.29 -24.08
CA GLU A 13 14.55 7.57 -22.67
C GLU A 13 14.36 6.28 -21.90
N ASP A 14 15.10 6.13 -20.79
CA ASP A 14 14.98 4.94 -19.96
C ASP A 14 15.03 5.25 -18.47
N VAL A 15 14.74 6.49 -18.08
CA VAL A 15 14.70 6.85 -16.66
C VAL A 15 13.59 6.09 -15.94
N ASN A 16 12.33 6.31 -16.35
CA ASN A 16 11.20 5.60 -15.78
C ASN A 16 10.24 5.22 -16.89
N ALA A 17 9.18 4.49 -16.51
CA ALA A 17 8.23 4.00 -17.50
C ALA A 17 7.38 5.12 -18.09
N TRP A 18 7.19 6.21 -17.35
CA TRP A 18 6.28 7.27 -17.77
C TRP A 18 6.97 8.34 -18.62
N GLU A 19 8.27 8.20 -18.88
CA GLU A 19 8.98 9.19 -19.70
C GLU A 19 8.80 8.84 -21.16
N ARG A 20 7.72 9.37 -21.75
CA ARG A 20 7.40 9.15 -23.15
C ARG A 20 7.74 10.34 -24.02
N ARG A 21 8.35 11.38 -23.47
CA ARG A 21 8.70 12.57 -24.22
C ARG A 21 10.02 12.36 -24.98
N ALA A 22 10.30 13.29 -25.88
CA ALA A 22 11.54 13.35 -26.63
C ALA A 22 12.02 14.79 -26.64
N PRO A 23 13.33 15.02 -26.78
CA PRO A 23 13.82 16.41 -26.82
C PRO A 23 13.47 17.14 -28.10
N LEU A 24 13.19 16.42 -29.19
CA LEU A 24 12.85 17.04 -30.46
C LEU A 24 11.74 16.23 -31.13
N ALA A 25 10.86 16.94 -31.83
CA ALA A 25 9.76 16.33 -32.56
C ALA A 25 10.19 16.05 -33.99
N PRO A 26 9.42 15.23 -34.72
CA PRO A 26 9.77 14.98 -36.13
C PRO A 26 9.88 16.25 -36.96
N LYS A 27 9.01 17.22 -36.72
CA LYS A 27 9.06 18.47 -37.48
C LYS A 27 10.37 19.22 -37.24
N HIS A 28 10.97 19.07 -36.07
CA HIS A 28 12.28 19.67 -35.82
C HIS A 28 13.39 18.88 -36.51
N ILE A 29 13.26 17.55 -36.54
CA ILE A 29 14.25 16.71 -37.22
C ILE A 29 14.25 17.02 -38.72
N LYS A 30 13.08 17.33 -39.27
CA LYS A 30 13.01 17.69 -40.69
C LYS A 30 13.77 18.96 -40.99
N GLY A 31 13.70 19.95 -40.09
CA GLY A 31 14.46 21.17 -40.28
C GLY A 31 15.96 20.97 -40.18
N ILE A 32 16.39 20.13 -39.23
CA ILE A 32 17.82 19.86 -39.07
C ILE A 32 18.38 19.11 -40.27
N THR A 33 17.60 18.17 -40.81
CA THR A 33 18.05 17.44 -41.99
C THR A 33 18.09 18.36 -43.22
N ASN A 34 17.22 19.37 -43.25
CA ASN A 34 17.25 20.33 -44.34
C ASN A 34 18.53 21.16 -44.32
N LEU A 35 19.09 21.41 -43.14
CA LEU A 35 20.35 22.13 -43.05
C LEU A 35 21.54 21.31 -43.51
N GLY A 36 21.37 19.99 -43.63
CA GLY A 36 22.44 19.13 -44.07
C GLY A 36 23.09 18.28 -42.99
N TYR A 37 22.49 18.20 -41.80
CA TYR A 37 23.05 17.44 -40.69
C TYR A 37 22.40 16.07 -40.62
N LYS A 38 23.20 15.06 -40.29
CA LYS A 38 22.69 13.70 -40.14
C LYS A 38 22.11 13.53 -38.74
N VAL A 39 20.91 12.95 -38.66
CA VAL A 39 20.21 12.76 -37.40
C VAL A 39 19.95 11.28 -37.23
N LEU A 40 20.46 10.72 -36.13
CA LEU A 40 20.22 9.32 -35.78
C LEU A 40 19.14 9.25 -34.71
N ILE A 41 18.22 8.31 -34.87
CA ILE A 41 17.12 8.12 -33.93
C ILE A 41 17.26 6.72 -33.34
N GLN A 42 17.52 6.65 -32.05
CA GLN A 42 17.60 5.36 -31.37
C GLN A 42 16.19 4.80 -31.21
N PRO A 43 15.93 3.57 -31.64
CA PRO A 43 14.56 3.03 -31.57
C PRO A 43 14.09 2.93 -30.13
N SER A 44 12.82 3.26 -29.93
CA SER A 44 12.25 3.32 -28.57
C SER A 44 10.76 3.04 -28.64
N ASN A 45 10.33 1.91 -28.06
CA ASN A 45 8.91 1.65 -27.89
C ASN A 45 8.29 2.53 -26.82
N ARG A 46 9.11 3.18 -26.00
CA ARG A 46 8.60 4.00 -24.90
C ARG A 46 8.11 5.35 -25.40
N ARG A 47 8.64 5.82 -26.53
CA ARG A 47 8.30 7.14 -27.03
C ARG A 47 6.85 7.20 -27.46
N ALA A 48 6.20 8.33 -27.15
CA ALA A 48 4.81 8.49 -27.56
C ALA A 48 4.69 8.72 -29.06
N ILE A 49 5.69 9.34 -29.66
CA ILE A 49 5.75 9.52 -31.11
C ILE A 49 6.46 8.32 -31.72
N HIS A 50 5.83 7.68 -32.69
CA HIS A 50 6.33 6.42 -33.23
C HIS A 50 7.63 6.65 -34.01
N ASP A 51 8.45 5.59 -34.07
CA ASP A 51 9.73 5.67 -34.77
C ASP A 51 9.56 6.01 -36.24
N LYS A 52 8.47 5.54 -36.87
CA LYS A 52 8.29 5.78 -38.30
C LYS A 52 8.07 7.25 -38.60
N ASP A 53 7.57 8.03 -37.64
CA ASP A 53 7.35 9.45 -37.90
C ASP A 53 8.67 10.20 -37.96
N TYR A 54 9.68 9.75 -37.22
CA TYR A 54 11.01 10.35 -37.34
C TYR A 54 11.71 9.91 -38.62
N VAL A 55 11.45 8.69 -39.07
CA VAL A 55 11.99 8.23 -40.36
C VAL A 55 11.43 9.07 -41.49
N LYS A 56 10.13 9.38 -41.43
CA LYS A 56 9.52 10.22 -42.46
C LYS A 56 10.15 11.60 -42.50
N ALA A 57 10.56 12.12 -41.33
CA ALA A 57 11.17 13.44 -41.24
C ALA A 57 12.62 13.46 -41.73
N GLY A 58 13.24 12.31 -41.92
CA GLY A 58 14.63 12.25 -42.36
C GLY A 58 15.58 11.58 -41.38
N GLY A 59 15.11 11.14 -40.22
CA GLY A 59 15.99 10.49 -39.27
C GLY A 59 16.29 9.06 -39.65
N ILE A 60 17.40 8.54 -39.11
CA ILE A 60 17.87 7.20 -39.39
C ILE A 60 17.74 6.37 -38.11
N LEU A 61 17.02 5.26 -38.21
CA LEU A 61 16.82 4.38 -37.06
C LEU A 61 18.04 3.50 -36.85
N GLN A 62 18.72 3.68 -35.73
CA GLN A 62 19.95 2.96 -35.43
C GLN A 62 20.09 2.84 -33.92
N GLU A 63 20.40 1.63 -33.45
CA GLU A 63 20.63 1.43 -32.03
C GLU A 63 21.99 2.01 -31.61
N ASP A 64 23.01 1.81 -32.43
CA ASP A 64 24.36 2.30 -32.14
C ASP A 64 24.46 3.76 -32.55
N ILE A 65 24.64 4.65 -31.57
CA ILE A 65 24.74 6.09 -31.83
C ILE A 65 26.14 6.56 -31.50
N SER A 66 27.14 5.68 -31.64
CA SER A 66 28.52 6.07 -31.41
C SER A 66 29.04 7.05 -32.44
N GLU A 67 28.45 7.08 -33.63
CA GLU A 67 28.91 8.01 -34.67
C GLU A 67 28.63 9.46 -34.29
N ALA A 68 27.55 9.71 -33.54
CA ALA A 68 27.16 11.08 -33.23
C ALA A 68 28.07 11.68 -32.16
N CYS A 69 28.34 12.97 -32.31
CA CYS A 69 29.08 13.73 -31.30
C CYS A 69 28.17 14.43 -30.31
N LEU A 70 26.89 14.59 -30.64
CA LEU A 70 25.91 15.24 -29.78
C LEU A 70 24.76 14.27 -29.53
N ILE A 71 24.47 14.01 -28.26
CA ILE A 71 23.41 13.09 -27.87
C ILE A 71 22.37 13.88 -27.09
N LEU A 72 21.15 13.93 -27.60
CA LEU A 72 20.06 14.66 -26.97
C LEU A 72 19.11 13.70 -26.28
N GLY A 73 18.82 13.97 -25.01
CA GLY A 73 17.80 13.24 -24.27
C GLY A 73 16.96 14.20 -23.45
N VAL A 74 15.96 13.64 -22.78
CA VAL A 74 15.13 14.44 -21.89
C VAL A 74 15.66 14.35 -20.47
N LYS A 75 15.64 13.17 -19.89
CA LYS A 75 16.07 12.95 -18.51
C LYS A 75 17.40 12.20 -18.47
N ARG A 76 17.85 11.92 -17.26
CA ARG A 76 19.17 11.35 -17.04
C ARG A 76 19.30 9.99 -17.71
N PRO A 77 20.43 9.72 -18.37
CA PRO A 77 20.71 8.36 -18.85
C PRO A 77 21.44 7.55 -17.79
N PRO A 78 21.33 6.22 -17.82
CA PRO A 78 22.10 5.40 -16.89
C PRO A 78 23.60 5.58 -17.12
N ALA A 79 24.37 5.38 -16.04
CA ALA A 79 25.81 5.63 -16.10
C ALA A 79 26.50 4.73 -17.12
N ALA A 80 26.07 3.47 -17.22
CA ALA A 80 26.72 2.54 -18.14
C ALA A 80 26.53 2.94 -19.59
N ALA A 81 25.41 3.59 -19.90
CA ALA A 81 25.12 3.95 -21.30
C ALA A 81 25.98 5.09 -21.79
N LEU A 82 26.59 5.86 -20.90
CA LEU A 82 27.33 7.05 -21.29
C LEU A 82 28.50 6.71 -22.21
N MET A 83 28.60 7.43 -23.32
CA MET A 83 29.70 7.28 -24.27
C MET A 83 30.71 8.39 -24.04
N SER A 84 31.98 8.02 -23.95
CA SER A 84 33.02 8.98 -23.61
C SER A 84 33.27 9.94 -24.76
N ARG A 85 33.72 11.15 -24.41
CA ARG A 85 34.19 12.14 -25.38
C ARG A 85 33.07 12.57 -26.33
N LYS A 86 31.87 12.77 -25.78
CA LYS A 86 30.70 13.20 -26.52
C LYS A 86 30.07 14.38 -25.79
N THR A 87 29.11 15.04 -26.45
CA THR A 87 28.34 16.11 -25.84
C THR A 87 26.93 15.62 -25.58
N TYR A 88 26.52 15.67 -24.31
CA TYR A 88 25.20 15.24 -23.89
C TYR A 88 24.40 16.44 -23.40
N ALA A 89 23.10 16.43 -23.68
CA ALA A 89 22.19 17.45 -23.19
C ALA A 89 20.95 16.78 -22.63
N PHE A 90 20.70 16.98 -21.34
CA PHE A 90 19.52 16.45 -20.67
C PHE A 90 19.36 17.20 -19.35
N PHE A 91 18.31 16.86 -18.62
CA PHE A 91 18.14 17.35 -17.25
C PHE A 91 18.95 16.47 -16.32
N SER A 92 20.02 17.04 -15.75
CA SER A 92 20.90 16.28 -14.87
C SER A 92 20.45 16.32 -13.42
N HIS A 93 19.91 17.45 -12.99
CA HIS A 93 19.55 17.68 -11.58
C HIS A 93 20.76 17.44 -10.68
N THR A 94 21.89 18.05 -11.06
CA THR A 94 23.10 18.02 -10.27
C THR A 94 23.53 19.40 -9.77
N ILE A 95 22.79 20.45 -10.13
CA ILE A 95 23.15 21.81 -9.71
C ILE A 95 23.11 21.96 -8.20
N LYS A 96 22.17 21.28 -7.54
CA LYS A 96 22.06 21.32 -6.09
C LYS A 96 22.78 20.17 -5.40
N ALA A 97 23.66 19.46 -6.14
CA ALA A 97 24.46 18.37 -5.59
C ALA A 97 23.58 17.26 -5.00
N GLN A 98 22.55 16.88 -5.76
CA GLN A 98 21.65 15.82 -5.33
C GLN A 98 22.39 14.50 -5.18
N GLU A 99 22.15 13.83 -4.05
CA GLU A 99 22.87 12.58 -3.74
C GLU A 99 22.70 11.53 -4.83
N ALA A 100 21.47 11.38 -5.36
CA ALA A 100 21.21 10.33 -6.33
C ALA A 100 22.02 10.51 -7.61
N ASN A 101 22.20 11.76 -8.05
CA ASN A 101 22.88 12.04 -9.31
C ASN A 101 24.36 12.34 -9.16
N MET A 102 24.92 12.19 -7.96
CA MET A 102 26.36 12.39 -7.79
C MET A 102 27.14 11.23 -8.39
N GLY A 103 26.60 10.02 -8.30
CA GLY A 103 27.21 8.89 -8.96
C GLY A 103 27.23 9.03 -10.47
N LEU A 104 26.27 9.75 -11.04
CA LEU A 104 26.30 10.04 -12.46
C LEU A 104 27.34 11.12 -12.79
N LEU A 105 27.44 12.14 -11.94
CA LEU A 105 28.27 13.30 -12.29
C LEU A 105 29.75 12.95 -12.37
N ASP A 106 30.25 12.13 -11.43
CA ASP A 106 31.66 11.76 -11.50
C ASP A 106 31.91 10.86 -12.70
N GLU A 107 30.93 10.02 -13.06
CA GLU A 107 31.09 9.14 -14.21
C GLU A 107 31.18 9.97 -15.49
N ILE A 108 30.42 11.06 -15.57
CA ILE A 108 30.51 11.95 -16.71
C ILE A 108 31.89 12.58 -16.78
N LEU A 109 32.45 12.94 -15.62
CA LEU A 109 33.79 13.51 -15.58
C LEU A 109 34.83 12.50 -16.03
N LYS A 110 34.67 11.23 -15.65
CA LYS A 110 35.63 10.20 -16.03
C LYS A 110 35.62 9.97 -17.54
N GLN A 111 34.44 9.99 -18.15
CA GLN A 111 34.33 9.80 -19.59
C GLN A 111 34.68 11.06 -20.38
N GLU A 112 34.97 12.17 -19.70
CA GLU A 112 35.34 13.43 -20.34
C GLU A 112 34.25 13.88 -21.32
N ILE A 113 33.05 14.09 -20.75
CA ILE A 113 31.85 14.42 -21.50
C ILE A 113 31.48 15.86 -21.22
N ARG A 114 31.03 16.57 -22.26
CA ARG A 114 30.49 17.92 -22.11
C ARG A 114 28.98 17.82 -21.90
N LEU A 115 28.51 18.37 -20.79
CA LEU A 115 27.12 18.25 -20.38
C LEU A 115 26.46 19.62 -20.36
N ILE A 116 25.38 19.76 -21.12
CA ILE A 116 24.57 20.98 -21.14
C ILE A 116 23.23 20.67 -20.49
N ASP A 117 22.82 21.49 -19.52
CA ASP A 117 21.58 21.28 -18.79
C ASP A 117 20.55 22.30 -19.23
N TYR A 118 19.38 21.80 -19.64
CA TYR A 118 18.31 22.67 -20.12
C TYR A 118 17.90 23.69 -19.07
N GLU A 119 17.82 23.27 -17.81
CA GLU A 119 17.31 24.16 -16.75
C GLU A 119 18.24 25.36 -16.53
N LYS A 120 19.54 25.18 -16.73
CA LYS A 120 20.47 26.29 -16.56
C LYS A 120 20.43 27.27 -17.72
N MET A 121 19.90 26.86 -18.86
CA MET A 121 19.78 27.75 -20.01
C MET A 121 18.77 28.86 -19.70
N VAL A 122 19.24 30.10 -19.65
CA VAL A 122 18.41 31.25 -19.32
C VAL A 122 18.80 32.42 -20.20
N ASP A 123 17.91 33.41 -20.28
CA ASP A 123 18.17 34.62 -21.04
C ASP A 123 18.83 35.67 -20.13
N HIS A 124 19.03 36.87 -20.66
CA HIS A 124 19.69 37.92 -19.88
C HIS A 124 18.85 38.37 -18.70
N ARG A 125 17.53 38.26 -18.81
CA ARG A 125 16.62 38.58 -17.72
C ARG A 125 16.50 37.48 -16.69
N GLY A 126 17.03 36.29 -16.97
CA GLY A 126 17.00 35.18 -16.05
C GLY A 126 15.87 34.20 -16.28
N VAL A 127 15.04 34.42 -17.28
CA VAL A 127 13.92 33.52 -17.58
C VAL A 127 14.43 32.33 -18.37
N ARG A 128 13.99 31.14 -17.99
CA ARG A 128 14.36 29.93 -18.70
C ARG A 128 13.83 29.98 -20.12
N VAL A 129 14.68 29.61 -21.08
CA VAL A 129 14.35 29.72 -22.49
C VAL A 129 13.93 28.39 -23.11
N VAL A 130 14.11 27.28 -22.40
CA VAL A 130 13.71 25.96 -22.88
C VAL A 130 12.92 25.27 -21.77
N ALA A 131 11.65 25.01 -22.02
CA ALA A 131 10.78 24.41 -21.01
C ALA A 131 9.62 23.72 -21.73
N PHE A 132 8.71 23.15 -20.94
CA PHE A 132 7.56 22.43 -21.47
C PHE A 132 6.31 23.30 -21.55
N GLY A 133 6.43 24.59 -21.24
CA GLY A 133 5.34 25.52 -21.49
C GLY A 133 4.15 25.30 -20.58
N GLN A 134 2.96 25.35 -21.18
CA GLN A 134 1.69 25.33 -20.46
C GLN A 134 1.15 23.92 -20.22
N TRP A 135 1.83 22.89 -20.72
CA TRP A 135 1.22 21.56 -20.73
C TRP A 135 1.17 20.94 -19.34
N ALA A 136 2.04 21.35 -18.42
CA ALA A 136 1.92 20.90 -17.05
C ALA A 136 0.62 21.39 -16.41
N GLY A 137 0.23 22.62 -16.72
CA GLY A 137 -1.03 23.13 -16.21
C GLY A 137 -2.24 22.47 -16.85
N VAL A 138 -2.14 22.14 -18.13
CA VAL A 138 -3.23 21.44 -18.82
C VAL A 138 -3.45 20.08 -18.19
N ALA A 139 -2.36 19.34 -17.97
CA ALA A 139 -2.48 18.03 -17.35
C ALA A 139 -2.96 18.13 -15.91
N GLY A 140 -2.47 19.14 -15.18
CA GLY A 140 -2.87 19.28 -13.79
C GLY A 140 -4.35 19.55 -13.61
N MET A 141 -4.94 20.33 -14.52
CA MET A 141 -6.36 20.62 -14.41
C MET A 141 -7.21 19.38 -14.71
N ILE A 142 -6.83 18.60 -15.71
CA ILE A 142 -7.56 17.37 -16.02
C ILE A 142 -7.52 16.43 -14.82
N ASN A 143 -6.33 16.26 -14.23
CA ASN A 143 -6.19 15.36 -13.08
C ASN A 143 -7.05 15.80 -11.91
N ILE A 144 -7.04 17.09 -11.59
CA ILE A 144 -7.75 17.55 -10.40
C ILE A 144 -9.26 17.43 -10.57
N LEU A 145 -9.76 17.59 -11.80
CA LEU A 145 -11.17 17.34 -12.05
C LEU A 145 -11.50 15.87 -11.88
N HIS A 146 -10.62 14.99 -12.36
CA HIS A 146 -10.79 13.56 -12.13
C HIS A 146 -10.74 13.23 -10.64
N GLY A 147 -9.83 13.85 -9.91
CA GLY A 147 -9.76 13.62 -8.47
C GLY A 147 -10.95 14.14 -7.71
N MET A 148 -11.53 15.26 -8.16
CA MET A 148 -12.72 15.78 -7.49
C MET A 148 -13.92 14.86 -7.67
N GLY A 149 -14.02 14.21 -8.82
CA GLY A 149 -15.07 13.22 -9.01
C GLY A 149 -14.93 12.05 -8.05
N LEU A 150 -13.72 11.52 -7.92
CA LEU A 150 -13.47 10.42 -6.99
C LEU A 150 -13.67 10.85 -5.55
N ARG A 151 -13.16 12.04 -5.20
CA ARG A 151 -13.31 12.54 -3.84
C ARG A 151 -14.77 12.77 -3.48
N LEU A 152 -15.53 13.36 -4.41
CA LEU A 152 -16.96 13.61 -4.15
C LEU A 152 -17.74 12.30 -4.07
N LEU A 153 -17.38 11.31 -4.88
CA LEU A 153 -18.05 10.01 -4.80
C LEU A 153 -17.77 9.33 -3.46
N ALA A 154 -16.54 9.47 -2.95
CA ALA A 154 -16.24 8.94 -1.62
C ALA A 154 -17.05 9.65 -0.55
N LEU A 155 -17.35 10.93 -0.76
CA LEU A 155 -18.19 11.69 0.15
C LEU A 155 -19.68 11.40 -0.06
N GLY A 156 -20.02 10.61 -1.07
CA GLY A 156 -21.40 10.22 -1.32
C GLY A 156 -22.10 10.91 -2.47
N HIS A 157 -21.37 11.63 -3.33
CA HIS A 157 -21.97 12.43 -4.38
C HIS A 157 -21.47 11.97 -5.74
N HIS A 158 -22.38 11.49 -6.58
CA HIS A 158 -22.06 11.24 -7.98
C HIS A 158 -22.09 12.56 -8.73
N THR A 159 -21.04 12.83 -9.51
CA THR A 159 -20.90 14.08 -10.22
C THR A 159 -20.43 13.81 -11.64
N PRO A 160 -20.67 14.74 -12.57
CA PRO A 160 -20.11 14.60 -13.92
C PRO A 160 -18.59 14.53 -13.94
N PHE A 161 -17.92 15.03 -12.90
CA PHE A 161 -16.46 14.93 -12.84
C PHE A 161 -15.98 13.50 -12.75
N MET A 162 -16.87 12.56 -12.39
CA MET A 162 -16.55 11.15 -12.47
C MET A 162 -16.30 10.70 -13.90
N HIS A 163 -16.78 11.46 -14.88
CA HIS A 163 -16.66 11.11 -16.28
C HIS A 163 -15.49 11.82 -16.96
N ILE A 164 -14.52 12.29 -16.18
CA ILE A 164 -13.27 12.84 -16.68
C ILE A 164 -12.15 11.97 -16.13
N GLY A 165 -11.35 11.39 -17.03
CA GLY A 165 -10.27 10.52 -16.65
C GLY A 165 -8.98 11.29 -16.36
N MET A 166 -7.92 10.52 -16.12
CA MET A 166 -6.60 11.09 -15.93
C MET A 166 -6.06 11.61 -17.25
N ALA A 167 -5.09 12.53 -17.16
CA ALA A 167 -4.51 13.13 -18.35
C ALA A 167 -3.88 12.09 -19.26
N HIS A 168 -3.18 11.11 -18.67
CA HIS A 168 -2.51 10.10 -19.48
C HIS A 168 -3.48 9.13 -20.13
N ASN A 169 -4.77 9.17 -19.79
CA ASN A 169 -5.77 8.35 -20.44
C ASN A 169 -6.24 8.93 -21.76
N TYR A 170 -5.79 10.13 -22.13
CA TYR A 170 -6.23 10.78 -23.35
C TYR A 170 -5.09 10.87 -24.35
N ARG A 171 -5.43 10.69 -25.63
CA ARG A 171 -4.42 10.74 -26.70
C ARG A 171 -3.76 12.11 -26.76
N ASN A 172 -4.55 13.18 -26.61
CA ASN A 172 -4.04 14.53 -26.67
C ASN A 172 -4.96 15.44 -25.87
N SER A 173 -4.62 16.73 -25.82
CA SER A 173 -5.43 17.69 -25.08
C SER A 173 -6.80 17.86 -25.72
N SER A 174 -6.92 17.66 -27.03
CA SER A 174 -8.19 17.81 -27.70
C SER A 174 -9.20 16.77 -27.23
N GLN A 175 -8.77 15.50 -27.14
CA GLN A 175 -9.66 14.45 -26.65
C GLN A 175 -10.05 14.69 -25.19
N ALA A 176 -9.14 15.25 -24.40
CA ALA A 176 -9.48 15.61 -23.02
C ALA A 176 -10.47 16.76 -23.01
N VAL A 177 -10.31 17.73 -23.92
CA VAL A 177 -11.24 18.86 -24.00
C VAL A 177 -12.65 18.38 -24.30
N GLN A 178 -12.78 17.39 -25.19
CA GLN A 178 -14.09 16.85 -25.52
C GLN A 178 -14.75 16.22 -24.29
N ALA A 179 -13.97 15.50 -23.48
CA ALA A 179 -14.52 14.90 -22.27
C ALA A 179 -14.90 15.97 -21.25
N VAL A 180 -14.09 17.02 -21.13
CA VAL A 180 -14.41 18.10 -20.20
C VAL A 180 -15.67 18.84 -20.65
N ARG A 181 -15.82 19.05 -21.96
CA ARG A 181 -17.06 19.65 -22.46
C ARG A 181 -18.27 18.79 -22.18
N ASP A 182 -18.15 17.47 -22.37
CA ASP A 182 -19.28 16.59 -22.13
C ASP A 182 -19.69 16.61 -20.67
N ALA A 183 -18.73 16.65 -19.75
CA ALA A 183 -19.04 16.80 -18.34
C ALA A 183 -19.65 18.17 -18.06
N GLY A 184 -19.18 19.20 -18.77
CA GLY A 184 -19.78 20.51 -18.64
C GLY A 184 -21.23 20.54 -19.08
N TYR A 185 -21.56 19.79 -20.14
CA TYR A 185 -22.94 19.68 -20.58
C TYR A 185 -23.83 19.14 -19.47
N GLU A 186 -23.36 18.10 -18.77
CA GLU A 186 -24.13 17.53 -17.68
C GLU A 186 -24.33 18.53 -16.54
N ILE A 187 -23.31 19.35 -16.27
CA ILE A 187 -23.44 20.39 -15.25
C ILE A 187 -24.49 21.41 -15.66
N SER A 188 -24.46 21.84 -16.92
CA SER A 188 -25.46 22.79 -17.40
C SER A 188 -26.87 22.18 -17.45
N LEU A 189 -26.96 20.85 -17.55
CA LEU A 189 -28.26 20.18 -17.49
C LEU A 189 -28.80 20.08 -16.08
N GLY A 190 -27.99 20.42 -15.07
CA GLY A 190 -28.43 20.33 -13.69
C GLY A 190 -28.20 18.98 -13.05
N LEU A 191 -27.31 18.16 -13.60
CA LEU A 191 -27.06 16.84 -13.04
C LEU A 191 -26.11 16.86 -11.84
N MET A 192 -25.61 18.03 -11.47
CA MET A 192 -24.79 18.14 -10.28
C MET A 192 -25.68 18.02 -9.04
N PRO A 193 -25.16 17.41 -7.96
CA PRO A 193 -25.94 17.31 -6.73
C PRO A 193 -26.14 18.66 -6.08
N LYS A 194 -27.38 18.92 -5.65
CA LYS A 194 -27.72 20.23 -5.10
C LYS A 194 -27.07 20.46 -3.74
N SER A 195 -26.86 19.39 -2.97
CA SER A 195 -26.46 19.55 -1.58
C SER A 195 -25.03 20.07 -1.43
N ILE A 196 -24.16 19.81 -2.40
CA ILE A 196 -22.78 20.27 -2.29
C ILE A 196 -22.64 21.76 -2.59
N GLY A 197 -23.58 22.35 -3.31
CA GLY A 197 -23.56 23.77 -3.58
C GLY A 197 -22.68 24.11 -4.76
N PRO A 198 -22.55 25.38 -5.07
CA PRO A 198 -21.72 25.78 -6.21
C PRO A 198 -20.25 25.54 -5.93
N LEU A 199 -19.50 25.30 -6.99
CA LEU A 199 -18.07 24.99 -6.90
C LEU A 199 -17.27 26.19 -7.37
N THR A 200 -16.25 26.56 -6.60
CA THR A 200 -15.41 27.71 -6.88
C THR A 200 -13.97 27.27 -7.11
N PHE A 201 -13.38 27.75 -8.20
CA PHE A 201 -12.02 27.40 -8.59
C PHE A 201 -11.15 28.65 -8.58
N VAL A 202 -10.02 28.59 -7.89
CA VAL A 202 -9.10 29.72 -7.79
C VAL A 202 -7.81 29.36 -8.50
N PHE A 203 -7.39 30.21 -9.43
CA PHE A 203 -6.16 30.04 -10.18
C PHE A 203 -5.15 31.10 -9.74
N THR A 204 -3.94 30.67 -9.43
CA THR A 204 -2.89 31.57 -8.98
C THR A 204 -1.70 31.51 -9.94
N GLY A 205 -0.94 32.60 -9.98
CA GLY A 205 0.24 32.68 -10.82
C GLY A 205 -0.04 33.32 -12.17
N THR A 206 1.02 33.82 -12.78
CA THR A 206 0.96 34.44 -14.09
C THR A 206 1.72 33.65 -15.15
N GLY A 207 2.25 32.49 -14.80
CA GLY A 207 3.04 31.69 -15.71
C GLY A 207 2.19 30.99 -16.76
N ASN A 208 2.88 30.27 -17.65
CA ASN A 208 2.20 29.56 -18.73
C ASN A 208 1.33 28.42 -18.21
N VAL A 209 1.74 27.80 -17.10
CA VAL A 209 1.00 26.64 -16.60
C VAL A 209 -0.37 27.05 -16.08
N SER A 210 -0.47 28.24 -15.47
CA SER A 210 -1.76 28.70 -14.99
C SER A 210 -2.72 28.95 -16.16
N LYS A 211 -2.19 29.47 -17.27
CA LYS A 211 -3.01 29.73 -18.44
C LYS A 211 -3.51 28.41 -19.05
N GLY A 212 -2.69 27.37 -19.00
CA GLY A 212 -3.11 26.07 -19.51
C GLY A 212 -4.25 25.46 -18.72
N ALA A 213 -4.17 25.58 -17.38
CA ALA A 213 -5.26 25.07 -16.55
C ALA A 213 -6.54 25.85 -16.77
N GLN A 214 -6.43 27.17 -16.98
CA GLN A 214 -7.61 27.96 -17.28
C GLN A 214 -8.23 27.58 -18.61
N ALA A 215 -7.41 27.13 -19.56
CA ALA A 215 -7.93 26.73 -20.87
C ALA A 215 -8.86 25.54 -20.74
N ILE A 216 -8.51 24.56 -19.92
CA ILE A 216 -9.40 23.43 -19.67
C ILE A 216 -10.65 23.89 -18.93
N PHE A 217 -10.48 24.82 -17.98
CA PHE A 217 -11.62 25.32 -17.22
C PHE A 217 -12.59 26.08 -18.12
N ASN A 218 -12.07 26.79 -19.13
CA ASN A 218 -12.93 27.53 -20.04
C ASN A 218 -13.85 26.63 -20.84
N GLU A 219 -13.54 25.33 -20.92
CA GLU A 219 -14.40 24.40 -21.62
C GLU A 219 -15.63 24.00 -20.81
N LEU A 220 -15.60 24.25 -19.50
CA LEU A 220 -16.73 24.00 -18.63
C LEU A 220 -17.70 25.17 -18.67
N PRO A 221 -18.94 25.00 -18.16
CA PRO A 221 -19.85 26.15 -18.06
C PRO A 221 -19.40 27.07 -16.95
N CYS A 222 -18.38 27.88 -17.23
CA CYS A 222 -17.71 28.65 -16.21
C CYS A 222 -18.16 30.12 -16.26
N GLU A 223 -18.14 30.75 -15.10
CA GLU A 223 -18.33 32.19 -14.97
C GLU A 223 -17.19 32.74 -14.12
N TYR A 224 -16.44 33.69 -14.67
CA TYR A 224 -15.31 34.27 -13.95
C TYR A 224 -15.78 35.45 -13.11
N VAL A 225 -15.37 35.45 -11.84
CA VAL A 225 -15.71 36.48 -10.88
C VAL A 225 -14.42 36.95 -10.22
N GLU A 226 -14.48 38.11 -9.58
CA GLU A 226 -13.32 38.60 -8.85
C GLU A 226 -13.15 37.80 -7.56
N PRO A 227 -11.91 37.72 -7.04
CA PRO A 227 -11.68 36.85 -5.87
C PRO A 227 -12.55 37.17 -4.67
N HIS A 228 -12.76 38.45 -4.39
CA HIS A 228 -13.60 38.87 -3.27
C HIS A 228 -15.08 38.58 -3.50
N GLU A 229 -15.50 38.30 -4.73
CA GLU A 229 -16.88 37.93 -4.99
C GLU A 229 -17.16 36.48 -4.61
N LEU A 230 -16.12 35.72 -4.30
CA LEU A 230 -16.28 34.29 -4.04
C LEU A 230 -17.17 34.04 -2.83
N LYS A 231 -17.13 34.93 -1.84
CA LYS A 231 -17.99 34.78 -0.67
C LYS A 231 -19.46 34.80 -1.04
N GLU A 232 -19.85 35.68 -1.97
CA GLU A 232 -21.26 35.75 -2.35
C GLU A 232 -21.66 34.58 -3.24
N VAL A 233 -20.82 34.25 -4.23
CA VAL A 233 -21.17 33.18 -5.16
C VAL A 233 -21.16 31.82 -4.47
N SER A 234 -20.33 31.65 -3.44
CA SER A 234 -20.22 30.35 -2.77
C SER A 234 -21.53 29.92 -2.13
N GLN A 235 -22.44 30.86 -1.86
CA GLN A 235 -23.72 30.56 -1.25
C GLN A 235 -24.89 30.68 -2.22
N THR A 236 -24.87 31.68 -3.09
CA THR A 236 -25.98 31.98 -3.99
C THR A 236 -25.67 31.65 -5.44
N GLY A 237 -24.56 30.97 -5.72
CA GLY A 237 -24.19 30.67 -7.08
C GLY A 237 -25.13 29.65 -7.72
N ASP A 238 -25.26 29.75 -9.04
CA ASP A 238 -26.06 28.79 -9.79
C ASP A 238 -25.38 27.42 -9.79
N LEU A 239 -26.19 26.38 -9.55
CA LEU A 239 -25.69 25.02 -9.48
C LEU A 239 -25.45 24.43 -10.87
N ARG A 240 -25.91 25.10 -11.92
CA ARG A 240 -25.66 24.68 -13.30
C ARG A 240 -24.41 25.32 -13.88
N LYS A 241 -23.65 26.06 -13.07
CA LYS A 241 -22.41 26.70 -13.50
C LYS A 241 -21.30 26.35 -12.51
N VAL A 242 -20.07 26.48 -12.97
CA VAL A 242 -18.91 26.48 -12.10
C VAL A 242 -18.32 27.89 -12.13
N TYR A 243 -17.76 28.32 -11.01
CA TYR A 243 -17.25 29.67 -10.86
C TYR A 243 -15.75 29.65 -10.65
N GLY A 244 -15.05 30.51 -11.36
CA GLY A 244 -13.60 30.59 -11.25
C GLY A 244 -13.14 32.02 -11.03
N THR A 245 -11.98 32.14 -10.41
CA THR A 245 -11.35 33.44 -10.22
C THR A 245 -9.84 33.30 -10.32
N VAL A 246 -9.20 34.35 -10.83
CA VAL A 246 -7.76 34.40 -11.00
C VAL A 246 -7.19 35.33 -9.93
N LEU A 247 -6.31 34.79 -9.08
CA LEU A 247 -5.76 35.53 -7.96
C LEU A 247 -4.57 36.37 -8.43
N SER A 248 -4.63 37.67 -8.21
CA SER A 248 -3.52 38.57 -8.49
C SER A 248 -2.83 38.98 -7.19
N ARG A 249 -1.65 39.58 -7.34
CA ARG A 249 -0.87 40.00 -6.17
C ARG A 249 -1.64 41.03 -5.34
N HIS A 250 -2.22 42.04 -6.01
CA HIS A 250 -2.89 43.12 -5.31
C HIS A 250 -4.14 42.67 -4.57
N HIS A 251 -4.67 41.49 -4.89
CA HIS A 251 -5.89 41.03 -4.24
C HIS A 251 -5.66 40.55 -2.81
N HIS A 252 -4.49 39.95 -2.53
CA HIS A 252 -4.26 39.31 -1.24
C HIS A 252 -3.00 39.76 -0.52
N LEU A 253 -2.09 40.45 -1.19
CA LEU A 253 -0.82 40.85 -0.58
C LEU A 253 -0.92 42.27 -0.03
N VAL A 254 -0.64 42.42 1.26
CA VAL A 254 -0.64 43.71 1.93
C VAL A 254 0.57 43.78 2.86
N ARG A 255 1.07 44.98 3.07
CA ARG A 255 2.19 45.18 3.99
C ARG A 255 1.72 45.01 5.43
N LYS A 256 2.62 44.49 6.27
CA LYS A 256 2.30 44.29 7.67
C LYS A 256 1.98 45.59 8.39
N THR A 257 2.66 46.69 8.04
CA THR A 257 2.52 47.89 8.86
C THR A 257 1.26 48.67 8.53
N ASP A 258 0.92 48.83 7.25
CA ASP A 258 -0.21 49.67 6.86
C ASP A 258 -1.23 48.99 5.98
N ALA A 259 -1.10 47.69 5.73
CA ALA A 259 -2.00 46.92 4.88
C ALA A 259 -2.09 47.47 3.46
N VAL A 260 -1.11 48.26 3.04
CA VAL A 260 -1.09 48.86 1.70
C VAL A 260 -0.24 47.97 0.80
N TYR A 261 -0.62 47.87 -0.47
CA TYR A 261 0.14 47.14 -1.47
C TYR A 261 0.81 48.11 -2.43
N ASP A 262 2.13 47.98 -2.56
CA ASP A 262 2.92 48.74 -3.53
C ASP A 262 3.62 47.74 -4.43
N PRO A 263 3.37 47.76 -5.75
CA PRO A 263 3.97 46.73 -6.63
C PRO A 263 5.49 46.75 -6.64
N ALA A 264 6.10 47.93 -6.76
CA ALA A 264 7.56 48.00 -6.83
C ALA A 264 8.22 47.54 -5.53
N GLU A 265 7.64 47.92 -4.39
CA GLU A 265 8.23 47.56 -3.11
C GLU A 265 8.11 46.05 -2.84
N TYR A 266 6.99 45.44 -3.21
CA TYR A 266 6.81 44.03 -2.95
C TYR A 266 7.87 43.20 -3.68
N ASP A 267 8.19 43.60 -4.91
CA ASP A 267 9.23 42.89 -5.65
C ASP A 267 10.59 43.04 -4.98
N LYS A 268 10.90 44.25 -4.52
CA LYS A 268 12.19 44.47 -3.86
C LYS A 268 12.20 43.95 -2.43
N HIS A 269 11.09 44.09 -1.70
CA HIS A 269 11.01 43.72 -0.29
C HIS A 269 9.74 42.91 -0.05
N PRO A 270 9.72 41.64 -0.46
CA PRO A 270 8.54 40.81 -0.18
C PRO A 270 8.37 40.46 1.28
N GLU A 271 9.43 40.54 2.09
CA GLU A 271 9.32 40.19 3.51
C GLU A 271 8.46 41.16 4.29
N ARG A 272 8.24 42.37 3.78
CA ARG A 272 7.41 43.36 4.47
C ARG A 272 5.92 43.13 4.27
N TYR A 273 5.55 42.17 3.41
CA TYR A 273 4.16 41.96 3.06
C TYR A 273 3.67 40.62 3.62
N ILE A 274 2.35 40.50 3.74
CA ILE A 274 1.72 39.27 4.17
C ILE A 274 0.57 38.96 3.23
N SER A 275 0.07 37.73 3.32
CA SER A 275 -1.03 37.27 2.50
C SER A 275 -2.24 37.01 3.38
N ARG A 276 -3.36 37.64 3.04
CA ARG A 276 -4.64 37.39 3.69
C ARG A 276 -5.54 36.48 2.87
N PHE A 277 -4.95 35.72 1.94
CA PHE A 277 -5.72 34.76 1.15
C PHE A 277 -6.43 33.76 2.05
N ASN A 278 -5.82 33.43 3.19
CA ASN A 278 -6.38 32.42 4.08
C ASN A 278 -7.75 32.83 4.61
N THR A 279 -8.00 34.13 4.75
CA THR A 279 -9.25 34.63 5.30
C THR A 279 -10.19 35.21 4.25
N ASP A 280 -9.66 35.85 3.20
CA ASP A 280 -10.53 36.55 2.25
C ASP A 280 -11.07 35.64 1.15
N ILE A 281 -10.29 34.66 0.70
CA ILE A 281 -10.66 33.81 -0.43
C ILE A 281 -10.73 32.34 -0.04
N ALA A 282 -9.75 31.86 0.72
CA ALA A 282 -9.66 30.43 1.03
C ALA A 282 -10.92 29.81 1.62
N PRO A 283 -11.62 30.43 2.58
CA PRO A 283 -12.82 29.77 3.14
C PRO A 283 -13.93 29.56 2.12
N TYR A 284 -13.90 30.29 0.99
CA TYR A 284 -14.94 30.19 -0.03
C TYR A 284 -14.44 29.52 -1.30
N THR A 285 -13.32 28.81 -1.22
CA THR A 285 -12.68 28.18 -2.38
C THR A 285 -12.89 26.68 -2.30
N THR A 286 -13.51 26.11 -3.34
CA THR A 286 -13.65 24.66 -3.41
C THR A 286 -12.38 23.98 -3.90
N CYS A 287 -11.73 24.55 -4.92
CA CYS A 287 -10.55 23.94 -5.52
C CYS A 287 -9.52 25.02 -5.83
N LEU A 288 -8.30 24.82 -5.36
CA LEU A 288 -7.21 25.77 -5.53
C LEU A 288 -6.19 25.19 -6.51
N ILE A 289 -5.90 25.93 -7.58
CA ILE A 289 -4.89 25.56 -8.56
C ILE A 289 -3.70 26.49 -8.36
N ASN A 290 -2.63 25.98 -7.74
CA ASN A 290 -1.49 26.80 -7.36
C ASN A 290 -0.43 26.77 -8.45
N GLY A 291 -0.25 27.91 -9.12
CA GLY A 291 0.83 28.08 -10.07
C GLY A 291 1.86 29.11 -9.66
N ILE A 292 1.80 29.63 -8.44
CA ILE A 292 2.72 30.67 -7.98
C ILE A 292 4.11 30.07 -7.81
N TYR A 293 5.11 30.77 -8.34
CA TYR A 293 6.50 30.38 -8.19
C TYR A 293 7.07 31.01 -6.92
N TRP A 294 7.35 30.18 -5.92
CA TRP A 294 7.77 30.67 -4.62
C TRP A 294 9.16 31.27 -4.66
N ALA A 295 9.32 32.41 -4.00
CA ALA A 295 10.58 33.15 -3.93
C ALA A 295 11.11 33.15 -2.49
N ALA A 296 12.19 33.90 -2.28
CA ALA A 296 12.87 33.87 -1.00
C ALA A 296 11.95 34.34 0.14
N ASN A 297 11.54 35.61 0.11
CA ASN A 297 10.74 36.17 1.19
C ASN A 297 9.25 36.33 0.84
N THR A 298 8.75 35.58 -0.14
CA THR A 298 7.34 35.67 -0.48
C THR A 298 6.46 35.05 0.59
N PRO A 299 5.36 35.70 0.97
CA PRO A 299 4.48 35.14 2.00
C PRO A 299 3.79 33.88 1.54
N ARG A 300 3.42 33.03 2.50
CA ARG A 300 2.76 31.78 2.17
C ARG A 300 1.27 32.02 1.98
N LEU A 301 0.68 31.30 1.01
CA LEU A 301 -0.75 31.41 0.78
C LEU A 301 -1.54 30.80 1.93
N LEU A 302 -1.16 29.60 2.35
CA LEU A 302 -1.82 28.90 3.45
C LEU A 302 -0.77 28.28 4.36
N THR A 303 -1.09 28.24 5.65
CA THR A 303 -0.23 27.63 6.66
C THR A 303 -0.92 26.42 7.27
N ARG A 304 -0.19 25.71 8.12
CA ARG A 304 -0.77 24.54 8.78
C ARG A 304 -1.87 24.95 9.75
N GLN A 305 -1.70 26.08 10.45
CA GLN A 305 -2.75 26.58 11.32
C GLN A 305 -3.96 27.04 10.52
N ASP A 306 -3.74 27.61 9.33
CA ASP A 306 -4.86 27.96 8.47
C ASP A 306 -5.64 26.71 8.05
N ALA A 307 -4.93 25.61 7.77
CA ALA A 307 -5.61 24.37 7.44
C ALA A 307 -6.41 23.84 8.62
N GLN A 308 -5.89 24.02 9.84
CA GLN A 308 -6.63 23.59 11.03
C GLN A 308 -7.94 24.36 11.16
N SER A 309 -7.92 25.66 10.81
CA SER A 309 -9.14 26.44 10.81
C SER A 309 -10.10 25.99 9.72
N LEU A 310 -9.56 25.61 8.55
CA LEU A 310 -10.41 25.17 7.45
C LEU A 310 -11.03 23.80 7.73
N LEU A 311 -10.34 22.96 8.50
CA LEU A 311 -10.81 21.61 8.81
C LEU A 311 -11.51 21.63 10.17
N ALA A 312 -12.83 21.47 10.17
CA ALA A 312 -13.60 21.49 11.41
C ALA A 312 -14.80 20.55 11.32
N GLU A 322 -30.59 13.78 4.96
CA GLU A 322 -29.72 12.67 5.35
C GLU A 322 -29.09 12.03 4.12
N GLY A 323 -29.91 11.86 3.08
CA GLY A 323 -29.43 11.26 1.85
C GLY A 323 -28.55 12.19 1.03
N CYS A 324 -28.74 13.50 1.19
CA CYS A 324 -28.01 14.51 0.43
C CYS A 324 -27.17 15.31 1.41
N PRO A 325 -25.99 14.83 1.75
CA PRO A 325 -25.15 15.54 2.72
C PRO A 325 -24.44 16.72 2.09
N ALA A 326 -24.16 17.72 2.92
CA ALA A 326 -23.35 18.84 2.48
C ALA A 326 -21.87 18.49 2.61
N LEU A 327 -21.04 19.29 1.94
CA LEU A 327 -19.61 19.08 2.06
C LEU A 327 -19.18 19.29 3.52
N PRO A 328 -18.20 18.53 4.01
CA PRO A 328 -17.72 18.79 5.38
C PRO A 328 -17.06 20.15 5.51
N HIS A 329 -16.29 20.57 4.52
CA HIS A 329 -15.75 21.92 4.44
C HIS A 329 -15.74 22.32 2.97
N LYS A 330 -15.70 23.63 2.73
CA LYS A 330 -15.79 24.12 1.36
C LYS A 330 -14.61 23.64 0.52
N LEU A 331 -13.40 23.67 1.06
CA LEU A 331 -12.21 23.28 0.31
C LEU A 331 -12.17 21.77 0.11
N VAL A 332 -12.07 21.34 -1.13
CA VAL A 332 -12.05 19.92 -1.48
C VAL A 332 -10.67 19.46 -1.93
N ALA A 333 -10.00 20.23 -2.79
CA ALA A 333 -8.75 19.79 -3.38
C ALA A 333 -7.83 20.97 -3.64
N ILE A 334 -6.53 20.69 -3.66
CA ILE A 334 -5.50 21.66 -4.02
C ILE A 334 -4.55 20.96 -5.00
N CYS A 335 -4.30 21.60 -6.14
CA CYS A 335 -3.42 21.06 -7.16
C CYS A 335 -2.30 22.06 -7.44
N ASP A 336 -1.06 21.62 -7.26
CA ASP A 336 0.11 22.44 -7.56
C ASP A 336 0.62 22.07 -8.94
N ILE A 337 0.64 23.05 -9.85
CA ILE A 337 1.09 22.83 -11.22
C ILE A 337 2.46 23.44 -11.49
N SER A 338 3.03 24.19 -10.55
CA SER A 338 4.35 24.77 -10.73
C SER A 338 5.44 23.85 -10.17
N GLY A 343 6.46 25.67 -2.02
CA GLY A 343 6.69 26.27 -0.72
C GLY A 343 5.59 27.22 -0.30
N SER A 344 4.66 27.50 -1.22
CA SER A 344 3.54 28.38 -0.90
C SER A 344 2.63 27.78 0.15
N ILE A 345 2.47 26.47 0.17
CA ILE A 345 1.61 25.76 1.11
C ILE A 345 2.46 24.80 1.91
N GLU A 346 2.67 25.11 3.19
CA GLU A 346 3.60 24.33 4.01
C GLU A 346 3.05 22.94 4.31
N PHE A 347 1.73 22.81 4.50
CA PHE A 347 1.21 21.49 4.87
C PHE A 347 1.20 20.51 3.69
N MET A 348 1.61 20.95 2.50
CA MET A 348 1.82 20.04 1.38
C MET A 348 3.28 19.59 1.38
N THR A 349 3.60 18.73 2.35
CA THR A 349 4.97 18.35 2.61
C THR A 349 5.47 17.23 1.70
N GLU A 350 4.57 16.45 1.13
CA GLU A 350 4.94 15.32 0.28
C GLU A 350 4.32 15.49 -1.10
N CYS A 351 4.99 14.93 -2.10
CA CYS A 351 4.54 15.01 -3.48
C CYS A 351 3.95 13.68 -3.91
N THR A 352 3.07 13.73 -4.90
CA THR A 352 2.44 12.55 -5.46
C THR A 352 3.09 12.17 -6.79
N THR A 353 2.67 11.02 -7.32
CA THR A 353 3.19 10.49 -8.57
C THR A 353 2.04 10.27 -9.54
N ILE A 354 2.38 10.04 -10.81
CA ILE A 354 1.37 9.75 -11.82
C ILE A 354 0.60 8.49 -11.46
N GLU A 355 1.30 7.48 -10.92
CA GLU A 355 0.64 6.24 -10.54
C GLU A 355 -0.31 6.44 -9.37
N HIS A 356 0.07 7.26 -8.40
CA HIS A 356 -0.71 7.54 -7.20
C HIS A 356 -0.92 9.05 -7.12
N PRO A 357 -1.90 9.58 -7.85
CA PRO A 357 -1.95 11.04 -8.06
C PRO A 357 -2.41 11.85 -6.86
N PHE A 358 -3.18 11.28 -5.94
CA PHE A 358 -3.82 12.09 -4.91
C PHE A 358 -3.47 11.58 -3.52
N CYS A 359 -3.39 12.51 -2.57
CA CYS A 359 -3.22 12.20 -1.16
C CYS A 359 -4.08 13.13 -0.32
N MET A 360 -4.32 12.73 0.92
CA MET A 360 -5.19 13.45 1.84
C MET A 360 -4.39 13.97 3.02
N TYR A 361 -4.58 15.24 3.36
CA TYR A 361 -3.99 15.87 4.54
C TYR A 361 -5.10 16.11 5.55
N ASP A 362 -5.08 15.34 6.65
CA ASP A 362 -6.16 15.37 7.62
C ASP A 362 -5.88 16.42 8.68
N ALA A 363 -6.82 16.58 9.62
CA ALA A 363 -6.65 17.52 10.71
C ALA A 363 -5.59 17.07 11.70
N ASP A 364 -5.24 15.79 11.70
CA ASP A 364 -4.19 15.25 12.56
C ASP A 364 -2.80 15.52 12.00
N GLN A 365 -2.73 16.28 10.91
CA GLN A 365 -1.48 16.69 10.26
C GLN A 365 -0.66 15.50 9.78
N HIS A 366 -1.35 14.39 9.47
CA HIS A 366 -0.72 13.24 8.83
C HIS A 366 -1.35 13.05 7.45
N ILE A 367 -0.53 12.64 6.49
CA ILE A 367 -0.94 12.49 5.10
C ILE A 367 -1.09 11.02 4.77
N ILE A 368 -2.28 10.65 4.26
CA ILE A 368 -2.56 9.30 3.78
C ILE A 368 -2.47 9.30 2.26
N HIS A 369 -1.45 8.63 1.73
CA HIS A 369 -1.19 8.62 0.30
C HIS A 369 -2.10 7.65 -0.45
N ASP A 370 -2.37 7.97 -1.71
CA ASP A 370 -3.18 7.14 -2.60
C ASP A 370 -4.57 6.89 -2.03
N SER A 371 -5.20 7.95 -1.57
CA SER A 371 -6.53 7.86 -0.98
C SER A 371 -7.32 9.11 -1.35
N VAL A 372 -8.63 8.93 -1.52
CA VAL A 372 -9.57 10.04 -1.67
C VAL A 372 -10.60 10.04 -0.55
N GLU A 373 -10.40 9.20 0.46
CA GLU A 373 -11.34 9.04 1.56
C GLU A 373 -10.88 9.85 2.77
N GLY A 374 -11.80 10.02 3.72
CA GLY A 374 -11.52 10.72 4.96
C GLY A 374 -11.95 12.17 4.92
N SER A 375 -11.64 12.88 6.01
CA SER A 375 -12.04 14.26 6.20
C SER A 375 -10.92 15.26 5.92
N GLY A 376 -9.79 14.81 5.37
CA GLY A 376 -8.67 15.69 5.13
C GLY A 376 -8.84 16.54 3.89
N ILE A 377 -7.74 17.16 3.47
CA ILE A 377 -7.70 17.96 2.26
C ILE A 377 -6.98 17.15 1.18
N LEU A 378 -7.62 17.00 0.03
CA LEU A 378 -7.02 16.27 -1.08
C LEU A 378 -5.96 17.14 -1.74
N MET A 379 -4.78 16.56 -1.97
CA MET A 379 -3.64 17.29 -2.52
C MET A 379 -3.01 16.52 -3.67
N CYS A 380 -2.61 17.24 -4.71
CA CYS A 380 -1.99 16.66 -5.89
C CYS A 380 -0.80 17.52 -6.30
N SER A 381 0.37 16.90 -6.42
CA SER A 381 1.61 17.62 -6.77
C SER A 381 2.51 16.66 -7.54
N ILE A 382 2.44 16.74 -8.87
CA ILE A 382 3.18 15.84 -9.76
C ILE A 382 4.41 16.56 -10.29
N ASP A 383 5.56 15.89 -10.21
CA ASP A 383 6.82 16.51 -10.65
C ASP A 383 6.97 16.53 -12.16
N ASN A 384 6.30 15.61 -12.87
CA ASN A 384 6.42 15.51 -14.33
C ASN A 384 5.04 15.47 -14.96
N LEU A 385 4.25 16.51 -14.71
CA LEU A 385 2.94 16.63 -15.35
C LEU A 385 2.97 16.57 -16.87
N PRO A 386 3.88 17.26 -17.58
CA PRO A 386 3.86 17.19 -19.05
C PRO A 386 4.04 15.79 -19.62
N ALA A 387 4.59 14.85 -18.83
CA ALA A 387 4.73 13.48 -19.32
C ALA A 387 3.39 12.82 -19.59
N GLN A 388 2.30 13.33 -19.00
CA GLN A 388 0.98 12.78 -19.26
C GLN A 388 0.46 13.18 -20.64
N LEU A 389 0.95 14.29 -21.20
CA LEU A 389 0.63 14.71 -22.56
C LEU A 389 1.94 14.82 -23.33
N PRO A 390 2.61 13.70 -23.59
CA PRO A 390 4.01 13.76 -24.03
C PRO A 390 4.19 14.25 -25.45
N ILE A 391 3.23 14.03 -26.35
CA ILE A 391 3.37 14.48 -27.73
C ILE A 391 3.38 16.01 -27.78
N GLU A 392 2.39 16.63 -27.15
CA GLU A 392 2.32 18.10 -27.14
C GLU A 392 3.46 18.72 -26.33
N ALA A 393 3.90 18.05 -25.27
CA ALA A 393 5.04 18.55 -24.51
C ALA A 393 6.33 18.45 -25.31
N THR A 394 6.46 17.42 -26.15
CA THR A 394 7.66 17.27 -26.97
C THR A 394 7.73 18.36 -28.03
N GLU A 395 6.60 18.69 -28.65
CA GLU A 395 6.58 19.74 -29.66
C GLU A 395 6.92 21.10 -29.06
N CYS A 396 6.40 21.39 -27.86
CA CYS A 396 6.68 22.65 -27.21
C CYS A 396 8.14 22.74 -26.81
N PHE A 397 8.66 21.68 -26.17
CA PHE A 397 10.05 21.67 -25.76
C PHE A 397 11.00 21.77 -26.96
N GLY A 398 10.69 21.05 -28.03
CA GLY A 398 11.54 21.09 -29.22
C GLY A 398 11.55 22.43 -29.90
N ASP A 399 10.41 23.13 -29.90
CA ASP A 399 10.34 24.47 -30.50
C ASP A 399 11.30 25.43 -29.80
N MET A 400 11.38 25.35 -28.47
CA MET A 400 12.27 26.23 -27.74
C MET A 400 13.73 25.83 -27.93
N LEU A 401 14.00 24.52 -28.03
CA LEU A 401 15.37 24.04 -28.12
C LEU A 401 15.94 24.16 -29.53
N TYR A 402 15.08 24.15 -30.55
CA TYR A 402 15.52 24.10 -31.94
C TYR A 402 16.55 25.17 -32.31
N PRO A 403 16.39 26.45 -31.95
CA PRO A 403 17.41 27.45 -32.36
C PRO A 403 18.78 27.19 -31.76
N TYR A 404 18.86 26.56 -30.60
CA TYR A 404 20.13 26.28 -29.94
C TYR A 404 20.72 24.93 -30.35
N VAL A 405 20.01 24.15 -31.17
CA VAL A 405 20.48 22.81 -31.52
C VAL A 405 21.72 22.89 -32.42
N GLU A 406 21.71 23.80 -33.40
CA GLU A 406 22.76 23.83 -34.41
C GLU A 406 24.13 24.11 -33.80
N GLU A 407 24.20 25.04 -32.84
CA GLU A 407 25.47 25.33 -32.18
C GLU A 407 25.93 24.18 -31.30
N MET A 408 25.01 23.35 -30.81
CA MET A 408 25.42 22.16 -30.05
C MET A 408 26.00 21.10 -30.97
N ILE A 409 25.43 20.94 -32.17
CA ILE A 409 25.94 19.96 -33.12
C ILE A 409 27.36 20.32 -33.54
N LEU A 410 27.63 21.61 -33.73
CA LEU A 410 28.96 22.06 -34.14
C LEU A 410 29.98 21.99 -33.03
N SER A 411 29.56 21.76 -31.79
CA SER A 411 30.50 21.70 -30.68
C SER A 411 31.31 20.40 -30.75
N ASP A 412 32.52 20.47 -30.20
CA ASP A 412 33.43 19.33 -30.15
C ASP A 412 33.84 19.11 -28.71
N ALA A 413 33.54 17.93 -28.17
CA ALA A 413 33.81 17.65 -26.77
C ALA A 413 35.30 17.63 -26.45
N THR A 414 36.14 17.32 -27.43
CA THR A 414 37.58 17.25 -27.16
C THR A 414 38.22 18.63 -27.12
N GLN A 415 37.69 19.57 -27.89
CA GLN A 415 38.25 20.91 -27.92
C GLN A 415 37.85 21.65 -26.64
N PRO A 416 38.65 22.63 -26.21
CA PRO A 416 38.32 23.35 -24.98
C PRO A 416 37.01 24.12 -25.12
N LEU A 417 36.35 24.34 -23.98
CA LEU A 417 35.09 25.10 -23.97
C LEU A 417 35.31 26.52 -24.45
N GLU A 418 36.49 27.09 -24.16
CA GLU A 418 36.74 28.48 -24.49
C GLU A 418 36.88 28.69 -25.99
N SER A 419 37.31 27.66 -26.73
CA SER A 419 37.44 27.75 -28.18
C SER A 419 36.12 27.50 -28.90
N GLN A 420 35.11 26.98 -28.21
CA GLN A 420 33.82 26.72 -28.83
C GLN A 420 33.04 28.01 -29.00
N ASN A 421 32.31 28.11 -30.12
CA ASN A 421 31.47 29.28 -30.40
C ASN A 421 30.07 29.03 -29.85
N PHE A 422 29.93 29.31 -28.56
CA PHE A 422 28.66 29.14 -27.85
C PHE A 422 28.03 30.50 -27.59
N SER A 423 26.70 30.52 -27.60
CA SER A 423 25.97 31.69 -27.13
C SER A 423 25.99 31.72 -25.61
N PRO A 424 25.77 32.89 -25.01
CA PRO A 424 25.76 32.95 -23.53
C PRO A 424 24.73 32.03 -22.90
N VAL A 425 23.63 31.77 -23.60
CA VAL A 425 22.60 30.87 -23.06
C VAL A 425 23.13 29.45 -22.97
N VAL A 426 23.78 28.98 -24.03
CA VAL A 426 24.32 27.62 -24.03
C VAL A 426 25.57 27.52 -23.18
N ARG A 427 26.40 28.57 -23.23
CA ARG A 427 27.73 28.51 -22.63
C ARG A 427 27.65 28.40 -21.10
N ASP A 428 26.83 29.23 -20.45
CA ASP A 428 26.71 29.13 -19.00
C ASP A 428 26.05 27.85 -18.53
N ALA A 429 25.40 27.10 -19.43
CA ALA A 429 24.70 25.88 -19.04
C ALA A 429 25.59 24.66 -19.07
N VAL A 430 26.84 24.78 -19.52
CA VAL A 430 27.75 23.65 -19.56
C VAL A 430 28.21 23.39 -18.13
N ILE A 431 27.84 22.22 -17.58
CA ILE A 431 28.14 21.90 -16.19
C ILE A 431 29.51 21.25 -16.04
N THR A 432 29.91 20.42 -17.01
CA THR A 432 31.11 19.61 -16.85
C THR A 432 32.24 19.98 -17.79
N SER A 433 31.93 20.45 -19.00
CA SER A 433 32.94 20.92 -19.96
C SER A 433 33.88 19.75 -20.26
N ASN A 434 35.18 19.88 -20.02
CA ASN A 434 36.15 18.82 -20.30
C ASN A 434 36.87 18.43 -19.02
N GLY A 435 36.47 17.29 -18.46
CA GLY A 435 37.12 16.63 -17.34
C GLY A 435 36.99 17.25 -15.98
N THR A 436 36.85 18.58 -15.90
CA THR A 436 36.77 19.29 -14.63
C THR A 436 35.65 20.31 -14.71
N LEU A 437 34.94 20.47 -13.59
CA LEU A 437 33.84 21.41 -13.54
C LEU A 437 34.35 22.85 -13.63
N PRO A 438 33.69 23.71 -14.39
CA PRO A 438 34.10 25.11 -14.47
C PRO A 438 33.91 25.84 -13.15
N ASP A 439 34.39 27.09 -13.11
CA ASP A 439 34.34 27.89 -11.90
C ASP A 439 32.91 28.03 -11.39
N LYS A 440 31.96 28.36 -12.28
CA LYS A 440 30.58 28.55 -11.85
C LYS A 440 29.96 27.30 -11.27
N TYR A 441 30.48 26.11 -11.62
CA TYR A 441 30.00 24.85 -11.09
C TYR A 441 31.07 24.13 -10.26
N LYS A 442 32.12 24.86 -9.87
CA LYS A 442 33.17 24.30 -9.01
C LYS A 442 32.65 23.94 -7.63
N TYR A 443 31.70 24.71 -7.11
CA TYR A 443 31.18 24.49 -5.77
C TYR A 443 30.55 23.11 -5.59
N ILE A 444 30.12 22.45 -6.66
CA ILE A 444 29.36 21.21 -6.55
C ILE A 444 30.15 20.15 -5.78
N GLN A 445 31.43 19.98 -6.11
CA GLN A 445 32.22 18.93 -5.47
C GLN A 445 32.38 19.19 -3.98
N THR A 446 32.63 20.45 -3.60
CA THR A 446 32.74 20.83 -2.20
C THR A 446 31.42 20.71 -1.44
N LEU A 447 30.28 20.77 -2.13
CA LEU A 447 28.99 20.73 -1.46
C LEU A 447 28.62 19.33 -0.98
N ARG A 448 29.19 18.29 -1.57
CA ARG A 448 28.88 16.92 -1.18
C ARG A 448 29.34 16.65 0.27
N ALA B 6 -0.25 -50.03 7.05
CA ALA B 6 -0.41 -49.11 8.18
C ALA B 6 0.79 -48.20 8.32
N VAL B 7 0.94 -47.27 7.39
CA VAL B 7 2.06 -46.33 7.37
C VAL B 7 1.50 -44.91 7.43
N LEU B 8 2.07 -44.09 8.30
CA LEU B 8 1.62 -42.72 8.51
C LEU B 8 2.68 -41.75 8.00
N ALA B 9 2.23 -40.66 7.37
CA ALA B 9 3.11 -39.62 6.89
C ALA B 9 2.60 -38.25 7.32
N VAL B 10 3.52 -37.38 7.70
CA VAL B 10 3.21 -35.99 8.02
C VAL B 10 3.70 -35.14 6.86
N ARG B 11 2.76 -34.63 6.07
CA ARG B 11 3.12 -33.88 4.88
C ARG B 11 3.64 -32.50 5.25
N ARG B 12 4.36 -31.89 4.32
CA ARG B 12 4.87 -30.54 4.49
C ARG B 12 3.82 -29.51 4.11
N GLU B 13 3.70 -28.49 4.95
CA GLU B 13 2.72 -27.43 4.74
C GLU B 13 3.22 -26.45 3.68
N ASP B 14 2.35 -26.15 2.72
CA ASP B 14 2.70 -25.23 1.64
C ASP B 14 1.55 -24.29 1.28
N VAL B 15 0.60 -24.08 2.19
CA VAL B 15 -0.50 -23.15 1.93
C VAL B 15 0.02 -21.72 1.80
N ASN B 16 0.65 -21.20 2.86
CA ASN B 16 1.24 -19.87 2.84
C ASN B 16 2.57 -19.92 3.59
N ALA B 17 3.28 -18.79 3.60
CA ALA B 17 4.60 -18.74 4.21
C ALA B 17 4.53 -18.83 5.73
N TRP B 18 3.41 -18.42 6.33
CA TRP B 18 3.31 -18.34 7.79
C TRP B 18 2.81 -19.64 8.42
N GLU B 19 2.54 -20.68 7.64
CA GLU B 19 2.06 -21.94 8.20
C GLU B 19 3.26 -22.77 8.64
N ARG B 20 3.69 -22.55 9.88
CA ARG B 20 4.82 -23.26 10.46
C ARG B 20 4.40 -24.36 11.43
N ARG B 21 3.10 -24.61 11.57
CA ARG B 21 2.62 -25.63 12.48
C ARG B 21 2.67 -27.01 11.83
N ALA B 22 2.47 -28.04 12.66
CA ALA B 22 2.39 -29.42 12.23
C ALA B 22 1.22 -30.07 12.96
N PRO B 23 0.62 -31.11 12.37
CA PRO B 23 -0.51 -31.77 13.04
C PRO B 23 -0.09 -32.60 14.25
N LEU B 24 1.17 -33.03 14.32
CA LEU B 24 1.67 -33.83 15.42
C LEU B 24 3.06 -33.38 15.80
N ALA B 25 3.36 -33.45 17.09
CA ALA B 25 4.67 -33.08 17.61
C ALA B 25 5.57 -34.31 17.66
N PRO B 26 6.89 -34.12 17.84
CA PRO B 26 7.77 -35.29 17.94
C PRO B 26 7.38 -36.27 19.04
N LYS B 27 6.93 -35.76 20.19
CA LYS B 27 6.54 -36.65 21.28
C LYS B 27 5.35 -37.53 20.89
N HIS B 28 4.48 -37.03 20.01
CA HIS B 28 3.38 -37.86 19.51
C HIS B 28 3.89 -38.88 18.50
N ILE B 29 4.86 -38.49 17.67
CA ILE B 29 5.45 -39.42 16.73
C ILE B 29 6.15 -40.55 17.46
N LYS B 30 6.78 -40.24 18.60
CA LYS B 30 7.44 -41.28 19.39
C LYS B 30 6.43 -42.29 19.93
N GLY B 31 5.26 -41.82 20.34
CA GLY B 31 4.23 -42.73 20.83
C GLY B 31 3.68 -43.63 19.74
N ILE B 32 3.53 -43.09 18.53
CA ILE B 32 3.03 -43.89 17.42
C ILE B 32 4.03 -44.97 17.04
N THR B 33 5.32 -44.65 17.07
CA THR B 33 6.34 -45.65 16.77
C THR B 33 6.40 -46.70 17.87
N ASN B 34 6.08 -46.34 19.11
CA ASN B 34 6.01 -47.33 20.18
C ASN B 34 4.91 -48.34 19.95
N LEU B 35 3.82 -47.93 19.31
CA LEU B 35 2.74 -48.86 19.00
C LEU B 35 3.11 -49.81 17.87
N GLY B 36 4.17 -49.52 17.13
CA GLY B 36 4.60 -50.38 16.03
C GLY B 36 4.28 -49.87 14.64
N TYR B 37 3.88 -48.62 14.50
CA TYR B 37 3.52 -48.04 13.21
C TYR B 37 4.69 -47.26 12.63
N LYS B 38 4.85 -47.35 11.31
CA LYS B 38 5.89 -46.59 10.62
C LYS B 38 5.39 -45.18 10.34
N VAL B 39 6.22 -44.19 10.65
CA VAL B 39 5.86 -42.79 10.49
C VAL B 39 6.87 -42.15 9.54
N LEU B 40 6.38 -41.60 8.44
CA LEU B 40 7.21 -40.87 7.48
C LEU B 40 7.05 -39.37 7.72
N ILE B 41 8.16 -38.65 7.68
CA ILE B 41 8.17 -37.21 7.89
C ILE B 41 8.70 -36.57 6.61
N GLN B 42 7.83 -35.82 5.93
CA GLN B 42 8.27 -35.10 4.74
C GLN B 42 9.12 -33.91 5.15
N PRO B 43 10.33 -33.76 4.61
CA PRO B 43 11.20 -32.66 5.04
C PRO B 43 10.59 -31.31 4.71
N SER B 44 10.76 -30.36 5.62
CA SER B 44 10.12 -29.05 5.48
C SER B 44 10.98 -28.02 6.22
N ASN B 45 11.58 -27.09 5.47
CA ASN B 45 12.26 -25.97 6.09
C ASN B 45 11.27 -24.96 6.66
N ARG B 46 10.00 -25.04 6.26
CA ARG B 46 8.99 -24.09 6.73
C ARG B 46 8.49 -24.43 8.13
N ARG B 47 8.54 -25.69 8.53
CA ARG B 47 8.07 -26.08 9.85
C ARG B 47 8.96 -25.50 10.94
N ALA B 48 8.34 -25.06 12.03
CA ALA B 48 9.09 -24.46 13.13
C ALA B 48 9.88 -25.50 13.92
N ILE B 49 9.39 -26.73 13.98
CA ILE B 49 10.11 -27.82 14.63
C ILE B 49 11.02 -28.48 13.59
N HIS B 50 12.31 -28.57 13.91
CA HIS B 50 13.30 -29.00 12.94
C HIS B 50 13.12 -30.49 12.59
N ASP B 51 13.58 -30.84 11.39
CA ASP B 51 13.49 -32.23 10.93
C ASP B 51 14.24 -33.19 11.85
N LYS B 52 15.34 -32.73 12.46
CA LYS B 52 16.14 -33.61 13.31
C LYS B 52 15.38 -34.06 14.55
N ASP B 53 14.42 -33.26 15.03
CA ASP B 53 13.68 -33.64 16.22
C ASP B 53 12.69 -34.76 15.94
N TYR B 54 12.14 -34.81 14.72
CA TYR B 54 11.27 -35.92 14.36
C TYR B 54 12.06 -37.19 14.10
N VAL B 55 13.28 -37.06 13.58
CA VAL B 55 14.14 -38.23 13.39
C VAL B 55 14.50 -38.84 14.75
N LYS B 56 14.78 -38.00 15.74
CA LYS B 56 15.08 -38.51 17.08
C LYS B 56 13.90 -39.26 17.67
N ALA B 57 12.68 -38.85 17.36
CA ALA B 57 11.49 -39.50 17.88
C ALA B 57 11.19 -40.82 17.18
N GLY B 58 11.85 -41.12 16.07
CA GLY B 58 11.62 -42.35 15.33
C GLY B 58 11.08 -42.16 13.92
N GLY B 59 10.84 -40.93 13.46
CA GLY B 59 10.36 -40.72 12.12
C GLY B 59 11.45 -40.82 11.09
N ILE B 60 11.04 -41.07 9.84
CA ILE B 60 11.94 -41.25 8.71
C ILE B 60 11.73 -40.08 7.76
N LEU B 61 12.82 -39.36 7.46
CA LEU B 61 12.75 -38.20 6.58
C LEU B 61 12.72 -38.65 5.13
N GLN B 62 11.61 -38.40 4.45
CA GLN B 62 11.43 -38.89 3.07
C GLN B 62 10.49 -37.97 2.33
N GLU B 63 10.88 -37.58 1.11
CA GLU B 63 10.03 -36.76 0.25
C GLU B 63 8.86 -37.56 -0.30
N ASP B 64 9.11 -38.78 -0.74
CA ASP B 64 8.06 -39.61 -1.34
C ASP B 64 7.26 -40.27 -0.22
N ILE B 65 6.00 -39.87 -0.07
CA ILE B 65 5.14 -40.42 0.98
C ILE B 65 4.03 -41.25 0.32
N SER B 66 4.33 -41.81 -0.85
CA SER B 66 3.38 -42.70 -1.52
C SER B 66 3.15 -43.98 -0.75
N GLU B 67 4.11 -44.39 0.09
CA GLU B 67 3.95 -45.62 0.87
C GLU B 67 2.85 -45.49 1.90
N ALA B 68 2.63 -44.29 2.43
CA ALA B 68 1.66 -44.10 3.50
C ALA B 68 0.24 -44.13 2.96
N CYS B 69 -0.66 -44.70 3.76
CA CYS B 69 -2.09 -44.67 3.45
C CYS B 69 -2.80 -43.52 4.12
N LEU B 70 -2.19 -42.91 5.14
CA LEU B 70 -2.76 -41.79 5.86
C LEU B 70 -1.78 -40.62 5.81
N ILE B 71 -2.26 -39.47 5.33
CA ILE B 71 -1.44 -38.27 5.20
C ILE B 71 -2.05 -37.20 6.10
N LEU B 72 -1.25 -36.75 7.08
CA LEU B 72 -1.71 -35.74 8.03
C LEU B 72 -1.08 -34.39 7.68
N GLY B 73 -1.93 -33.37 7.56
CA GLY B 73 -1.48 -32.00 7.39
C GLY B 73 -2.30 -31.06 8.24
N VAL B 74 -1.93 -29.79 8.19
CA VAL B 74 -2.66 -28.74 8.90
C VAL B 74 -3.67 -28.10 7.96
N LYS B 75 -3.17 -27.45 6.92
CA LYS B 75 -4.01 -26.71 5.97
C LYS B 75 -4.11 -27.44 4.64
N ARG B 76 -4.79 -26.79 3.71
CA ARG B 76 -5.12 -27.37 2.42
C ARG B 76 -3.85 -27.74 1.65
N PRO B 77 -3.81 -28.93 1.03
CA PRO B 77 -2.71 -29.23 0.11
C PRO B 77 -3.06 -28.80 -1.30
N PRO B 78 -2.07 -28.47 -2.13
CA PRO B 78 -2.35 -28.15 -3.53
C PRO B 78 -2.95 -29.34 -4.26
N ALA B 79 -3.74 -29.03 -5.29
CA ALA B 79 -4.48 -30.08 -6.00
C ALA B 79 -3.54 -31.11 -6.63
N ALA B 80 -2.43 -30.66 -7.21
CA ALA B 80 -1.50 -31.58 -7.86
C ALA B 80 -0.84 -32.52 -6.85
N ALA B 81 -0.63 -32.06 -5.62
CA ALA B 81 0.07 -32.90 -4.64
C ALA B 81 -0.78 -34.06 -4.16
N LEU B 82 -2.10 -34.00 -4.34
CA LEU B 82 -2.98 -35.03 -3.81
C LEU B 82 -2.66 -36.38 -4.45
N MET B 83 -2.51 -37.39 -3.61
CA MET B 83 -2.26 -38.76 -4.04
C MET B 83 -3.56 -39.54 -3.95
N SER B 84 -3.89 -40.26 -5.02
CA SER B 84 -5.16 -40.96 -5.10
C SER B 84 -5.19 -42.16 -4.15
N ARG B 85 -6.41 -42.52 -3.73
CA ARG B 85 -6.64 -43.74 -2.96
C ARG B 85 -5.92 -43.70 -1.61
N LYS B 86 -5.95 -42.53 -0.97
CA LYS B 86 -5.32 -42.32 0.33
C LYS B 86 -6.31 -41.64 1.27
N THR B 87 -5.96 -41.60 2.55
CA THR B 87 -6.75 -40.89 3.56
C THR B 87 -6.00 -39.62 3.96
N TYR B 88 -6.64 -38.47 3.79
CA TYR B 88 -6.07 -37.18 4.14
C TYR B 88 -6.84 -36.57 5.29
N ALA B 89 -6.13 -35.88 6.18
CA ALA B 89 -6.75 -35.14 7.27
C ALA B 89 -6.11 -33.76 7.34
N PHE B 90 -6.94 -32.73 7.16
CA PHE B 90 -6.50 -31.34 7.25
C PHE B 90 -7.74 -30.47 7.38
N PHE B 91 -7.52 -29.17 7.52
CA PHE B 91 -8.62 -28.21 7.45
C PHE B 91 -8.92 -27.92 5.98
N SER B 92 -10.08 -28.38 5.51
CA SER B 92 -10.43 -28.22 4.11
C SER B 92 -11.16 -26.90 3.86
N HIS B 93 -11.99 -26.47 4.81
CA HIS B 93 -12.86 -25.30 4.65
C HIS B 93 -13.71 -25.44 3.39
N THR B 94 -14.34 -26.61 3.26
CA THR B 94 -15.28 -26.88 2.18
C THR B 94 -16.70 -27.15 2.67
N ILE B 95 -16.93 -27.17 3.98
CA ILE B 95 -18.27 -27.47 4.50
C ILE B 95 -19.26 -26.39 4.07
N LYS B 96 -18.81 -25.14 3.97
CA LYS B 96 -19.66 -24.05 3.51
C LYS B 96 -19.53 -23.79 2.02
N ALA B 97 -18.95 -24.73 1.28
CA ALA B 97 -18.81 -24.63 -0.18
C ALA B 97 -18.06 -23.37 -0.60
N GLN B 98 -16.94 -23.12 0.08
CA GLN B 98 -16.12 -21.97 -0.26
C GLN B 98 -15.63 -22.07 -1.70
N GLU B 99 -15.79 -20.97 -2.44
CA GLU B 99 -15.48 -20.97 -3.88
C GLU B 99 -14.04 -21.39 -4.13
N ALA B 100 -13.10 -20.89 -3.31
CA ALA B 100 -11.68 -21.17 -3.54
C ALA B 100 -11.36 -22.65 -3.39
N ASN B 101 -12.01 -23.33 -2.45
CA ASN B 101 -11.73 -24.73 -2.18
C ASN B 101 -12.66 -25.69 -2.90
N MET B 102 -13.49 -25.19 -3.82
CA MET B 102 -14.34 -26.08 -4.60
C MET B 102 -13.52 -26.87 -5.62
N GLY B 103 -12.50 -26.24 -6.19
CA GLY B 103 -11.60 -26.95 -7.08
C GLY B 103 -10.81 -28.05 -6.40
N LEU B 104 -10.51 -27.88 -5.11
CA LEU B 104 -9.87 -28.95 -4.36
C LEU B 104 -10.83 -30.11 -4.12
N LEU B 105 -12.09 -29.81 -3.85
CA LEU B 105 -13.06 -30.85 -3.52
C LEU B 105 -13.24 -31.80 -4.69
N ASP B 106 -13.26 -31.26 -5.91
CA ASP B 106 -13.41 -32.11 -7.09
C ASP B 106 -12.19 -32.99 -7.29
N GLU B 107 -11.00 -32.46 -7.01
CA GLU B 107 -9.78 -33.23 -7.15
C GLU B 107 -9.75 -34.39 -6.15
N ILE B 108 -10.24 -34.15 -4.93
CA ILE B 108 -10.31 -35.21 -3.93
C ILE B 108 -11.29 -36.30 -4.37
N LEU B 109 -12.43 -35.89 -4.93
CA LEU B 109 -13.42 -36.86 -5.41
C LEU B 109 -12.89 -37.65 -6.60
N LYS B 110 -12.18 -36.99 -7.51
CA LYS B 110 -11.65 -37.68 -8.68
C LYS B 110 -10.58 -38.70 -8.28
N GLN B 111 -9.73 -38.34 -7.33
CA GLN B 111 -8.69 -39.24 -6.86
C GLN B 111 -9.21 -40.30 -5.90
N GLU B 112 -10.49 -40.27 -5.56
CA GLU B 112 -11.10 -41.23 -4.64
C GLU B 112 -10.38 -41.23 -3.30
N ILE B 113 -10.38 -40.08 -2.66
CA ILE B 113 -9.66 -39.84 -1.42
C ILE B 113 -10.67 -39.71 -0.28
N ARG B 114 -10.34 -40.28 0.86
CA ARG B 114 -11.14 -40.11 2.07
C ARG B 114 -10.59 -38.92 2.84
N LEU B 115 -11.45 -37.93 3.09
CA LEU B 115 -11.05 -36.66 3.69
C LEU B 115 -11.72 -36.51 5.04
N ILE B 116 -10.92 -36.31 6.08
CA ILE B 116 -11.39 -36.03 7.43
C ILE B 116 -11.05 -34.58 7.75
N ASP B 117 -12.05 -33.82 8.19
CA ASP B 117 -11.88 -32.41 8.50
C ASP B 117 -11.88 -32.24 10.02
N TYR B 118 -10.81 -31.63 10.53
CA TYR B 118 -10.67 -31.45 11.98
C TYR B 118 -11.83 -30.67 12.58
N GLU B 119 -12.31 -29.63 11.89
CA GLU B 119 -13.34 -28.77 12.48
C GLU B 119 -14.64 -29.53 12.69
N LYS B 120 -14.95 -30.51 11.85
CA LYS B 120 -16.18 -31.28 12.01
C LYS B 120 -16.08 -32.32 13.14
N MET B 121 -14.87 -32.66 13.57
CA MET B 121 -14.72 -33.60 14.67
C MET B 121 -15.25 -32.98 15.96
N VAL B 122 -16.32 -33.57 16.51
CA VAL B 122 -16.96 -33.07 17.72
C VAL B 122 -17.37 -34.25 18.59
N ASP B 123 -17.62 -33.95 19.86
CA ASP B 123 -18.08 -34.96 20.81
C ASP B 123 -19.60 -35.02 20.78
N HIS B 124 -20.20 -35.80 21.69
CA HIS B 124 -21.65 -35.97 21.68
C HIS B 124 -22.38 -34.70 22.07
N ARG B 125 -21.76 -33.84 22.89
CA ARG B 125 -22.40 -32.57 23.25
C ARG B 125 -22.20 -31.50 22.19
N GLY B 126 -21.37 -31.75 21.19
CA GLY B 126 -21.14 -30.80 20.12
C GLY B 126 -19.88 -29.95 20.24
N VAL B 127 -19.08 -30.16 21.28
CA VAL B 127 -17.87 -29.38 21.48
C VAL B 127 -16.76 -29.94 20.60
N ARG B 128 -16.04 -29.05 19.93
CA ARG B 128 -14.91 -29.46 19.10
C ARG B 128 -13.83 -30.10 19.95
N VAL B 129 -13.31 -31.25 19.48
CA VAL B 129 -12.35 -32.04 20.24
C VAL B 129 -10.92 -31.86 19.75
N VAL B 130 -10.71 -31.21 18.61
CA VAL B 130 -9.38 -30.98 18.05
C VAL B 130 -9.27 -29.51 17.73
N ALA B 131 -8.41 -28.80 18.45
CA ALA B 131 -8.24 -27.36 18.28
C ALA B 131 -6.87 -26.96 18.81
N PHE B 132 -6.59 -25.66 18.75
CA PHE B 132 -5.31 -25.12 19.17
C PHE B 132 -5.35 -24.55 20.59
N GLY B 133 -6.46 -24.72 21.31
CA GLY B 133 -6.47 -24.36 22.72
C GLY B 133 -6.41 -22.87 22.96
N GLN B 134 -5.57 -22.48 23.92
CA GLN B 134 -5.49 -21.11 24.40
C GLN B 134 -4.50 -20.25 23.62
N TRP B 135 -3.79 -20.81 22.66
CA TRP B 135 -2.66 -20.12 22.07
C TRP B 135 -3.07 -18.97 21.15
N ALA B 136 -4.29 -19.01 20.60
CA ALA B 136 -4.78 -17.86 19.84
C ALA B 136 -4.91 -16.63 20.74
N GLY B 137 -5.37 -16.83 21.98
CA GLY B 137 -5.45 -15.73 22.92
C GLY B 137 -4.09 -15.25 23.39
N VAL B 138 -3.14 -16.17 23.55
CA VAL B 138 -1.79 -15.80 23.93
C VAL B 138 -1.16 -14.93 22.86
N ALA B 139 -1.27 -15.35 21.60
CA ALA B 139 -0.71 -14.56 20.51
C ALA B 139 -1.45 -13.24 20.34
N GLY B 140 -2.78 -13.27 20.47
CA GLY B 140 -3.55 -12.05 20.28
C GLY B 140 -3.22 -10.99 21.33
N MET B 141 -2.95 -11.42 22.56
CA MET B 141 -2.64 -10.45 23.61
C MET B 141 -1.29 -9.80 23.38
N ILE B 142 -0.29 -10.58 22.96
CA ILE B 142 1.02 -10.01 22.65
C ILE B 142 0.92 -9.00 21.52
N ASN B 143 0.19 -9.35 20.46
CA ASN B 143 0.05 -8.45 19.32
C ASN B 143 -0.61 -7.14 19.72
N ILE B 144 -1.69 -7.21 20.51
CA ILE B 144 -2.44 -6.00 20.83
C ILE B 144 -1.64 -5.09 21.75
N LEU B 145 -0.81 -5.65 22.63
CA LEU B 145 0.10 -4.82 23.42
C LEU B 145 1.13 -4.15 22.52
N HIS B 146 1.66 -4.90 21.54
CA HIS B 146 2.55 -4.30 20.55
C HIS B 146 1.84 -3.23 19.73
N GLY B 147 0.59 -3.48 19.35
CA GLY B 147 -0.15 -2.50 18.57
C GLY B 147 -0.47 -1.24 19.35
N MET B 148 -0.73 -1.39 20.66
CA MET B 148 -1.01 -0.22 21.47
C MET B 148 0.22 0.66 21.63
N GLY B 149 1.41 0.07 21.69
CA GLY B 149 2.63 0.87 21.73
C GLY B 149 2.80 1.72 20.49
N LEU B 150 2.59 1.12 19.32
CA LEU B 150 2.68 1.87 18.07
C LEU B 150 1.57 2.91 17.97
N ARG B 151 0.35 2.54 18.33
CA ARG B 151 -0.76 3.48 18.27
C ARG B 151 -0.55 4.66 19.21
N LEU B 152 -0.09 4.39 20.44
CA LEU B 152 0.15 5.47 21.37
C LEU B 152 1.30 6.36 20.91
N LEU B 153 2.32 5.77 20.29
CA LEU B 153 3.40 6.58 19.74
C LEU B 153 2.90 7.47 18.60
N ALA B 154 2.00 6.94 17.78
CA ALA B 154 1.40 7.74 16.72
C ALA B 154 0.60 8.91 17.28
N LEU B 155 0.00 8.74 18.46
CA LEU B 155 -0.70 9.81 19.14
C LEU B 155 0.23 10.76 19.88
N GLY B 156 1.53 10.46 19.92
CA GLY B 156 2.51 11.34 20.53
C GLY B 156 3.04 10.90 21.87
N HIS B 157 2.78 9.66 22.29
CA HIS B 157 3.13 9.19 23.63
C HIS B 157 4.03 7.96 23.52
N HIS B 158 5.27 8.10 24.00
CA HIS B 158 6.14 6.94 24.16
C HIS B 158 5.75 6.18 25.43
N THR B 159 5.57 4.87 25.29
CA THR B 159 5.12 4.02 26.38
C THR B 159 5.97 2.76 26.41
N PRO B 160 6.03 2.07 27.55
CA PRO B 160 6.74 0.78 27.59
C PRO B 160 6.19 -0.26 26.63
N PHE B 161 4.96 -0.10 26.15
CA PHE B 161 4.41 -1.02 25.16
C PHE B 161 5.18 -0.98 23.85
N MET B 162 5.97 0.06 23.61
CA MET B 162 6.87 0.10 22.46
C MET B 162 7.91 -1.00 22.51
N HIS B 163 8.17 -1.57 23.69
CA HIS B 163 9.20 -2.58 23.87
C HIS B 163 8.64 -4.00 23.87
N ILE B 164 7.45 -4.19 23.29
CA ILE B 164 6.87 -5.51 23.09
C ILE B 164 6.66 -5.68 21.59
N GLY B 165 7.27 -6.73 21.02
CA GLY B 165 7.17 -7.01 19.61
C GLY B 165 5.94 -7.83 19.27
N MET B 166 5.86 -8.23 18.01
CA MET B 166 4.80 -9.11 17.57
C MET B 166 5.01 -10.51 18.14
N ALA B 167 3.91 -11.28 18.20
CA ALA B 167 3.99 -12.63 18.77
C ALA B 167 5.01 -13.49 18.03
N HIS B 168 5.04 -13.41 16.70
CA HIS B 168 5.96 -14.22 15.91
C HIS B 168 7.41 -13.78 16.05
N ASN B 169 7.68 -12.65 16.71
CA ASN B 169 9.05 -12.20 16.95
C ASN B 169 9.71 -12.91 18.12
N TYR B 170 8.98 -13.76 18.85
CA TYR B 170 9.50 -14.44 20.03
C TYR B 170 9.62 -15.92 19.77
N ARG B 171 10.67 -16.53 20.33
CA ARG B 171 10.91 -17.96 20.14
C ARG B 171 9.76 -18.80 20.69
N ASN B 172 9.25 -18.43 21.87
CA ASN B 172 8.13 -19.14 22.47
C ASN B 172 7.42 -18.17 23.41
N SER B 173 6.35 -18.66 24.05
CA SER B 173 5.58 -17.81 24.96
C SER B 173 6.41 -17.42 26.17
N SER B 174 7.39 -18.22 26.56
CA SER B 174 8.23 -17.88 27.71
C SER B 174 9.06 -16.62 27.44
N GLN B 175 9.68 -16.55 26.26
CA GLN B 175 10.44 -15.35 25.90
C GLN B 175 9.54 -14.14 25.76
N ALA B 176 8.32 -14.33 25.27
CA ALA B 176 7.35 -13.24 25.20
C ALA B 176 6.93 -12.80 26.60
N VAL B 177 6.76 -13.75 27.53
CA VAL B 177 6.39 -13.41 28.89
C VAL B 177 7.45 -12.55 29.55
N GLN B 178 8.73 -12.86 29.30
CA GLN B 178 9.81 -12.05 29.85
C GLN B 178 9.76 -10.62 29.31
N ALA B 179 9.44 -10.46 28.02
CA ALA B 179 9.33 -9.13 27.45
C ALA B 179 8.15 -8.37 28.06
N VAL B 180 7.04 -9.06 28.31
CA VAL B 180 5.89 -8.42 28.94
C VAL B 180 6.23 -7.98 30.35
N ARG B 181 6.97 -8.80 31.09
CA ARG B 181 7.41 -8.41 32.42
C ARG B 181 8.32 -7.19 32.39
N ASP B 182 9.24 -7.14 31.43
CA ASP B 182 10.17 -6.02 31.36
C ASP B 182 9.43 -4.71 31.07
N ALA B 183 8.44 -4.76 30.18
CA ALA B 183 7.62 -3.58 29.93
C ALA B 183 6.73 -3.27 31.14
N GLY B 184 6.25 -4.32 31.81
CA GLY B 184 5.47 -4.11 33.03
C GLY B 184 6.28 -3.45 34.13
N TYR B 185 7.56 -3.81 34.24
CA TYR B 185 8.43 -3.18 35.22
C TYR B 185 8.51 -1.66 35.00
N GLU B 186 8.64 -1.24 33.74
CA GLU B 186 8.69 0.19 33.45
C GLU B 186 7.38 0.88 33.81
N ILE B 187 6.25 0.21 33.61
CA ILE B 187 4.97 0.78 33.99
C ILE B 187 4.88 0.95 35.50
N SER B 188 5.33 -0.06 36.25
CA SER B 188 5.34 0.03 37.71
C SER B 188 6.35 1.04 38.22
N LEU B 189 7.38 1.35 37.43
CA LEU B 189 8.32 2.40 37.78
C LEU B 189 7.77 3.79 37.51
N GLY B 190 6.60 3.89 36.88
CA GLY B 190 6.00 5.17 36.58
C GLY B 190 6.43 5.81 35.27
N LEU B 191 6.95 5.02 34.33
CA LEU B 191 7.42 5.57 33.06
C LEU B 191 6.29 5.81 32.06
N MET B 192 5.05 5.48 32.41
CA MET B 192 3.94 5.79 31.53
C MET B 192 3.65 7.29 31.56
N PRO B 193 3.21 7.86 30.43
CA PRO B 193 2.83 9.27 30.43
C PRO B 193 1.55 9.48 31.22
N LYS B 194 1.57 10.48 32.10
CA LYS B 194 0.43 10.70 33.00
C LYS B 194 -0.80 11.23 32.25
N SER B 195 -0.58 11.98 31.16
CA SER B 195 -1.70 12.70 30.55
C SER B 195 -2.71 11.75 29.91
N ILE B 196 -2.28 10.56 29.48
CA ILE B 196 -3.21 9.64 28.85
C ILE B 196 -4.11 8.95 29.87
N GLY B 197 -3.70 8.90 31.14
CA GLY B 197 -4.53 8.35 32.18
C GLY B 197 -4.40 6.84 32.32
N PRO B 198 -5.17 6.27 33.25
CA PRO B 198 -5.08 4.82 33.48
C PRO B 198 -5.63 4.02 32.30
N LEU B 199 -5.09 2.81 32.14
CA LEU B 199 -5.45 1.92 31.05
C LEU B 199 -6.30 0.78 31.58
N THR B 200 -7.41 0.51 30.89
CA THR B 200 -8.35 -0.53 31.29
C THR B 200 -8.49 -1.55 30.17
N PHE B 201 -8.39 -2.83 30.53
CA PHE B 201 -8.48 -3.93 29.58
C PHE B 201 -9.70 -4.77 29.92
N VAL B 202 -10.55 -5.02 28.91
CA VAL B 202 -11.78 -5.79 29.10
C VAL B 202 -11.65 -7.10 28.33
N PHE B 203 -11.88 -8.21 29.03
CA PHE B 203 -11.83 -9.54 28.45
C PHE B 203 -13.23 -10.13 28.39
N THR B 204 -13.61 -10.66 27.23
CA THR B 204 -14.91 -11.27 27.04
C THR B 204 -14.74 -12.73 26.63
N GLY B 205 -15.76 -13.54 26.93
CA GLY B 205 -15.75 -14.93 26.58
C GLY B 205 -15.26 -15.81 27.72
N THR B 206 -15.65 -17.08 27.65
CA THR B 206 -15.26 -18.08 28.65
C THR B 206 -14.39 -19.18 28.07
N GLY B 207 -14.01 -19.09 26.81
CA GLY B 207 -13.22 -20.13 26.17
C GLY B 207 -11.77 -20.11 26.60
N ASN B 208 -11.01 -21.08 26.07
CA ASN B 208 -9.60 -21.17 26.41
C ASN B 208 -8.81 -19.98 25.87
N VAL B 209 -9.25 -19.39 24.76
CA VAL B 209 -8.51 -18.27 24.19
C VAL B 209 -8.56 -17.05 25.11
N SER B 210 -9.68 -16.85 25.81
CA SER B 210 -9.76 -15.75 26.76
C SER B 210 -8.80 -15.96 27.92
N LYS B 211 -8.67 -17.20 28.40
CA LYS B 211 -7.74 -17.50 29.48
C LYS B 211 -6.30 -17.30 29.04
N GLY B 212 -5.99 -17.63 27.78
CA GLY B 212 -4.65 -17.43 27.28
C GLY B 212 -4.25 -15.96 27.23
N ALA B 213 -5.18 -15.10 26.82
CA ALA B 213 -4.90 -13.67 26.80
C ALA B 213 -4.74 -13.14 28.22
N GLN B 214 -5.53 -13.64 29.17
CA GLN B 214 -5.39 -13.22 30.55
C GLN B 214 -4.06 -13.67 31.15
N ALA B 215 -3.53 -14.81 30.69
CA ALA B 215 -2.26 -15.30 31.21
C ALA B 215 -1.13 -14.33 30.90
N ILE B 216 -1.11 -13.80 29.67
CA ILE B 216 -0.12 -12.79 29.32
C ILE B 216 -0.36 -11.51 30.10
N PHE B 217 -1.64 -11.15 30.28
CA PHE B 217 -1.99 -9.92 31.00
C PHE B 217 -1.54 -9.98 32.46
N ASN B 218 -1.61 -11.16 33.08
CA ASN B 218 -1.24 -11.29 34.48
C ASN B 218 0.23 -11.01 34.73
N GLU B 219 1.06 -11.02 33.70
CA GLU B 219 2.47 -10.71 33.87
C GLU B 219 2.73 -9.22 34.02
N LEU B 220 1.76 -8.38 33.69
CA LEU B 220 1.86 -6.94 33.88
C LEU B 220 1.49 -6.58 35.31
N PRO B 221 1.80 -5.35 35.76
CA PRO B 221 1.33 -4.92 37.09
C PRO B 221 -0.16 -4.64 37.08
N CYS B 222 -0.95 -5.71 37.12
CA CYS B 222 -2.39 -5.61 36.89
C CYS B 222 -3.18 -5.68 38.19
N GLU B 223 -4.34 -5.02 38.17
CA GLU B 223 -5.34 -5.14 39.23
C GLU B 223 -6.68 -5.43 38.57
N TYR B 224 -7.33 -6.53 38.97
CA TYR B 224 -8.61 -6.91 38.41
C TYR B 224 -9.73 -6.23 39.20
N VAL B 225 -10.67 -5.63 38.47
CA VAL B 225 -11.81 -4.94 39.08
C VAL B 225 -13.09 -5.44 38.42
N GLU B 226 -14.20 -5.24 39.11
CA GLU B 226 -15.49 -5.62 38.56
C GLU B 226 -15.90 -4.62 37.48
N PRO B 227 -16.76 -5.05 36.54
CA PRO B 227 -17.15 -4.15 35.45
C PRO B 227 -17.75 -2.83 35.92
N HIS B 228 -18.53 -2.83 37.00
CA HIS B 228 -19.12 -1.58 37.46
C HIS B 228 -18.09 -0.62 38.02
N GLU B 229 -16.92 -1.13 38.42
CA GLU B 229 -15.84 -0.29 38.92
C GLU B 229 -15.04 0.37 37.81
N LEU B 230 -15.25 -0.02 36.55
CA LEU B 230 -14.46 0.53 35.45
C LEU B 230 -14.67 2.04 35.32
N LYS B 231 -15.89 2.51 35.57
CA LYS B 231 -16.16 3.95 35.53
C LYS B 231 -15.29 4.68 36.55
N GLU B 232 -15.13 4.11 37.73
CA GLU B 232 -14.32 4.75 38.76
C GLU B 232 -12.83 4.66 38.44
N VAL B 233 -12.39 3.48 38.00
CA VAL B 233 -10.96 3.24 37.76
C VAL B 233 -10.47 4.06 36.57
N SER B 234 -11.32 4.28 35.57
CA SER B 234 -10.90 5.01 34.36
C SER B 234 -10.46 6.44 34.64
N GLN B 235 -10.86 7.01 35.77
CA GLN B 235 -10.49 8.38 36.13
C GLN B 235 -9.48 8.48 37.27
N THR B 236 -9.63 7.66 38.31
CA THR B 236 -8.80 7.77 39.50
C THR B 236 -7.83 6.61 39.67
N GLY B 237 -7.68 5.76 38.65
CA GLY B 237 -6.80 4.62 38.78
C GLY B 237 -5.34 5.03 38.89
N ASP B 238 -4.56 4.17 39.56
CA ASP B 238 -3.13 4.41 39.68
C ASP B 238 -2.46 4.23 38.33
N LEU B 239 -1.60 5.19 37.98
CA LEU B 239 -0.91 5.17 36.69
C LEU B 239 0.25 4.20 36.66
N ARG B 240 0.65 3.64 37.80
CA ARG B 240 1.67 2.61 37.86
C ARG B 240 1.09 1.21 37.76
N LYS B 241 -0.21 1.09 37.49
CA LYS B 241 -0.88 -0.18 37.32
C LYS B 241 -1.68 -0.17 36.02
N VAL B 242 -1.96 -1.36 35.51
CA VAL B 242 -2.93 -1.55 34.46
C VAL B 242 -4.12 -2.28 35.06
N TYR B 243 -5.31 -2.00 34.55
CA TYR B 243 -6.55 -2.54 35.12
C TYR B 243 -7.25 -3.44 34.11
N GLY B 244 -7.70 -4.59 34.59
CA GLY B 244 -8.41 -5.53 33.76
C GLY B 244 -9.72 -5.94 34.39
N THR B 245 -10.66 -6.35 33.53
CA THR B 245 -11.94 -6.86 33.99
C THR B 245 -12.41 -7.96 33.04
N VAL B 246 -13.08 -8.95 33.60
CA VAL B 246 -13.63 -10.07 32.84
C VAL B 246 -15.14 -9.89 32.74
N LEU B 247 -15.64 -9.75 31.51
CA LEU B 247 -17.05 -9.51 31.27
C LEU B 247 -17.79 -10.84 31.21
N SER B 248 -18.79 -11.01 32.07
CA SER B 248 -19.66 -12.17 32.07
C SER B 248 -21.01 -11.80 31.47
N ARG B 249 -21.82 -12.84 31.20
CA ARG B 249 -23.13 -12.61 30.59
C ARG B 249 -24.02 -11.74 31.46
N HIS B 250 -24.07 -12.02 32.76
CA HIS B 250 -24.96 -11.29 33.65
C HIS B 250 -24.58 -9.82 33.82
N HIS B 251 -23.35 -9.44 33.43
CA HIS B 251 -22.91 -8.07 33.61
C HIS B 251 -23.54 -7.11 32.61
N HIS B 252 -23.77 -7.56 31.36
CA HIS B 252 -24.21 -6.68 30.30
C HIS B 252 -25.46 -7.14 29.56
N LEU B 253 -25.91 -8.37 29.76
CA LEU B 253 -27.05 -8.88 29.01
C LEU B 253 -28.35 -8.65 29.78
N VAL B 254 -29.31 -8.00 29.13
CA VAL B 254 -30.62 -7.75 29.71
C VAL B 254 -31.68 -8.07 28.69
N ARG B 255 -32.83 -8.55 29.16
CA ARG B 255 -33.93 -8.83 28.25
C ARG B 255 -34.58 -7.53 27.80
N LYS B 256 -35.08 -7.55 26.55
CA LYS B 256 -35.65 -6.34 25.97
C LYS B 256 -36.86 -5.83 26.73
N THR B 257 -37.66 -6.73 27.30
CA THR B 257 -38.93 -6.29 27.89
C THR B 257 -38.74 -5.73 29.30
N ASP B 258 -37.95 -6.41 30.14
CA ASP B 258 -37.86 -6.03 31.55
C ASP B 258 -36.43 -5.78 32.02
N ALA B 259 -35.45 -5.76 31.13
CA ALA B 259 -34.03 -5.57 31.46
C ALA B 259 -33.52 -6.60 32.46
N VAL B 260 -34.19 -7.74 32.56
CA VAL B 260 -33.81 -8.80 33.50
C VAL B 260 -32.93 -9.81 32.78
N TYR B 261 -31.97 -10.37 33.51
CA TYR B 261 -31.12 -11.43 32.98
C TYR B 261 -31.53 -12.75 33.63
N ASP B 262 -31.86 -13.73 32.79
CA ASP B 262 -32.15 -15.09 33.21
C ASP B 262 -31.18 -16.02 32.52
N PRO B 263 -30.33 -16.75 33.25
CA PRO B 263 -29.33 -17.60 32.58
C PRO B 263 -29.94 -18.66 31.69
N ALA B 264 -30.96 -19.37 32.18
CA ALA B 264 -31.58 -20.42 31.38
C ALA B 264 -32.31 -19.86 30.17
N GLU B 265 -33.00 -18.73 30.33
CA GLU B 265 -33.77 -18.19 29.21
C GLU B 265 -32.86 -17.63 28.11
N TYR B 266 -31.77 -16.97 28.49
CA TYR B 266 -30.89 -16.40 27.49
C TYR B 266 -30.27 -17.48 26.61
N ASP B 267 -29.86 -18.60 27.21
CA ASP B 267 -29.27 -19.68 26.45
C ASP B 267 -30.28 -20.28 25.48
N LYS B 268 -31.52 -20.47 25.93
CA LYS B 268 -32.55 -21.04 25.07
C LYS B 268 -33.09 -20.00 24.08
N HIS B 269 -33.23 -18.74 24.52
CA HIS B 269 -33.82 -17.68 23.70
C HIS B 269 -32.94 -16.44 23.77
N PRO B 270 -31.82 -16.43 23.04
CA PRO B 270 -30.97 -15.23 23.02
C PRO B 270 -31.59 -14.06 22.28
N GLU B 271 -32.59 -14.30 21.42
CA GLU B 271 -33.19 -13.21 20.65
C GLU B 271 -33.97 -12.24 21.53
N ARG B 272 -34.36 -12.66 22.74
CA ARG B 272 -35.12 -11.79 23.64
C ARG B 272 -34.23 -10.81 24.41
N TYR B 273 -32.91 -10.90 24.27
CA TYR B 273 -31.99 -10.11 25.08
C TYR B 273 -31.25 -9.09 24.23
N ILE B 274 -30.72 -8.07 24.91
CA ILE B 274 -29.86 -7.06 24.31
C ILE B 274 -28.64 -6.88 25.20
N SER B 275 -27.64 -6.19 24.67
CA SER B 275 -26.39 -5.94 25.39
C SER B 275 -26.27 -4.46 25.68
N ARG B 276 -26.04 -4.12 26.96
CA ARG B 276 -25.77 -2.76 27.38
C ARG B 276 -24.28 -2.49 27.56
N PHE B 277 -23.43 -3.33 26.94
CA PHE B 277 -21.99 -3.12 26.99
C PHE B 277 -21.61 -1.76 26.41
N ASN B 278 -22.35 -1.28 25.41
CA ASN B 278 -22.00 -0.04 24.72
C ASN B 278 -22.06 1.16 25.67
N THR B 279 -22.92 1.12 26.68
CA THR B 279 -23.10 2.24 27.59
C THR B 279 -22.45 2.03 28.96
N ASP B 280 -22.44 0.79 29.46
CA ASP B 280 -21.95 0.53 30.81
C ASP B 280 -20.45 0.34 30.89
N ILE B 281 -19.82 -0.26 29.87
CA ILE B 281 -18.41 -0.62 29.91
C ILE B 281 -17.60 0.08 28.82
N ALA B 282 -18.13 0.12 27.60
CA ALA B 282 -17.38 0.64 26.46
C ALA B 282 -16.80 2.04 26.66
N PRO B 283 -17.50 3.03 27.22
CA PRO B 283 -16.90 4.36 27.37
C PRO B 283 -15.69 4.38 28.30
N TYR B 284 -15.53 3.36 29.15
CA TYR B 284 -14.45 3.32 30.13
C TYR B 284 -13.41 2.25 29.79
N THR B 285 -13.39 1.78 28.55
CA THR B 285 -12.52 0.69 28.12
C THR B 285 -11.41 1.24 27.23
N THR B 286 -10.16 1.02 27.62
CA THR B 286 -9.05 1.38 26.77
C THR B 286 -8.80 0.34 25.69
N CYS B 287 -8.86 -0.95 26.05
CA CYS B 287 -8.58 -2.03 25.12
C CYS B 287 -9.54 -3.18 25.38
N LEU B 288 -10.20 -3.65 24.31
CA LEU B 288 -11.17 -4.72 24.39
C LEU B 288 -10.58 -5.98 23.76
N ILE B 289 -10.54 -7.07 24.53
CA ILE B 289 -10.09 -8.37 24.05
C ILE B 289 -11.35 -9.21 23.88
N ASN B 290 -11.80 -9.38 22.64
CA ASN B 290 -13.07 -10.03 22.36
C ASN B 290 -12.84 -11.51 22.09
N GLY B 291 -13.30 -12.36 23.02
CA GLY B 291 -13.29 -13.79 22.85
C GLY B 291 -14.65 -14.45 22.78
N ILE B 292 -15.73 -13.66 22.70
CA ILE B 292 -17.08 -14.23 22.69
C ILE B 292 -17.30 -14.99 21.39
N TYR B 293 -17.82 -16.21 21.50
CA TYR B 293 -18.20 -17.00 20.33
C TYR B 293 -19.64 -16.66 19.97
N TRP B 294 -19.80 -15.96 18.85
CA TRP B 294 -21.09 -15.42 18.46
C TRP B 294 -22.01 -16.54 17.99
N ALA B 295 -23.27 -16.48 18.42
CA ALA B 295 -24.28 -17.46 18.05
C ALA B 295 -25.32 -16.80 17.15
N ALA B 296 -26.39 -17.54 16.86
CA ALA B 296 -27.35 -17.09 15.86
C ALA B 296 -27.99 -15.75 16.22
N ASN B 297 -28.70 -15.70 17.35
CA ASN B 297 -29.41 -14.49 17.75
C ASN B 297 -28.80 -13.81 18.97
N THR B 298 -27.53 -14.04 19.27
CA THR B 298 -26.90 -13.39 20.41
C THR B 298 -26.67 -11.91 20.10
N PRO B 299 -26.94 -11.02 21.07
CA PRO B 299 -26.79 -9.59 20.82
C PRO B 299 -25.34 -9.17 20.57
N ARG B 300 -25.20 -8.09 19.82
CA ARG B 300 -23.90 -7.55 19.47
C ARG B 300 -23.36 -6.67 20.60
N LEU B 301 -22.05 -6.74 20.84
CA LEU B 301 -21.43 -5.92 21.88
C LEU B 301 -21.43 -4.44 21.49
N LEU B 302 -20.99 -4.15 20.27
CA LEU B 302 -20.93 -2.78 19.79
C LEU B 302 -21.48 -2.74 18.37
N THR B 303 -22.14 -1.63 18.04
CA THR B 303 -22.71 -1.43 16.73
C THR B 303 -22.05 -0.23 16.06
N ARG B 304 -22.44 0.00 14.81
CA ARG B 304 -21.92 1.15 14.06
C ARG B 304 -22.39 2.45 14.71
N GLN B 305 -23.61 2.45 15.26
CA GLN B 305 -24.12 3.62 15.95
C GLN B 305 -23.34 3.88 17.23
N ASP B 306 -22.91 2.81 17.90
CA ASP B 306 -22.10 2.93 19.10
C ASP B 306 -20.74 3.55 18.80
N ALA B 307 -20.15 3.21 17.65
CA ALA B 307 -18.87 3.80 17.27
C ALA B 307 -19.00 5.29 17.07
N GLN B 308 -20.13 5.74 16.51
CA GLN B 308 -20.35 7.18 16.36
C GLN B 308 -20.40 7.88 17.71
N SER B 309 -21.02 7.23 18.71
CA SER B 309 -21.04 7.80 20.05
C SER B 309 -19.66 7.78 20.69
N LEU B 310 -18.89 6.71 20.46
CA LEU B 310 -17.57 6.62 21.06
C LEU B 310 -16.57 7.57 20.40
N LEU B 311 -16.74 7.84 19.11
CA LEU B 311 -15.83 8.72 18.37
C LEU B 311 -16.43 10.12 18.32
N ALA B 312 -15.86 11.03 19.09
CA ALA B 312 -16.34 12.41 19.13
C ALA B 312 -15.20 13.38 19.38
N GLU B 322 -0.30 21.10 25.78
CA GLU B 322 0.04 20.92 24.38
C GLU B 322 1.11 19.84 24.20
N GLY B 323 2.11 19.85 25.07
CA GLY B 323 3.15 18.83 24.99
C GLY B 323 2.70 17.46 25.45
N CYS B 324 1.75 17.42 26.39
CA CYS B 324 1.23 16.17 26.95
C CYS B 324 -0.28 16.14 26.71
N PRO B 325 -0.71 15.77 25.51
CA PRO B 325 -2.15 15.74 25.23
C PRO B 325 -2.82 14.49 25.78
N ALA B 326 -4.12 14.63 26.03
CA ALA B 326 -4.92 13.47 26.43
C ALA B 326 -5.37 12.70 25.20
N LEU B 327 -5.82 11.47 25.45
CA LEU B 327 -6.33 10.65 24.35
C LEU B 327 -7.54 11.32 23.71
N PRO B 328 -7.71 11.19 22.39
CA PRO B 328 -8.93 11.75 21.77
C PRO B 328 -10.19 11.04 22.24
N HIS B 329 -10.13 9.73 22.42
CA HIS B 329 -11.21 8.96 23.02
C HIS B 329 -10.61 7.86 23.86
N LYS B 330 -11.38 7.39 24.85
CA LYS B 330 -10.87 6.40 25.78
C LYS B 330 -10.55 5.08 25.07
N LEU B 331 -11.43 4.63 24.18
CA LEU B 331 -11.23 3.36 23.50
C LEU B 331 -10.10 3.52 22.49
N VAL B 332 -9.06 2.69 22.62
CA VAL B 332 -7.89 2.77 21.77
C VAL B 332 -7.81 1.60 20.79
N ALA B 333 -8.07 0.38 21.26
CA ALA B 333 -7.87 -0.79 20.43
C ALA B 333 -8.88 -1.87 20.77
N ILE B 334 -9.18 -2.70 19.78
CA ILE B 334 -10.01 -3.89 19.95
C ILE B 334 -9.31 -5.03 19.24
N CYS B 335 -9.14 -6.15 19.96
CA CYS B 335 -8.50 -7.34 19.41
C CYS B 335 -9.46 -8.51 19.51
N ASP B 336 -9.76 -9.12 18.37
CA ASP B 336 -10.63 -10.29 18.31
C ASP B 336 -9.76 -11.54 18.29
N ILE B 337 -9.91 -12.40 19.30
CA ILE B 337 -9.15 -13.63 19.42
C ILE B 337 -9.99 -14.86 19.12
N SER B 338 -11.28 -14.70 18.86
CA SER B 338 -12.15 -15.83 18.55
C SER B 338 -12.21 -16.08 17.05
N GLY B 342 -16.98 -12.71 15.00
CA GLY B 342 -17.70 -12.40 13.78
C GLY B 342 -18.66 -11.23 13.94
N GLY B 343 -19.91 -11.53 14.26
CA GLY B 343 -20.91 -10.51 14.39
C GLY B 343 -20.90 -9.71 15.67
N SER B 344 -19.98 -10.03 16.60
CA SER B 344 -19.98 -9.35 17.89
C SER B 344 -19.72 -7.86 17.74
N ILE B 345 -18.87 -7.49 16.79
CA ILE B 345 -18.55 -6.10 16.51
C ILE B 345 -18.92 -5.86 15.05
N GLU B 346 -20.00 -5.11 14.82
CA GLU B 346 -20.51 -5.00 13.45
C GLU B 346 -19.55 -4.21 12.56
N PHE B 347 -18.94 -3.15 13.08
CA PHE B 347 -18.06 -2.33 12.27
C PHE B 347 -16.70 -2.98 12.03
N MET B 348 -16.43 -4.16 12.60
CA MET B 348 -15.22 -4.91 12.29
C MET B 348 -15.54 -5.94 11.20
N THR B 349 -15.76 -5.42 9.99
CA THR B 349 -16.18 -6.24 8.86
C THR B 349 -15.05 -6.90 8.10
N GLU B 350 -13.82 -6.40 8.23
CA GLU B 350 -12.68 -6.96 7.51
C GLU B 350 -11.64 -7.45 8.49
N CYS B 351 -10.88 -8.46 8.06
CA CYS B 351 -9.87 -9.11 8.86
C CYS B 351 -8.48 -8.68 8.43
N THR B 352 -7.54 -8.77 9.36
CA THR B 352 -6.15 -8.46 9.13
C THR B 352 -5.34 -9.76 8.99
N THR B 353 -4.07 -9.61 8.62
CA THR B 353 -3.16 -10.73 8.45
C THR B 353 -1.94 -10.52 9.34
N ILE B 354 -1.13 -11.58 9.46
CA ILE B 354 0.09 -11.49 10.26
C ILE B 354 1.02 -10.43 9.69
N GLU B 355 1.07 -10.31 8.36
CA GLU B 355 1.94 -9.32 7.74
C GLU B 355 1.44 -7.90 8.01
N HIS B 356 0.11 -7.70 8.00
CA HIS B 356 -0.51 -6.40 8.23
C HIS B 356 -1.49 -6.55 9.38
N PRO B 357 -1.01 -6.51 10.62
CA PRO B 357 -1.85 -6.93 11.75
C PRO B 357 -2.93 -5.92 12.14
N PHE B 358 -2.75 -4.64 11.86
CA PHE B 358 -3.63 -3.62 12.42
C PHE B 358 -4.25 -2.76 11.32
N CYS B 359 -5.49 -2.35 11.56
CA CYS B 359 -6.20 -1.40 10.71
C CYS B 359 -6.96 -0.43 11.61
N MET B 360 -7.35 0.71 11.03
CA MET B 360 -8.02 1.76 11.77
C MET B 360 -9.42 1.97 11.22
N TYR B 361 -10.41 2.04 12.12
CA TYR B 361 -11.79 2.34 11.77
C TYR B 361 -12.12 3.75 12.27
N ASP B 362 -12.31 4.67 11.34
CA ASP B 362 -12.50 6.07 11.69
C ASP B 362 -14.00 6.36 11.88
N ALA B 363 -14.32 7.61 12.22
CA ALA B 363 -15.71 8.00 12.44
C ALA B 363 -16.53 8.01 11.17
N ASP B 364 -15.90 8.10 10.00
CA ASP B 364 -16.60 8.07 8.73
C ASP B 364 -16.93 6.66 8.25
N GLN B 365 -16.72 5.66 9.10
CA GLN B 365 -17.01 4.26 8.76
C GLN B 365 -16.12 3.76 7.63
N HIS B 366 -14.90 4.28 7.53
CA HIS B 366 -13.91 3.81 6.58
C HIS B 366 -12.75 3.12 7.29
N ILE B 367 -12.21 2.08 6.67
CA ILE B 367 -11.15 1.26 7.24
C ILE B 367 -9.84 1.63 6.56
N ILE B 368 -8.84 2.02 7.35
CA ILE B 368 -7.50 2.28 6.85
C ILE B 368 -6.65 1.07 7.21
N HIS B 369 -6.30 0.27 6.21
CA HIS B 369 -5.55 -0.96 6.45
C HIS B 369 -4.06 -0.68 6.61
N ASP B 370 -3.42 -1.51 7.43
CA ASP B 370 -1.98 -1.42 7.68
C ASP B 370 -1.59 -0.02 8.17
N SER B 371 -2.35 0.49 9.13
CA SER B 371 -2.12 1.82 9.66
C SER B 371 -2.43 1.85 11.15
N VAL B 372 -1.69 2.68 11.88
CA VAL B 372 -1.99 3.01 13.26
C VAL B 372 -2.26 4.50 13.43
N GLU B 373 -2.42 5.24 12.33
CA GLU B 373 -2.57 6.68 12.36
C GLU B 373 -4.04 7.08 12.28
N GLY B 374 -4.31 8.34 12.57
CA GLY B 374 -5.64 8.89 12.47
C GLY B 374 -6.36 8.92 13.81
N SER B 375 -7.63 9.31 13.73
CA SER B 375 -8.49 9.45 14.90
C SER B 375 -9.38 8.24 15.11
N GLY B 376 -9.17 7.17 14.34
CA GLY B 376 -10.00 5.99 14.43
C GLY B 376 -9.65 5.10 15.60
N ILE B 377 -10.21 3.89 15.57
CA ILE B 377 -9.98 2.86 16.57
C ILE B 377 -9.10 1.77 15.98
N LEU B 378 -8.07 1.37 16.71
CA LEU B 378 -7.20 0.29 16.27
C LEU B 378 -7.92 -1.04 16.36
N MET B 379 -7.83 -1.84 15.30
CA MET B 379 -8.50 -3.13 15.25
C MET B 379 -7.54 -4.21 14.78
N CYS B 380 -7.64 -5.39 15.39
CA CYS B 380 -6.82 -6.54 15.04
C CYS B 380 -7.69 -7.78 15.00
N SER B 381 -7.67 -8.50 13.88
CA SER B 381 -8.49 -9.70 13.71
C SER B 381 -7.73 -10.66 12.80
N ILE B 382 -6.97 -11.56 13.41
CA ILE B 382 -6.12 -12.51 12.68
C ILE B 382 -6.81 -13.87 12.68
N ASP B 383 -6.90 -14.48 11.50
CA ASP B 383 -7.56 -15.77 11.36
C ASP B 383 -6.70 -16.94 11.81
N ASN B 384 -5.37 -16.79 11.83
CA ASN B 384 -4.46 -17.87 12.21
C ASN B 384 -3.48 -17.36 13.27
N LEU B 385 -4.03 -16.91 14.39
CA LEU B 385 -3.19 -16.49 15.52
C LEU B 385 -2.24 -17.58 16.00
N PRO B 386 -2.65 -18.85 16.18
CA PRO B 386 -1.70 -19.85 16.68
C PRO B 386 -0.48 -20.05 15.79
N ALA B 387 -0.53 -19.65 14.52
CA ALA B 387 0.63 -19.77 13.65
C ALA B 387 1.79 -18.89 14.11
N GLN B 388 1.51 -17.85 14.92
CA GLN B 388 2.59 -17.02 15.44
C GLN B 388 3.36 -17.70 16.55
N LEU B 389 2.76 -18.68 17.22
CA LEU B 389 3.43 -19.50 18.23
C LEU B 389 3.33 -20.95 17.76
N PRO B 390 4.02 -21.30 16.67
CA PRO B 390 3.73 -22.58 16.03
C PRO B 390 4.23 -23.78 16.81
N ILE B 391 5.30 -23.65 17.59
CA ILE B 391 5.79 -24.77 18.37
C ILE B 391 4.79 -25.17 19.42
N GLU B 392 4.35 -24.21 20.23
CA GLU B 392 3.36 -24.50 21.27
C GLU B 392 1.99 -24.84 20.69
N ALA B 393 1.63 -24.24 19.55
CA ALA B 393 0.37 -24.60 18.92
C ALA B 393 0.40 -26.02 18.38
N THR B 394 1.56 -26.46 17.89
CA THR B 394 1.71 -27.84 17.42
C THR B 394 1.63 -28.82 18.58
N GLU B 395 2.25 -28.47 19.72
CA GLU B 395 2.21 -29.33 20.89
C GLU B 395 0.78 -29.48 21.41
N CYS B 396 0.02 -28.39 21.41
CA CYS B 396 -1.37 -28.44 21.87
C CYS B 396 -2.25 -29.22 20.90
N PHE B 397 -2.13 -28.93 19.60
CA PHE B 397 -2.96 -29.60 18.60
C PHE B 397 -2.71 -31.11 18.58
N GLY B 398 -1.45 -31.52 18.66
CA GLY B 398 -1.14 -32.94 18.61
C GLY B 398 -1.68 -33.71 19.81
N ASP B 399 -1.70 -33.08 20.98
CA ASP B 399 -2.26 -33.74 22.16
C ASP B 399 -3.73 -34.07 21.98
N MET B 400 -4.49 -33.15 21.36
CA MET B 400 -5.91 -33.40 21.16
C MET B 400 -6.13 -34.44 20.06
N LEU B 401 -5.29 -34.44 19.03
CA LEU B 401 -5.46 -35.34 17.90
C LEU B 401 -4.95 -36.75 18.19
N TYR B 402 -3.98 -36.89 19.10
CA TYR B 402 -3.30 -38.17 19.33
C TYR B 402 -4.23 -39.35 19.57
N PRO B 403 -5.26 -39.27 20.42
CA PRO B 403 -6.07 -40.48 20.68
C PRO B 403 -6.80 -41.00 19.45
N TYR B 404 -7.11 -40.14 18.49
CA TYR B 404 -7.82 -40.55 17.29
C TYR B 404 -6.90 -40.97 16.16
N VAL B 405 -5.58 -40.89 16.34
CA VAL B 405 -4.65 -41.17 15.26
C VAL B 405 -4.68 -42.65 14.89
N GLU B 406 -4.72 -43.53 15.90
CA GLU B 406 -4.60 -44.96 15.63
C GLU B 406 -5.75 -45.49 14.78
N GLU B 407 -6.97 -45.02 15.04
CA GLU B 407 -8.09 -45.47 14.22
C GLU B 407 -8.01 -44.89 12.80
N MET B 408 -7.34 -43.74 12.64
CA MET B 408 -7.17 -43.17 11.31
C MET B 408 -6.17 -43.96 10.49
N ILE B 409 -5.07 -44.40 11.12
CA ILE B 409 -4.06 -45.17 10.39
C ILE B 409 -4.64 -46.51 9.93
N LEU B 410 -5.47 -47.15 10.76
CA LEU B 410 -6.04 -48.44 10.41
C LEU B 410 -7.12 -48.35 9.32
N SER B 411 -7.55 -47.14 8.96
CA SER B 411 -8.58 -46.99 7.95
C SER B 411 -8.02 -47.34 6.57
N ASP B 412 -8.92 -47.75 5.67
CA ASP B 412 -8.57 -48.12 4.32
C ASP B 412 -9.40 -47.28 3.36
N ALA B 413 -8.71 -46.50 2.52
CA ALA B 413 -9.40 -45.62 1.59
C ALA B 413 -10.15 -46.40 0.51
N THR B 414 -9.71 -47.63 0.22
CA THR B 414 -10.37 -48.42 -0.82
C THR B 414 -11.64 -49.08 -0.31
N GLN B 415 -11.68 -49.46 0.96
CA GLN B 415 -12.85 -50.12 1.52
C GLN B 415 -13.98 -49.11 1.74
N PRO B 416 -15.23 -49.56 1.75
CA PRO B 416 -16.35 -48.64 1.99
C PRO B 416 -16.27 -48.04 3.39
N LEU B 417 -16.87 -46.85 3.52
CA LEU B 417 -16.87 -46.15 4.81
C LEU B 417 -17.64 -46.93 5.87
N GLU B 418 -18.68 -47.67 5.47
CA GLU B 418 -19.51 -48.39 6.43
C GLU B 418 -18.76 -49.55 7.07
N SER B 419 -17.79 -50.14 6.37
CA SER B 419 -17.01 -51.25 6.90
C SER B 419 -15.87 -50.81 7.80
N GLN B 420 -15.56 -49.52 7.84
CA GLN B 420 -14.46 -49.02 8.65
C GLN B 420 -14.86 -49.00 10.12
N ASN B 421 -13.88 -49.31 11.00
CA ASN B 421 -14.10 -49.28 12.44
C ASN B 421 -13.75 -47.87 12.93
N PHE B 422 -14.73 -46.97 12.75
CA PHE B 422 -14.59 -45.58 13.13
C PHE B 422 -15.45 -45.26 14.35
N SER B 423 -14.94 -44.37 15.19
CA SER B 423 -15.76 -43.77 16.23
C SER B 423 -16.64 -42.68 15.62
N PRO B 424 -17.72 -42.29 16.30
CA PRO B 424 -18.56 -41.21 15.78
C PRO B 424 -17.81 -39.90 15.57
N VAL B 425 -16.75 -39.65 16.33
CA VAL B 425 -16.00 -38.41 16.20
C VAL B 425 -15.31 -38.33 14.84
N VAL B 426 -14.63 -39.40 14.44
CA VAL B 426 -13.91 -39.40 13.16
C VAL B 426 -14.87 -39.58 11.99
N ARG B 427 -15.85 -40.47 12.14
CA ARG B 427 -16.68 -40.84 11.00
C ARG B 427 -17.54 -39.68 10.51
N ASP B 428 -18.22 -38.98 11.43
CA ASP B 428 -19.06 -37.85 11.02
C ASP B 428 -18.25 -36.72 10.40
N ALA B 429 -16.93 -36.72 10.56
CA ALA B 429 -16.07 -35.70 10.01
C ALA B 429 -15.59 -36.02 8.61
N VAL B 430 -15.91 -37.21 8.08
CA VAL B 430 -15.49 -37.60 6.75
C VAL B 430 -16.29 -36.81 5.72
N ILE B 431 -15.61 -35.98 4.95
CA ILE B 431 -16.27 -35.09 4.00
C ILE B 431 -16.47 -35.77 2.65
N THR B 432 -15.51 -36.55 2.18
CA THR B 432 -15.57 -37.06 0.82
C THR B 432 -15.71 -38.58 0.72
N SER B 433 -15.11 -39.35 1.63
CA SER B 433 -15.28 -40.81 1.59
C SER B 433 -14.87 -41.35 0.23
N ASN B 434 -15.30 -42.58 -0.09
CA ASN B 434 -14.98 -43.20 -1.37
C ASN B 434 -15.55 -42.44 -2.57
N GLY B 435 -14.90 -41.36 -2.98
CA GLY B 435 -15.25 -40.70 -4.22
C GLY B 435 -16.53 -39.90 -4.26
N THR B 436 -17.46 -40.19 -3.35
CA THR B 436 -18.79 -39.58 -3.36
C THR B 436 -19.10 -38.99 -2.00
N LEU B 437 -19.71 -37.82 -2.00
CA LEU B 437 -20.04 -37.14 -0.74
C LEU B 437 -21.16 -37.87 0.00
N PRO B 438 -21.03 -38.04 1.31
CA PRO B 438 -22.12 -38.62 2.10
C PRO B 438 -23.31 -37.67 2.21
N ASP B 439 -24.37 -38.18 2.83
CA ASP B 439 -25.60 -37.40 3.01
C ASP B 439 -25.36 -36.11 3.75
N LYS B 440 -24.71 -36.18 4.91
CA LYS B 440 -24.50 -35.00 5.75
C LYS B 440 -23.73 -33.92 5.01
N TYR B 441 -22.97 -34.30 3.97
CA TYR B 441 -22.23 -33.35 3.16
C TYR B 441 -22.68 -33.35 1.69
N LYS B 442 -23.82 -33.96 1.37
CA LYS B 442 -24.32 -33.93 -0.01
C LYS B 442 -24.73 -32.52 -0.42
N TYR B 443 -25.23 -31.73 0.53
CA TYR B 443 -25.72 -30.38 0.25
C TYR B 443 -24.67 -29.50 -0.41
N ILE B 444 -23.39 -29.84 -0.25
CA ILE B 444 -22.31 -28.99 -0.77
C ILE B 444 -22.47 -28.80 -2.28
N GLN B 445 -22.81 -29.86 -3.00
CA GLN B 445 -22.89 -29.77 -4.46
C GLN B 445 -23.98 -28.81 -4.90
N THR B 446 -25.14 -28.83 -4.23
CA THR B 446 -26.19 -27.88 -4.55
C THR B 446 -25.78 -26.46 -4.19
N LEU B 447 -24.90 -26.31 -3.19
CA LEU B 447 -24.38 -25.00 -2.81
C LEU B 447 -23.30 -24.48 -3.74
N ARG B 448 -23.20 -25.04 -4.96
CA ARG B 448 -22.21 -24.61 -5.93
C ARG B 448 -20.78 -24.69 -5.42
N ALA C 6 21.33 33.91 31.12
CA ALA C 6 21.98 32.63 30.88
C ALA C 6 21.07 31.48 31.28
N VAL C 7 20.01 31.26 30.50
CA VAL C 7 19.03 30.21 30.75
C VAL C 7 18.98 29.29 29.53
N LEU C 8 19.00 27.99 29.79
CA LEU C 8 19.00 26.98 28.75
C LEU C 8 17.68 26.22 28.76
N ALA C 9 17.15 25.91 27.58
CA ALA C 9 15.93 25.14 27.45
C ALA C 9 16.10 24.01 26.45
N VAL C 10 15.52 22.86 26.75
CA VAL C 10 15.48 21.71 25.85
C VAL C 10 14.06 21.62 25.31
N ARG C 11 13.88 21.96 24.03
CA ARG C 11 12.56 21.99 23.44
C ARG C 11 12.06 20.58 23.18
N ARG C 12 10.73 20.48 23.00
CA ARG C 12 10.10 19.20 22.69
C ARG C 12 10.19 18.92 21.19
N GLU C 13 10.52 17.68 20.84
CA GLU C 13 10.62 17.29 19.45
C GLU C 13 9.24 17.02 18.87
N ASP C 14 8.97 17.62 17.70
CA ASP C 14 7.69 17.44 17.04
C ASP C 14 7.84 17.30 15.52
N VAL C 15 9.02 16.91 15.03
CA VAL C 15 9.20 16.69 13.60
C VAL C 15 8.34 15.52 13.12
N ASN C 16 8.59 14.33 13.67
CA ASN C 16 7.79 13.14 13.34
C ASN C 16 7.54 12.34 14.61
N ALA C 17 6.75 11.27 14.46
CA ALA C 17 6.37 10.47 15.61
C ALA C 17 7.54 9.66 16.17
N TRP C 18 8.53 9.33 15.33
CA TRP C 18 9.62 8.47 15.72
C TRP C 18 10.80 9.22 16.32
N GLU C 19 10.71 10.55 16.43
CA GLU C 19 11.79 11.35 17.02
C GLU C 19 11.63 11.34 18.53
N ARG C 20 12.20 10.33 19.17
CA ARG C 20 12.16 10.18 20.62
C ARG C 20 13.46 10.59 21.29
N ARG C 21 14.43 11.10 20.54
CA ARG C 21 15.72 11.49 21.09
C ARG C 21 15.64 12.89 21.69
N ALA C 22 16.70 13.26 22.41
CA ALA C 22 16.89 14.59 22.98
C ALA C 22 18.33 15.01 22.75
N PRO C 23 18.61 16.31 22.69
CA PRO C 23 19.99 16.75 22.50
C PRO C 23 20.86 16.56 23.73
N LEU C 24 20.28 16.46 24.91
CA LEU C 24 21.04 16.26 26.14
C LEU C 24 20.32 15.27 27.05
N ALA C 25 21.10 14.48 27.76
CA ALA C 25 20.58 13.50 28.71
C ALA C 25 20.49 14.09 30.10
N PRO C 26 19.78 13.44 31.03
CA PRO C 26 19.72 13.96 32.40
C PRO C 26 21.08 14.15 33.05
N LYS C 27 22.02 13.23 32.81
CA LYS C 27 23.35 13.37 33.43
C LYS C 27 24.06 14.63 32.94
N HIS C 28 23.78 15.07 31.71
CA HIS C 28 24.35 16.32 31.22
C HIS C 28 23.66 17.51 31.86
N ILE C 29 22.36 17.41 32.13
CA ILE C 29 21.64 18.47 32.81
C ILE C 29 22.20 18.68 34.21
N LYS C 30 22.64 17.61 34.88
CA LYS C 30 23.24 17.76 36.19
C LYS C 30 24.52 18.58 36.12
N GLY C 31 25.33 18.37 35.09
CA GLY C 31 26.55 19.14 34.94
C GLY C 31 26.28 20.61 34.66
N ILE C 32 25.28 20.89 33.84
CA ILE C 32 24.93 22.28 33.54
C ILE C 32 24.36 22.96 34.78
N THR C 33 23.55 22.24 35.54
CA THR C 33 23.02 22.80 36.78
C THR C 33 24.10 22.94 37.84
N ASN C 34 25.10 22.06 37.83
CA ASN C 34 26.22 22.20 38.76
C ASN C 34 27.04 23.46 38.48
N LEU C 35 27.11 23.88 37.22
CA LEU C 35 27.82 25.12 36.88
C LEU C 35 27.07 26.35 37.32
N GLY C 36 25.78 26.23 37.64
CA GLY C 36 24.98 27.36 38.07
C GLY C 36 24.02 27.90 37.03
N TYR C 37 23.79 27.18 35.94
CA TYR C 37 22.89 27.63 34.88
C TYR C 37 21.52 27.00 35.07
N LYS C 38 20.48 27.78 34.82
CA LYS C 38 19.12 27.29 34.92
C LYS C 38 18.74 26.57 33.62
N VAL C 39 18.17 25.38 33.75
CA VAL C 39 17.82 24.54 32.61
C VAL C 39 16.31 24.31 32.62
N LEU C 40 15.65 24.68 31.53
CA LEU C 40 14.22 24.46 31.36
C LEU C 40 14.00 23.24 30.49
N ILE C 41 13.06 22.38 30.90
CA ILE C 41 12.72 21.17 30.17
C ILE C 41 11.26 21.28 29.74
N GLN C 42 11.04 21.37 28.43
CA GLN C 42 9.68 21.41 27.92
C GLN C 42 9.07 20.01 28.00
N PRO C 43 7.89 19.85 28.60
CA PRO C 43 7.31 18.51 28.74
C PRO C 43 7.02 17.87 27.39
N SER C 44 7.29 16.57 27.29
CA SER C 44 7.16 15.85 26.03
C SER C 44 6.88 14.39 26.33
N ASN C 45 5.68 13.93 25.97
CA ASN C 45 5.38 12.50 26.05
C ASN C 45 6.09 11.71 24.95
N ARG C 46 6.60 12.38 23.93
CA ARG C 46 7.26 11.69 22.82
C ARG C 46 8.69 11.28 23.15
N ARG C 47 9.35 11.99 24.06
CA ARG C 47 10.73 11.66 24.39
C ARG C 47 10.82 10.32 25.12
N ALA C 48 11.85 9.55 24.78
CA ALA C 48 12.01 8.23 25.39
C ALA C 48 12.46 8.31 26.84
N ILE C 49 13.20 9.35 27.20
CA ILE C 49 13.58 9.57 28.59
C ILE C 49 12.48 10.39 29.25
N HIS C 50 11.95 9.87 30.35
CA HIS C 50 10.77 10.47 30.95
C HIS C 50 11.09 11.84 31.55
N ASP C 51 10.06 12.68 31.62
CA ASP C 51 10.22 14.01 32.21
C ASP C 51 10.70 13.92 33.65
N LYS C 52 10.32 12.87 34.37
CA LYS C 52 10.67 12.75 35.77
C LYS C 52 12.18 12.61 35.98
N ASP C 53 12.88 12.06 34.99
CA ASP C 53 14.32 11.89 35.11
C ASP C 53 15.08 13.21 34.95
N TYR C 54 14.55 14.13 34.14
CA TYR C 54 15.19 15.44 34.02
C TYR C 54 14.93 16.30 35.24
N VAL C 55 13.76 16.16 35.88
CA VAL C 55 13.49 16.88 37.12
C VAL C 55 14.45 16.41 38.21
N LYS C 56 14.71 15.11 38.28
CA LYS C 56 15.69 14.60 39.23
C LYS C 56 17.07 15.18 38.99
N ALA C 57 17.41 15.43 37.72
CA ALA C 57 18.72 15.96 37.36
C ALA C 57 18.87 17.44 37.67
N GLY C 58 17.77 18.13 37.98
CA GLY C 58 17.80 19.56 38.27
C GLY C 58 17.04 20.41 37.29
N GLY C 59 16.46 19.84 36.24
CA GLY C 59 15.70 20.61 35.29
C GLY C 59 14.31 20.95 35.80
N ILE C 60 13.73 22.00 35.23
CA ILE C 60 12.42 22.49 35.62
C ILE C 60 11.46 22.24 34.45
N LEU C 61 10.37 21.53 34.73
CA LEU C 61 9.38 21.21 33.72
C LEU C 61 8.51 22.43 33.47
N GLN C 62 8.57 22.97 32.26
CA GLN C 62 7.88 24.22 31.96
C GLN C 62 7.53 24.28 30.47
N GLU C 63 6.28 24.63 30.18
CA GLU C 63 5.84 24.81 28.79
C GLU C 63 6.43 26.06 28.17
N ASP C 64 6.41 27.17 28.90
CA ASP C 64 6.90 28.44 28.37
C ASP C 64 8.42 28.50 28.53
N ILE C 65 9.13 28.50 27.40
CA ILE C 65 10.59 28.55 27.42
C ILE C 65 11.04 29.88 26.85
N SER C 66 10.20 30.91 26.99
CA SER C 66 10.56 32.25 26.56
C SER C 66 11.67 32.84 27.41
N GLU C 67 11.84 32.37 28.65
CA GLU C 67 12.88 32.89 29.51
C GLU C 67 14.27 32.54 29.00
N ALA C 68 14.42 31.40 28.34
CA ALA C 68 15.72 30.93 27.88
C ALA C 68 16.18 31.71 26.65
N CYS C 69 17.48 31.96 26.58
CA CYS C 69 18.09 32.55 25.39
C CYS C 69 18.64 31.51 24.43
N LEU C 70 18.84 30.27 24.90
CA LEU C 70 19.35 29.18 24.07
C LEU C 70 18.36 28.03 24.10
N ILE C 71 17.92 27.60 22.93
CA ILE C 71 16.95 26.52 22.80
C ILE C 71 17.63 25.38 22.05
N LEU C 72 17.73 24.22 22.71
CA LEU C 72 18.37 23.04 22.13
C LEU C 72 17.34 22.02 21.70
N GLY C 73 17.44 21.58 20.44
CA GLY C 73 16.66 20.48 19.94
C GLY C 73 17.54 19.61 19.05
N VAL C 74 16.97 18.51 18.57
CA VAL C 74 17.70 17.66 17.63
C VAL C 74 17.32 18.05 16.20
N LYS C 75 16.04 17.93 15.86
CA LYS C 75 15.58 18.17 14.50
C LYS C 75 14.83 19.50 14.40
N ARG C 76 14.34 19.76 13.18
CA ARG C 76 13.75 21.05 12.83
C ARG C 76 12.52 21.35 13.68
N PRO C 77 12.37 22.58 14.16
CA PRO C 77 11.12 22.99 14.82
C PRO C 77 10.15 23.57 13.79
N PRO C 78 8.84 23.50 14.06
CA PRO C 78 7.88 24.16 13.18
C PRO C 78 8.10 25.67 13.15
N ALA C 79 7.72 26.28 12.03
CA ALA C 79 7.96 27.71 11.83
C ALA C 79 7.25 28.55 12.89
N ALA C 80 6.01 28.17 13.25
CA ALA C 80 5.25 28.96 14.20
C ALA C 80 5.88 28.94 15.59
N ALA C 81 6.55 27.86 15.95
CA ALA C 81 7.12 27.74 17.30
C ALA C 81 8.33 28.63 17.52
N LEU C 82 8.97 29.12 16.45
CA LEU C 82 10.20 29.88 16.59
C LEU C 82 10.00 31.15 17.40
N MET C 83 10.87 31.37 18.38
CA MET C 83 10.86 32.57 19.21
C MET C 83 11.93 33.54 18.74
N SER C 84 11.56 34.81 18.59
CA SER C 84 12.48 35.79 18.05
C SER C 84 13.58 36.13 19.05
N ARG C 85 14.74 36.52 18.51
CA ARG C 85 15.88 37.00 19.28
C ARG C 85 16.39 35.96 20.27
N LYS C 86 16.49 34.72 19.80
CA LYS C 86 17.02 33.62 20.59
C LYS C 86 18.08 32.89 19.77
N THR C 87 18.81 32.01 20.45
CA THR C 87 19.79 31.14 19.82
C THR C 87 19.25 29.72 19.78
N TYR C 88 19.12 29.16 18.58
CA TYR C 88 18.63 27.81 18.38
C TYR C 88 19.75 26.92 17.86
N ALA C 89 19.75 25.66 18.31
CA ALA C 89 20.69 24.66 17.83
C ALA C 89 19.92 23.38 17.53
N PHE C 90 19.94 22.95 16.27
CA PHE C 90 19.30 21.71 15.84
C PHE C 90 19.86 21.36 14.47
N PHE C 91 19.41 20.23 13.94
CA PHE C 91 19.72 19.87 12.55
C PHE C 91 18.73 20.61 11.65
N SER C 92 19.24 21.58 10.88
CA SER C 92 18.38 22.38 10.04
C SER C 92 18.19 21.75 8.66
N HIS C 93 19.24 21.13 8.13
CA HIS C 93 19.23 20.60 6.77
C HIS C 93 18.87 21.69 5.77
N THR C 94 19.54 22.83 5.92
CA THR C 94 19.43 23.96 5.00
C THR C 94 20.73 24.23 4.27
N ILE C 95 21.80 23.49 4.58
CA ILE C 95 23.10 23.70 3.96
C ILE C 95 23.04 23.42 2.47
N LYS C 96 22.22 22.45 2.06
CA LYS C 96 22.05 22.11 0.66
C LYS C 96 20.85 22.82 0.04
N ALA C 97 20.32 23.86 0.72
CA ALA C 97 19.20 24.66 0.23
C ALA C 97 17.98 23.78 -0.07
N GLN C 98 17.67 22.87 0.85
CA GLN C 98 16.51 22.01 0.68
C GLN C 98 15.23 22.84 0.68
N GLU C 99 14.38 22.60 -0.32
CA GLU C 99 13.13 23.37 -0.44
C GLU C 99 12.26 23.25 0.80
N ALA C 100 12.17 22.04 1.37
CA ALA C 100 11.30 21.85 2.53
C ALA C 100 11.71 22.74 3.70
N ASN C 101 13.01 22.95 3.88
CA ASN C 101 13.52 23.75 4.98
C ASN C 101 13.80 25.19 4.59
N MET C 102 13.45 25.58 3.36
CA MET C 102 13.54 26.99 3.00
C MET C 102 12.42 27.78 3.66
N GLY C 103 11.25 27.16 3.81
CA GLY C 103 10.17 27.79 4.55
C GLY C 103 10.52 28.03 6.01
N LEU C 104 11.38 27.17 6.57
CA LEU C 104 11.89 27.41 7.91
C LEU C 104 12.91 28.54 7.95
N LEU C 105 13.78 28.61 6.93
CA LEU C 105 14.92 29.53 6.98
C LEU C 105 14.52 31.00 6.98
N ASP C 106 13.47 31.37 6.24
CA ASP C 106 13.07 32.77 6.17
C ASP C 106 12.56 33.27 7.51
N GLU C 107 11.84 32.43 8.25
CA GLU C 107 11.32 32.85 9.54
C GLU C 107 12.46 33.08 10.53
N ILE C 108 13.50 32.25 10.46
CA ILE C 108 14.65 32.42 11.33
C ILE C 108 15.34 33.76 11.06
N LEU C 109 15.48 34.12 9.79
CA LEU C 109 16.08 35.42 9.46
C LEU C 109 15.18 36.56 9.90
N LYS C 110 13.87 36.42 9.71
CA LYS C 110 12.95 37.48 10.10
C LYS C 110 12.88 37.63 11.61
N GLN C 111 12.89 36.52 12.34
CA GLN C 111 12.85 36.58 13.80
C GLN C 111 14.20 36.97 14.40
N GLU C 112 15.23 37.16 13.58
CA GLU C 112 16.56 37.54 14.04
C GLU C 112 17.10 36.52 15.04
N ILE C 113 17.20 35.28 14.57
CA ILE C 113 17.59 34.14 15.38
C ILE C 113 18.98 33.71 14.97
N ARG C 114 19.82 33.37 15.95
CA ARG C 114 21.13 32.80 15.68
C ARG C 114 20.99 31.28 15.66
N LEU C 115 21.36 30.66 14.55
CA LEU C 115 21.14 29.24 14.33
C LEU C 115 22.49 28.54 14.21
N ILE C 116 22.71 27.55 15.05
CA ILE C 116 23.89 26.69 15.00
C ILE C 116 23.44 25.31 14.55
N ASP C 117 24.11 24.79 13.51
CA ASP C 117 23.77 23.49 12.95
C ASP C 117 24.84 22.48 13.38
N TYR C 118 24.41 21.39 14.00
CA TYR C 118 25.33 20.38 14.51
C TYR C 118 26.23 19.83 13.40
N GLU C 119 25.67 19.60 12.21
CA GLU C 119 26.46 18.95 11.16
C GLU C 119 27.62 19.82 10.69
N LYS C 120 27.48 21.15 10.75
CA LYS C 120 28.60 22.00 10.36
C LYS C 120 29.67 22.07 11.43
N MET C 121 29.37 21.69 12.67
CA MET C 121 30.36 21.68 13.73
C MET C 121 31.42 20.62 13.44
N VAL C 122 32.66 21.05 13.26
CA VAL C 122 33.78 20.16 12.92
C VAL C 122 35.01 20.60 13.70
N ASP C 123 35.97 19.69 13.79
CA ASP C 123 37.23 19.98 14.47
C ASP C 123 38.23 20.58 13.49
N HIS C 124 39.47 20.78 13.95
CA HIS C 124 40.48 21.42 13.11
C HIS C 124 40.87 20.57 11.91
N ARG C 125 40.80 19.24 12.03
CA ARG C 125 41.08 18.39 10.88
C ARG C 125 39.87 18.24 9.96
N GLY C 126 38.70 18.72 10.38
CA GLY C 126 37.50 18.65 9.57
C GLY C 126 36.55 17.53 9.92
N VAL C 127 36.86 16.72 10.93
CA VAL C 127 35.97 15.64 11.33
C VAL C 127 34.86 16.21 12.20
N ARG C 128 33.63 15.79 11.92
CA ARG C 128 32.49 16.25 12.71
C ARG C 128 32.61 15.77 14.15
N VAL C 129 32.33 16.67 15.08
CA VAL C 129 32.53 16.41 16.51
C VAL C 129 31.25 16.10 17.26
N VAL C 130 30.09 16.24 16.63
CA VAL C 130 28.81 15.99 17.28
C VAL C 130 28.01 15.04 16.38
N ALA C 131 27.78 13.82 16.86
CA ALA C 131 27.08 12.80 16.08
C ALA C 131 26.51 11.78 17.07
N PHE C 132 25.88 10.74 16.51
CA PHE C 132 25.26 9.69 17.30
C PHE C 132 26.15 8.47 17.48
N GLY C 133 27.40 8.54 17.03
CA GLY C 133 28.35 7.47 17.34
C GLY C 133 28.03 6.17 16.62
N GLN C 134 28.12 5.08 17.38
CA GLN C 134 28.00 3.74 16.82
C GLN C 134 26.57 3.23 16.78
N TRP C 135 25.60 3.99 17.30
CA TRP C 135 24.27 3.45 17.51
C TRP C 135 23.50 3.25 16.21
N ALA C 136 23.85 3.97 15.15
CA ALA C 136 23.22 3.70 13.86
C ALA C 136 23.58 2.31 13.36
N GLY C 137 24.83 1.88 13.59
CA GLY C 137 25.22 0.53 13.22
C GLY C 137 24.59 -0.52 14.12
N VAL C 138 24.44 -0.20 15.41
CA VAL C 138 23.80 -1.13 16.34
C VAL C 138 22.35 -1.39 15.92
N ALA C 139 21.61 -0.32 15.62
CA ALA C 139 20.22 -0.47 15.20
C ALA C 139 20.14 -1.16 13.85
N GLY C 140 21.03 -0.80 12.92
CA GLY C 140 20.99 -1.38 11.59
C GLY C 140 21.23 -2.88 11.58
N MET C 141 22.11 -3.35 12.46
CA MET C 141 22.41 -4.78 12.51
C MET C 141 21.23 -5.57 13.04
N ILE C 142 20.54 -5.05 14.06
CA ILE C 142 19.34 -5.71 14.58
C ILE C 142 18.26 -5.78 13.51
N ASN C 143 18.05 -4.67 12.79
CA ASN C 143 17.02 -4.63 11.75
C ASN C 143 17.30 -5.66 10.65
N ILE C 144 18.55 -5.73 10.20
CA ILE C 144 18.86 -6.61 9.06
C ILE C 144 18.76 -8.07 9.46
N LEU C 145 19.07 -8.42 10.71
CA LEU C 145 18.84 -9.78 11.17
C LEU C 145 17.36 -10.09 11.23
N HIS C 146 16.55 -9.14 11.70
CA HIS C 146 15.10 -9.31 11.67
C HIS C 146 14.60 -9.42 10.23
N GLY C 147 15.12 -8.60 9.33
CA GLY C 147 14.69 -8.66 7.94
C GLY C 147 15.07 -9.96 7.26
N MET C 148 16.24 -10.52 7.61
CA MET C 148 16.64 -11.78 7.02
C MET C 148 15.73 -12.92 7.46
N GLY C 149 15.24 -12.88 8.71
CA GLY C 149 14.29 -13.88 9.15
C GLY C 149 13.01 -13.85 8.34
N LEU C 150 12.47 -12.65 8.10
CA LEU C 150 11.27 -12.52 7.29
C LEU C 150 11.53 -12.90 5.84
N ARG C 151 12.67 -12.45 5.29
CA ARG C 151 12.99 -12.79 3.90
C ARG C 151 13.19 -14.29 3.72
N LEU C 152 13.90 -14.93 4.65
CA LEU C 152 14.11 -16.37 4.56
C LEU C 152 12.81 -17.13 4.73
N LEU C 153 11.92 -16.64 5.60
CA LEU C 153 10.62 -17.27 5.75
C LEU C 153 9.80 -17.13 4.47
N ALA C 154 9.91 -15.98 3.79
CA ALA C 154 9.22 -15.81 2.52
C ALA C 154 9.74 -16.78 1.47
N LEU C 155 11.03 -17.14 1.54
CA LEU C 155 11.59 -18.14 0.64
C LEU C 155 11.26 -19.56 1.07
N GLY C 156 10.63 -19.75 2.22
CA GLY C 156 10.21 -21.07 2.66
C GLY C 156 11.03 -21.67 3.78
N HIS C 157 11.90 -20.91 4.44
CA HIS C 157 12.81 -21.44 5.44
C HIS C 157 12.58 -20.73 6.77
N HIS C 158 12.14 -21.49 7.78
CA HIS C 158 12.10 -20.99 9.14
C HIS C 158 13.49 -21.01 9.74
N THR C 159 13.91 -19.90 10.34
CA THR C 159 15.23 -19.74 10.90
C THR C 159 15.12 -19.08 12.26
N PRO C 160 16.15 -19.24 13.12
CA PRO C 160 16.15 -18.51 14.40
C PRO C 160 16.09 -17.00 14.24
N PHE C 161 16.45 -16.47 13.07
CA PHE C 161 16.35 -15.03 12.84
C PHE C 161 14.92 -14.53 12.92
N MET C 162 13.93 -15.42 12.82
CA MET C 162 12.55 -15.04 13.05
C MET C 162 12.31 -14.57 14.47
N HIS C 163 13.19 -14.93 15.41
CA HIS C 163 13.04 -14.58 16.82
C HIS C 163 13.83 -13.35 17.20
N ILE C 164 14.18 -12.50 16.24
CA ILE C 164 14.79 -11.21 16.50
C ILE C 164 13.88 -10.15 15.90
N GLY C 165 13.41 -9.22 16.74
CA GLY C 165 12.52 -8.16 16.31
C GLY C 165 13.27 -6.96 15.76
N MET C 166 12.50 -5.92 15.47
CA MET C 166 13.09 -4.65 15.04
C MET C 166 13.80 -3.97 16.22
N ALA C 167 14.72 -3.07 15.88
CA ALA C 167 15.50 -2.38 16.90
C ALA C 167 14.60 -1.63 17.87
N HIS C 168 13.57 -0.95 17.36
CA HIS C 168 12.68 -0.18 18.22
C HIS C 168 11.77 -1.05 19.08
N ASN C 169 11.76 -2.36 18.87
CA ASN C 169 10.98 -3.26 19.69
C ASN C 169 11.65 -3.61 21.01
N TYR C 170 12.87 -3.15 21.24
CA TYR C 170 13.63 -3.48 22.44
C TYR C 170 13.83 -2.25 23.30
N ARG C 171 13.79 -2.44 24.63
CA ARG C 171 13.95 -1.33 25.56
C ARG C 171 15.30 -0.65 25.39
N ASN C 172 16.35 -1.44 25.21
CA ASN C 172 17.70 -0.90 25.00
C ASN C 172 18.52 -1.93 24.24
N SER C 173 19.77 -1.58 23.95
CA SER C 173 20.63 -2.49 23.23
C SER C 173 20.94 -3.75 24.05
N SER C 174 20.90 -3.65 25.37
CA SER C 174 21.17 -4.80 26.22
C SER C 174 20.10 -5.87 26.05
N GLN C 175 18.83 -5.47 26.04
CA GLN C 175 17.76 -6.43 25.82
C GLN C 175 17.82 -7.01 24.41
N ALA C 176 18.23 -6.19 23.43
CA ALA C 176 18.42 -6.70 22.08
C ALA C 176 19.57 -7.69 22.01
N VAL C 177 20.64 -7.43 22.76
CA VAL C 177 21.79 -8.33 22.77
C VAL C 177 21.37 -9.70 23.31
N GLN C 178 20.52 -9.72 24.34
CA GLN C 178 20.02 -10.99 24.86
C GLN C 178 19.22 -11.74 23.80
N ALA C 179 18.41 -11.02 23.03
CA ALA C 179 17.63 -11.66 21.98
C ALA C 179 18.52 -12.22 20.88
N VAL C 180 19.59 -11.50 20.54
CA VAL C 180 20.53 -11.99 19.54
C VAL C 180 21.23 -13.24 20.05
N ARG C 181 21.59 -13.27 21.33
CA ARG C 181 22.18 -14.46 21.92
C ARG C 181 21.23 -15.65 21.88
N ASP C 182 19.95 -15.43 22.21
CA ASP C 182 19.00 -16.53 22.22
C ASP C 182 18.81 -17.12 20.84
N ALA C 183 18.73 -16.25 19.81
CA ALA C 183 18.67 -16.76 18.44
C ALA C 183 20.01 -17.37 18.04
N GLY C 184 21.11 -16.78 18.51
CA GLY C 184 22.42 -17.37 18.25
C GLY C 184 22.55 -18.76 18.85
N TYR C 185 21.97 -18.97 20.02
CA TYR C 185 21.96 -20.30 20.62
C TYR C 185 21.27 -21.31 19.70
N GLU C 186 20.12 -20.94 19.13
CA GLU C 186 19.41 -21.86 18.23
C GLU C 186 20.23 -22.13 16.97
N ILE C 187 20.89 -21.10 16.43
CA ILE C 187 21.77 -21.37 15.29
C ILE C 187 22.92 -22.25 15.77
N SER C 188 23.46 -21.92 16.94
CA SER C 188 24.51 -22.71 17.57
C SER C 188 23.94 -24.02 18.04
N LEU C 189 22.62 -24.13 18.15
CA LEU C 189 21.99 -25.43 18.36
C LEU C 189 21.73 -26.25 17.09
N GLY C 190 21.95 -25.73 15.88
CA GLY C 190 21.69 -26.52 14.68
C GLY C 190 20.27 -26.50 14.13
N LEU C 191 19.44 -25.53 14.53
CA LEU C 191 18.05 -25.44 14.07
C LEU C 191 17.94 -24.74 12.72
N MET C 192 19.07 -24.32 12.15
CA MET C 192 19.06 -23.71 10.83
C MET C 192 18.79 -24.76 9.76
N PRO C 193 18.09 -24.37 8.69
CA PRO C 193 17.85 -25.30 7.58
C PRO C 193 19.14 -25.58 6.83
N LYS C 194 19.38 -26.86 6.56
CA LYS C 194 20.65 -27.28 5.95
C LYS C 194 20.75 -26.84 4.49
N SER C 195 19.62 -26.75 3.79
CA SER C 195 19.65 -26.56 2.34
C SER C 195 20.15 -25.17 1.95
N ILE C 196 19.96 -24.17 2.80
CA ILE C 196 20.37 -22.81 2.45
C ILE C 196 21.88 -22.62 2.56
N GLY C 197 22.57 -23.45 3.32
CA GLY C 197 24.01 -23.38 3.41
C GLY C 197 24.50 -22.36 4.43
N PRO C 198 25.82 -22.21 4.53
CA PRO C 198 26.38 -21.28 5.51
C PRO C 198 26.09 -19.83 5.14
N LEU C 199 26.02 -18.98 6.16
CA LEU C 199 25.71 -17.57 6.01
C LEU C 199 26.97 -16.75 6.23
N THR C 200 27.24 -15.81 5.33
CA THR C 200 28.42 -14.97 5.38
C THR C 200 28.00 -13.51 5.46
N PHE C 201 28.61 -12.77 6.40
CA PHE C 201 28.32 -11.37 6.63
C PHE C 201 29.56 -10.53 6.35
N VAL C 202 29.41 -9.51 5.51
CA VAL C 202 30.53 -8.64 5.13
C VAL C 202 30.30 -7.26 5.70
N PHE C 203 31.29 -6.74 6.41
CA PHE C 203 31.24 -5.41 7.02
C PHE C 203 32.23 -4.50 6.30
N THR C 204 31.76 -3.32 5.91
CA THR C 204 32.59 -2.33 5.24
C THR C 204 32.63 -1.06 6.06
N GLY C 205 33.70 -0.29 5.86
CA GLY C 205 33.87 0.98 6.54
C GLY C 205 34.69 0.86 7.82
N THR C 206 35.26 1.99 8.22
CA THR C 206 36.07 2.08 9.43
C THR C 206 35.46 2.97 10.51
N GLY C 207 34.26 3.51 10.29
CA GLY C 207 33.65 4.40 11.23
C GLY C 207 33.10 3.69 12.45
N ASN C 208 32.53 4.50 13.37
CA ASN C 208 31.98 3.95 14.59
C ASN C 208 30.75 3.08 14.31
N VAL C 209 30.01 3.38 13.23
CA VAL C 209 28.81 2.61 12.93
C VAL C 209 29.16 1.19 12.55
N SER C 210 30.30 0.98 11.87
CA SER C 210 30.70 -0.37 11.52
C SER C 210 31.05 -1.18 12.76
N LYS C 211 31.71 -0.56 13.74
CA LYS C 211 32.00 -1.25 14.99
C LYS C 211 30.73 -1.56 15.77
N GLY C 212 29.74 -0.67 15.70
CA GLY C 212 28.48 -0.93 16.37
C GLY C 212 27.75 -2.13 15.79
N ALA C 213 27.75 -2.25 14.46
CA ALA C 213 27.13 -3.42 13.84
C ALA C 213 27.90 -4.69 14.15
N GLN C 214 29.23 -4.62 14.20
CA GLN C 214 30.04 -5.78 14.57
C GLN C 214 29.80 -6.20 16.01
N ALA C 215 29.51 -5.23 16.90
CA ALA C 215 29.28 -5.56 18.29
C ALA C 215 28.07 -6.46 18.46
N ILE C 216 26.99 -6.18 17.72
CA ILE C 216 25.81 -7.05 17.75
C ILE C 216 26.14 -8.41 17.12
N PHE C 217 26.94 -8.39 16.04
CA PHE C 217 27.29 -9.64 15.36
C PHE C 217 28.11 -10.57 16.24
N ASN C 218 28.96 -10.01 17.09
CA ASN C 218 29.80 -10.84 17.95
C ASN C 218 29.01 -11.65 18.96
N GLU C 219 27.74 -11.30 19.20
CA GLU C 219 26.91 -12.07 20.12
C GLU C 219 26.38 -13.37 19.49
N LEU C 220 26.47 -13.50 18.18
CA LEU C 220 26.09 -14.72 17.49
C LEU C 220 27.23 -15.72 17.54
N PRO C 221 26.98 -17.00 17.20
CA PRO C 221 28.10 -17.96 17.09
C PRO C 221 28.92 -17.68 15.84
N CYS C 222 29.76 -16.66 15.89
CA CYS C 222 30.44 -16.14 14.71
C CYS C 222 31.89 -16.59 14.65
N GLU C 223 32.40 -16.72 13.42
CA GLU C 223 33.81 -16.92 13.15
C GLU C 223 34.23 -15.93 12.09
N TYR C 224 35.26 -15.13 12.39
CA TYR C 224 35.76 -14.13 11.46
C TYR C 224 36.80 -14.75 10.54
N VAL C 225 36.66 -14.52 9.24
CA VAL C 225 37.58 -15.02 8.23
C VAL C 225 38.02 -13.86 7.35
N GLU C 226 39.14 -14.05 6.67
CA GLU C 226 39.62 -13.04 5.74
C GLU C 226 38.78 -13.04 4.47
N PRO C 227 38.72 -11.91 3.75
CA PRO C 227 37.88 -11.84 2.55
C PRO C 227 38.19 -12.91 1.51
N HIS C 228 39.46 -13.27 1.32
CA HIS C 228 39.77 -14.27 0.32
C HIS C 228 39.27 -15.65 0.73
N GLU C 229 39.03 -15.87 2.02
CA GLU C 229 38.49 -17.13 2.51
C GLU C 229 36.98 -17.24 2.34
N LEU C 230 36.30 -16.15 1.94
CA LEU C 230 34.85 -16.18 1.82
C LEU C 230 34.39 -17.18 0.77
N LYS C 231 35.18 -17.34 -0.31
CA LYS C 231 34.84 -18.34 -1.32
C LYS C 231 34.80 -19.74 -0.73
N GLU C 232 35.74 -20.04 0.18
CA GLU C 232 35.80 -21.38 0.77
C GLU C 232 34.69 -21.58 1.79
N VAL C 233 34.47 -20.62 2.67
CA VAL C 233 33.50 -20.80 3.76
C VAL C 233 32.09 -20.89 3.21
N SER C 234 31.78 -20.20 2.12
CA SER C 234 30.44 -20.20 1.56
C SER C 234 29.99 -21.60 1.11
N GLN C 235 30.94 -22.51 0.89
CA GLN C 235 30.64 -23.87 0.48
C GLN C 235 30.88 -24.90 1.58
N THR C 236 31.96 -24.76 2.35
CA THR C 236 32.34 -25.77 3.33
C THR C 236 32.16 -25.30 4.77
N GLY C 237 31.51 -24.16 4.98
CA GLY C 237 31.36 -23.64 6.33
C GLY C 237 30.43 -24.49 7.18
N ASP C 238 30.69 -24.46 8.49
CA ASP C 238 29.84 -25.15 9.45
C ASP C 238 28.48 -24.45 9.53
N LEU C 239 27.39 -25.24 9.51
CA LEU C 239 26.05 -24.68 9.52
C LEU C 239 25.57 -24.21 10.90
N ARG C 240 26.30 -24.52 11.98
CA ARG C 240 25.97 -24.01 13.31
C ARG C 240 26.68 -22.71 13.60
N LYS C 241 27.35 -22.13 12.61
CA LYS C 241 28.05 -20.88 12.78
C LYS C 241 27.63 -19.91 11.69
N VAL C 242 27.80 -18.63 11.98
CA VAL C 242 27.73 -17.59 10.96
C VAL C 242 29.14 -17.06 10.77
N TYR C 243 29.45 -16.64 9.56
CA TYR C 243 30.79 -16.21 9.20
C TYR C 243 30.78 -14.74 8.83
N GLY C 244 31.74 -14.00 9.36
CA GLY C 244 31.85 -12.59 9.08
C GLY C 244 33.24 -12.22 8.61
N THR C 245 33.31 -11.14 7.85
CA THR C 245 34.58 -10.59 7.40
C THR C 245 34.47 -9.08 7.36
N VAL C 246 35.59 -8.41 7.66
CA VAL C 246 35.66 -6.96 7.65
C VAL C 246 36.44 -6.55 6.42
N LEU C 247 35.80 -5.82 5.53
CA LEU C 247 36.40 -5.40 4.27
C LEU C 247 37.19 -4.11 4.49
N SER C 248 38.47 -4.15 4.19
CA SER C 248 39.32 -2.96 4.23
C SER C 248 39.58 -2.48 2.80
N ARG C 249 40.17 -1.29 2.71
CA ARG C 249 40.45 -0.71 1.40
C ARG C 249 41.38 -1.60 0.58
N HIS C 250 42.44 -2.10 1.21
CA HIS C 250 43.43 -2.90 0.49
C HIS C 250 42.87 -4.24 0.01
N HIS C 251 41.73 -4.68 0.55
CA HIS C 251 41.19 -5.97 0.17
C HIS C 251 40.56 -5.96 -1.22
N HIS C 252 39.92 -4.85 -1.60
CA HIS C 252 39.16 -4.80 -2.84
C HIS C 252 39.53 -3.64 -3.75
N LEU C 253 40.28 -2.66 -3.29
CA LEU C 253 40.61 -1.48 -4.08
C LEU C 253 41.95 -1.72 -4.75
N VAL C 254 41.97 -1.58 -6.07
CA VAL C 254 43.19 -1.74 -6.86
C VAL C 254 43.23 -0.61 -7.88
N ARG C 255 44.43 -0.17 -8.22
CA ARG C 255 44.58 0.82 -9.27
C ARG C 255 44.33 0.15 -10.61
N LYS C 256 43.74 0.90 -11.54
CA LYS C 256 43.51 0.35 -12.88
C LYS C 256 44.83 0.03 -13.58
N THR C 257 45.90 0.78 -13.25
CA THR C 257 47.13 0.69 -14.01
C THR C 257 47.99 -0.53 -13.65
N ASP C 258 48.16 -0.83 -12.35
CA ASP C 258 49.05 -1.94 -11.94
C ASP C 258 48.34 -2.95 -11.06
N ALA C 259 47.02 -2.83 -10.86
CA ALA C 259 46.27 -3.66 -9.91
C ALA C 259 46.86 -3.58 -8.50
N VAL C 260 47.64 -2.53 -8.24
CA VAL C 260 48.30 -2.28 -6.96
C VAL C 260 47.46 -1.32 -6.14
N TYR C 261 47.49 -1.50 -4.82
CA TYR C 261 46.84 -0.59 -3.89
C TYR C 261 47.92 0.23 -3.18
N ASP C 262 47.78 1.56 -3.25
CA ASP C 262 48.66 2.48 -2.54
C ASP C 262 47.79 3.32 -1.61
N PRO C 263 47.99 3.25 -0.30
CA PRO C 263 47.11 3.99 0.62
C PRO C 263 47.16 5.49 0.43
N ALA C 264 48.37 6.07 0.32
CA ALA C 264 48.48 7.51 0.16
C ALA C 264 47.91 7.98 -1.17
N GLU C 265 48.15 7.23 -2.24
CA GLU C 265 47.68 7.65 -3.56
C GLU C 265 46.17 7.57 -3.67
N TYR C 266 45.56 6.53 -3.10
CA TYR C 266 44.11 6.36 -3.20
C TYR C 266 43.37 7.49 -2.50
N ASP C 267 43.86 7.92 -1.33
CA ASP C 267 43.20 8.98 -0.59
C ASP C 267 43.22 10.29 -1.38
N LYS C 268 44.35 10.62 -2.00
CA LYS C 268 44.44 11.84 -2.79
C LYS C 268 43.78 11.69 -4.16
N HIS C 269 43.89 10.52 -4.78
CA HIS C 269 43.39 10.29 -6.13
C HIS C 269 42.58 9.00 -6.16
N PRO C 270 41.35 9.03 -5.65
CA PRO C 270 40.49 7.84 -5.73
C PRO C 270 40.02 7.52 -7.14
N GLU C 271 40.05 8.48 -8.06
CA GLU C 271 39.58 8.25 -9.42
C GLU C 271 40.48 7.27 -10.16
N ARG C 272 41.72 7.07 -9.72
CA ARG C 272 42.62 6.13 -10.36
C ARG C 272 42.38 4.69 -9.96
N TYR C 273 41.46 4.44 -9.02
CA TYR C 273 41.24 3.12 -8.47
C TYR C 273 39.86 2.59 -8.87
N ILE C 274 39.74 1.27 -8.78
CA ILE C 274 38.49 0.55 -9.02
C ILE C 274 38.28 -0.44 -7.88
N SER C 275 37.07 -0.97 -7.80
CA SER C 275 36.70 -1.94 -6.76
C SER C 275 36.44 -3.29 -7.42
N ARG C 276 37.10 -4.33 -6.90
CA ARG C 276 36.85 -5.70 -7.34
C ARG C 276 35.90 -6.44 -6.41
N PHE C 277 35.14 -5.70 -5.59
CA PHE C 277 34.18 -6.31 -4.68
C PHE C 277 33.13 -7.13 -5.45
N ASN C 278 32.78 -6.70 -6.66
CA ASN C 278 31.70 -7.36 -7.39
C ASN C 278 32.05 -8.80 -7.75
N THR C 279 33.33 -9.10 -7.97
CA THR C 279 33.74 -10.44 -8.36
C THR C 279 34.42 -11.22 -7.26
N ASP C 280 35.18 -10.56 -6.39
CA ASP C 280 35.96 -11.25 -5.37
C ASP C 280 35.17 -11.56 -4.11
N ILE C 281 34.21 -10.69 -3.73
CA ILE C 281 33.51 -10.79 -2.46
C ILE C 281 32.01 -11.01 -2.66
N ALA C 282 31.41 -10.25 -3.57
CA ALA C 282 29.95 -10.26 -3.74
C ALA C 282 29.35 -11.65 -4.00
N PRO C 283 29.90 -12.50 -4.87
CA PRO C 283 29.24 -13.79 -5.12
C PRO C 283 29.18 -14.71 -3.91
N TYR C 284 30.00 -14.49 -2.89
CA TYR C 284 30.05 -15.35 -1.72
C TYR C 284 29.51 -14.67 -0.47
N THR C 285 28.76 -13.58 -0.63
CA THR C 285 28.25 -12.79 0.48
C THR C 285 26.75 -13.02 0.63
N THR C 286 26.34 -13.46 1.81
CA THR C 286 24.91 -13.58 2.09
C THR C 286 24.30 -12.23 2.48
N CYS C 287 24.99 -11.47 3.31
CA CYS C 287 24.47 -10.20 3.82
C CYS C 287 25.60 -9.18 3.87
N LEU C 288 25.37 -8.01 3.28
CA LEU C 288 26.36 -6.94 3.22
C LEU C 288 25.92 -5.81 4.13
N ILE C 289 26.77 -5.44 5.07
CA ILE C 289 26.55 -4.31 5.97
C ILE C 289 27.46 -3.19 5.47
N ASN C 290 26.88 -2.22 4.79
CA ASN C 290 27.64 -1.18 4.11
C ASN C 290 27.78 0.03 5.04
N GLY C 291 29.00 0.25 5.51
CA GLY C 291 29.32 1.43 6.29
C GLY C 291 30.28 2.39 5.63
N ILE C 292 30.62 2.19 4.35
CA ILE C 292 31.56 3.06 3.67
C ILE C 292 30.93 4.42 3.45
N TYR C 293 31.65 5.47 3.79
CA TYR C 293 31.21 6.84 3.54
C TYR C 293 31.70 7.23 2.15
N TRP C 294 30.78 7.38 1.21
CA TRP C 294 31.16 7.58 -0.17
C TRP C 294 31.74 8.99 -0.36
N ALA C 295 32.89 9.07 -1.01
CA ALA C 295 33.59 10.32 -1.26
C ALA C 295 33.70 10.58 -2.77
N ALA C 296 34.43 11.64 -3.10
CA ALA C 296 34.57 12.05 -4.50
C ALA C 296 35.31 11.00 -5.31
N ASN C 297 34.78 10.72 -6.50
CA ASN C 297 35.36 9.75 -7.45
C ASN C 297 35.66 8.39 -6.80
N THR C 298 35.00 8.08 -5.68
CA THR C 298 35.22 6.80 -5.03
C THR C 298 34.57 5.68 -5.85
N PRO C 299 35.25 4.57 -6.07
CA PRO C 299 34.68 3.49 -6.87
C PRO C 299 33.47 2.88 -6.19
N ARG C 300 32.57 2.36 -7.01
CA ARG C 300 31.33 1.74 -6.53
C ARG C 300 31.58 0.29 -6.15
N LEU C 301 30.94 -0.14 -5.06
CA LEU C 301 31.05 -1.54 -4.66
C LEU C 301 30.30 -2.45 -5.63
N LEU C 302 29.07 -2.10 -5.97
CA LEU C 302 28.24 -2.88 -6.89
C LEU C 302 27.55 -1.95 -7.87
N THR C 303 27.34 -2.44 -9.07
CA THR C 303 26.66 -1.70 -10.13
C THR C 303 25.35 -2.40 -10.49
N ARG C 304 24.56 -1.77 -11.37
CA ARG C 304 23.30 -2.38 -11.78
C ARG C 304 23.51 -3.67 -12.56
N GLN C 305 24.54 -3.70 -13.42
CA GLN C 305 24.86 -4.95 -14.12
C GLN C 305 25.40 -6.00 -13.15
N ASP C 306 26.11 -5.57 -12.11
CA ASP C 306 26.55 -6.53 -11.10
C ASP C 306 25.35 -7.18 -10.44
N ALA C 307 24.30 -6.41 -10.17
CA ALA C 307 23.07 -6.99 -9.65
C ALA C 307 22.44 -7.92 -10.67
N GLN C 308 22.49 -7.54 -11.96
CA GLN C 308 21.97 -8.39 -13.01
C GLN C 308 22.75 -9.70 -13.09
N SER C 309 24.07 -9.64 -12.88
CA SER C 309 24.87 -10.85 -12.86
C SER C 309 24.55 -11.69 -11.63
N LEU C 310 24.32 -11.04 -10.49
CA LEU C 310 23.99 -11.78 -9.26
C LEU C 310 22.59 -12.37 -9.32
N LEU C 311 21.67 -11.71 -10.02
CA LEU C 311 20.29 -12.17 -10.14
C LEU C 311 20.13 -12.95 -11.44
N ALA C 312 20.00 -14.26 -11.33
CA ALA C 312 19.86 -15.12 -12.52
C ALA C 312 18.96 -16.32 -12.23
N GLU C 322 13.41 -31.34 -2.95
CA GLU C 322 12.19 -30.64 -3.33
C GLU C 322 11.57 -29.91 -2.14
N GLY C 323 11.55 -30.57 -0.98
CA GLY C 323 11.00 -29.95 0.20
C GLY C 323 11.90 -28.89 0.81
N CYS C 324 13.22 -29.03 0.61
CA CYS C 324 14.21 -28.10 1.16
C CYS C 324 14.99 -27.49 0.01
N PRO C 325 14.47 -26.44 -0.61
CA PRO C 325 15.17 -25.81 -1.74
C PRO C 325 16.31 -24.91 -1.26
N ALA C 326 17.29 -24.74 -2.14
CA ALA C 326 18.39 -23.83 -1.89
C ALA C 326 17.99 -22.39 -2.22
N LEU C 327 18.81 -21.46 -1.74
CA LEU C 327 18.57 -20.05 -2.02
C LEU C 327 18.63 -19.79 -3.53
N PRO C 328 17.81 -18.87 -4.05
CA PRO C 328 17.94 -18.54 -5.49
C PRO C 328 19.27 -17.90 -5.83
N HIS C 329 19.77 -17.03 -4.96
CA HIS C 329 21.10 -16.45 -5.11
C HIS C 329 21.72 -16.29 -3.73
N LYS C 330 23.06 -16.25 -3.70
CA LYS C 330 23.78 -16.20 -2.44
C LYS C 330 23.46 -14.91 -1.69
N LEU C 331 23.45 -13.78 -2.38
CA LEU C 331 23.20 -12.50 -1.74
C LEU C 331 21.73 -12.39 -1.38
N VAL C 332 21.44 -12.15 -0.10
CA VAL C 332 20.08 -12.09 0.40
C VAL C 332 19.68 -10.67 0.76
N ALA C 333 20.55 -9.92 1.44
CA ALA C 333 20.17 -8.61 1.95
C ALA C 333 21.38 -7.69 1.95
N ILE C 334 21.10 -6.39 1.85
CA ILE C 334 22.11 -5.34 1.96
C ILE C 334 21.55 -4.27 2.89
N CYS C 335 22.32 -3.91 3.92
CA CYS C 335 21.96 -2.86 4.86
C CYS C 335 23.07 -1.83 4.90
N ASP C 336 22.73 -0.58 4.58
CA ASP C 336 23.67 0.52 4.68
C ASP C 336 23.44 1.27 5.99
N ILE C 337 24.48 1.39 6.80
CA ILE C 337 24.39 2.06 8.08
C ILE C 337 25.00 3.46 8.03
N SER C 338 25.57 3.85 6.90
CA SER C 338 26.13 5.17 6.70
C SER C 338 25.12 6.16 6.10
N ALA C 339 23.87 5.73 5.91
CA ALA C 339 22.83 6.55 5.29
C ALA C 339 23.24 7.00 3.89
N ASP C 340 23.83 6.09 3.12
CA ASP C 340 24.23 6.38 1.75
C ASP C 340 23.03 6.27 0.80
N GLY C 343 25.61 6.35 -2.41
CA GLY C 343 26.14 6.27 -3.76
C GLY C 343 27.04 5.06 -3.97
N SER C 344 27.34 4.35 -2.87
CA SER C 344 28.16 3.14 -2.97
C SER C 344 27.47 2.05 -3.78
N ILE C 345 26.15 1.96 -3.68
CA ILE C 345 25.36 0.96 -4.38
C ILE C 345 24.37 1.73 -5.26
N GLU C 346 24.58 1.69 -6.58
CA GLU C 346 23.76 2.53 -7.45
C GLU C 346 22.31 2.06 -7.50
N PHE C 347 22.09 0.74 -7.46
CA PHE C 347 20.70 0.28 -7.54
C PHE C 347 19.93 0.51 -6.25
N MET C 348 20.58 1.06 -5.21
CA MET C 348 19.89 1.51 -4.01
C MET C 348 19.56 3.01 -4.14
N THR C 349 18.56 3.28 -4.99
CA THR C 349 18.21 4.66 -5.30
C THR C 349 17.25 5.28 -4.30
N GLU C 350 16.52 4.47 -3.53
CA GLU C 350 15.55 4.97 -2.57
C GLU C 350 15.87 4.46 -1.17
N CYS C 351 15.46 5.25 -0.17
CA CYS C 351 15.69 4.93 1.23
C CYS C 351 14.41 4.42 1.86
N THR C 352 14.54 3.64 2.92
CA THR C 352 13.40 3.11 3.65
C THR C 352 13.20 3.91 4.94
N THR C 353 12.10 3.60 5.62
CA THR C 353 11.74 4.26 6.88
C THR C 353 11.58 3.22 7.98
N ILE C 354 11.48 3.70 9.22
CA ILE C 354 11.27 2.79 10.35
C ILE C 354 9.96 2.03 10.19
N GLU C 355 8.92 2.71 9.69
CA GLU C 355 7.62 2.06 9.52
C GLU C 355 7.68 0.99 8.43
N HIS C 356 8.40 1.24 7.34
CA HIS C 356 8.52 0.33 6.21
C HIS C 356 10.01 0.08 6.00
N PRO C 357 10.61 -0.82 6.77
CA PRO C 357 12.08 -0.90 6.80
C PRO C 357 12.69 -1.57 5.58
N PHE C 358 11.98 -2.43 4.88
CA PHE C 358 12.59 -3.24 3.85
C PHE C 358 11.88 -3.08 2.51
N CYS C 359 12.66 -3.16 1.44
CA CYS C 359 12.16 -3.16 0.07
C CYS C 359 12.97 -4.17 -0.74
N MET C 360 12.41 -4.58 -1.87
CA MET C 360 13.02 -5.60 -2.72
C MET C 360 13.40 -4.99 -4.06
N TYR C 361 14.62 -5.27 -4.51
CA TYR C 361 15.11 -4.83 -5.82
C TYR C 361 15.22 -6.07 -6.71
N ASP C 362 14.37 -6.14 -7.72
CA ASP C 362 14.27 -7.31 -8.59
C ASP C 362 15.23 -7.19 -9.78
N ALA C 363 15.26 -8.22 -10.61
CA ALA C 363 16.06 -8.20 -11.82
C ALA C 363 15.48 -7.24 -12.85
N ASP C 364 14.21 -6.86 -12.70
CA ASP C 364 13.55 -5.90 -13.56
C ASP C 364 13.92 -4.46 -13.19
N GLN C 365 14.83 -4.30 -12.24
CA GLN C 365 15.34 -2.99 -11.83
C GLN C 365 14.22 -2.11 -11.28
N HIS C 366 13.20 -2.74 -10.70
CA HIS C 366 12.12 -2.06 -10.02
C HIS C 366 12.18 -2.35 -8.52
N ILE C 367 11.83 -1.36 -7.72
CA ILE C 367 11.90 -1.47 -6.26
C ILE C 367 10.48 -1.66 -5.74
N ILE C 368 10.27 -2.74 -5.00
CA ILE C 368 8.99 -3.01 -4.35
C ILE C 368 9.14 -2.65 -2.88
N HIS C 369 8.49 -1.57 -2.47
CA HIS C 369 8.61 -1.08 -1.10
C HIS C 369 7.72 -1.87 -0.15
N ASP C 370 8.17 -1.96 1.10
CA ASP C 370 7.44 -2.64 2.17
C ASP C 370 7.13 -4.08 1.78
N SER C 371 8.16 -4.77 1.29
CA SER C 371 8.00 -6.15 0.85
C SER C 371 9.28 -6.93 1.14
N VAL C 372 9.10 -8.21 1.47
CA VAL C 372 10.18 -9.18 1.55
C VAL C 372 10.00 -10.31 0.55
N GLU C 373 9.06 -10.18 -0.37
CA GLU C 373 8.66 -11.22 -1.30
C GLU C 373 9.38 -11.04 -2.65
N GLY C 374 9.33 -12.09 -3.45
CA GLY C 374 9.91 -12.05 -4.79
C GLY C 374 11.30 -12.65 -4.82
N SER C 375 11.90 -12.54 -6.00
CA SER C 375 13.23 -13.08 -6.27
C SER C 375 14.32 -12.01 -6.18
N GLY C 376 13.99 -10.81 -5.70
CA GLY C 376 14.93 -9.72 -5.63
C GLY C 376 15.86 -9.82 -4.44
N ILE C 377 16.57 -8.71 -4.20
CA ILE C 377 17.51 -8.58 -3.09
C ILE C 377 16.88 -7.69 -2.03
N LEU C 378 16.93 -8.12 -0.78
CA LEU C 378 16.41 -7.33 0.33
C LEU C 378 17.31 -6.14 0.61
N MET C 379 16.71 -4.97 0.75
CA MET C 379 17.46 -3.73 0.98
C MET C 379 16.84 -2.96 2.14
N CYS C 380 17.70 -2.38 2.97
CA CYS C 380 17.27 -1.58 4.11
C CYS C 380 18.14 -0.34 4.17
N SER C 381 17.49 0.84 4.18
CA SER C 381 18.23 2.11 4.19
C SER C 381 17.39 3.13 4.97
N ILE C 382 17.65 3.21 6.28
CA ILE C 382 16.92 4.11 7.16
C ILE C 382 17.80 5.30 7.48
N ASP C 383 17.24 6.51 7.32
CA ASP C 383 17.99 7.74 7.52
C ASP C 383 18.18 8.09 8.99
N ASN C 384 17.33 7.59 9.88
CA ASN C 384 17.41 7.91 11.31
C ASN C 384 17.45 6.62 12.13
N LEU C 385 18.46 5.80 11.86
CA LEU C 385 18.65 4.57 12.63
C LEU C 385 18.80 4.81 14.14
N PRO C 386 19.57 5.78 14.62
CA PRO C 386 19.71 5.95 16.08
C PRO C 386 18.40 6.26 16.79
N ALA C 387 17.37 6.73 16.07
CA ALA C 387 16.08 6.98 16.69
C ALA C 387 15.43 5.72 17.21
N GLN C 388 15.84 4.55 16.70
CA GLN C 388 15.30 3.29 17.21
C GLN C 388 15.85 2.92 18.57
N LEU C 389 17.03 3.45 18.93
CA LEU C 389 17.62 3.28 20.27
C LEU C 389 17.80 4.67 20.87
N PRO C 390 16.70 5.36 21.18
CA PRO C 390 16.81 6.80 21.47
C PRO C 390 17.47 7.12 22.81
N ILE C 391 17.35 6.25 23.82
CA ILE C 391 17.98 6.54 25.10
C ILE C 391 19.50 6.51 24.97
N GLU C 392 20.04 5.44 24.40
CA GLU C 392 21.48 5.35 24.21
C GLU C 392 21.98 6.35 23.18
N ALA C 393 21.17 6.66 22.16
CA ALA C 393 21.54 7.68 21.20
C ALA C 393 21.57 9.07 21.84
N THR C 394 20.67 9.33 22.79
CA THR C 394 20.65 10.63 23.45
C THR C 394 21.88 10.84 24.33
N GLU C 395 22.29 9.81 25.07
CA GLU C 395 23.48 9.93 25.90
C GLU C 395 24.73 10.13 25.06
N CYS C 396 24.83 9.41 23.94
CA CYS C 396 25.99 9.55 23.07
C CYS C 396 26.05 10.94 22.45
N PHE C 397 24.92 11.41 21.93
CA PHE C 397 24.87 12.75 21.36
C PHE C 397 25.18 13.81 22.40
N GLY C 398 24.62 13.65 23.61
CA GLY C 398 24.85 14.64 24.66
C GLY C 398 26.30 14.70 25.12
N ASP C 399 26.98 13.55 25.15
CA ASP C 399 28.38 13.52 25.54
C ASP C 399 29.23 14.35 24.59
N MET C 400 28.96 14.26 23.29
CA MET C 400 29.74 15.01 22.31
C MET C 400 29.41 16.49 22.37
N LEU C 401 28.14 16.82 22.63
CA LEU C 401 27.70 18.23 22.62
C LEU C 401 28.06 18.94 23.92
N TYR C 402 28.19 18.21 25.02
CA TYR C 402 28.35 18.82 26.34
C TYR C 402 29.46 19.85 26.44
N PRO C 403 30.68 19.62 25.94
CA PRO C 403 31.73 20.64 26.11
C PRO C 403 31.43 21.97 25.44
N TYR C 404 30.64 21.96 24.37
CA TYR C 404 30.31 23.19 23.65
C TYR C 404 29.04 23.86 24.17
N VAL C 405 28.38 23.28 25.17
CA VAL C 405 27.11 23.84 25.62
C VAL C 405 27.31 25.17 26.33
N GLU C 406 28.33 25.26 27.18
CA GLU C 406 28.50 26.46 28.01
C GLU C 406 28.74 27.70 27.17
N GLU C 407 29.53 27.57 26.09
CA GLU C 407 29.79 28.73 25.25
C GLU C 407 28.55 29.16 24.48
N MET C 408 27.64 28.21 24.20
CA MET C 408 26.38 28.56 23.54
C MET C 408 25.45 29.30 24.49
N ILE C 409 25.41 28.90 25.76
CA ILE C 409 24.54 29.58 26.72
C ILE C 409 24.97 31.02 26.91
N LEU C 410 26.28 31.27 26.92
CA LEU C 410 26.81 32.62 27.10
C LEU C 410 26.61 33.50 25.87
N SER C 411 26.21 32.92 24.74
CA SER C 411 26.01 33.71 23.53
C SER C 411 24.76 34.57 23.67
N ASP C 412 24.76 35.69 22.94
CA ASP C 412 23.64 36.63 22.93
C ASP C 412 23.20 36.85 21.49
N ALA C 413 21.95 36.50 21.20
CA ALA C 413 21.44 36.65 19.84
C ALA C 413 21.31 38.10 19.42
N THR C 414 21.18 39.02 20.38
CA THR C 414 21.04 40.43 20.04
C THR C 414 22.38 41.08 19.71
N GLN C 415 23.46 40.65 20.36
CA GLN C 415 24.77 41.22 20.09
C GLN C 415 25.32 40.69 18.77
N PRO C 416 26.22 41.45 18.13
CA PRO C 416 26.79 41.00 16.85
C PRO C 416 27.60 39.73 17.01
N LEU C 417 27.70 38.97 15.92
CA LEU C 417 28.45 37.72 15.93
C LEU C 417 29.93 37.95 16.21
N GLU C 418 30.48 39.09 15.76
CA GLU C 418 31.90 39.35 15.92
C GLU C 418 32.27 39.60 17.38
N SER C 419 31.33 40.09 18.18
CA SER C 419 31.61 40.33 19.60
C SER C 419 31.49 39.07 20.45
N GLN C 420 30.95 37.98 19.89
CA GLN C 420 30.79 36.75 20.65
C GLN C 420 32.13 36.03 20.78
N ASN C 421 32.35 35.43 21.95
CA ASN C 421 33.56 34.65 22.23
C ASN C 421 33.28 33.20 21.85
N PHE C 422 33.40 32.92 20.56
CA PHE C 422 33.13 31.59 20.02
C PHE C 422 34.43 30.90 19.63
N SER C 423 34.44 29.58 19.81
CA SER C 423 35.47 28.72 19.25
C SER C 423 35.22 28.48 17.77
N PRO C 424 36.24 28.09 17.01
CA PRO C 424 36.03 27.80 15.58
C PRO C 424 34.98 26.75 15.31
N VAL C 425 34.76 25.81 16.23
CA VAL C 425 33.76 24.77 16.02
C VAL C 425 32.35 25.38 15.98
N VAL C 426 32.06 26.25 16.95
CA VAL C 426 30.74 26.89 17.00
C VAL C 426 30.64 27.98 15.95
N ARG C 427 31.73 28.73 15.75
CA ARG C 427 31.70 29.90 14.88
C ARG C 427 31.41 29.52 13.43
N ASP C 428 32.07 28.49 12.91
CA ASP C 428 31.81 28.05 11.55
C ASP C 428 30.42 27.43 11.37
N ALA C 429 29.74 27.08 12.46
CA ALA C 429 28.44 26.42 12.37
C ALA C 429 27.26 27.38 12.40
N VAL C 430 27.49 28.68 12.59
CA VAL C 430 26.38 29.63 12.64
C VAL C 430 25.84 29.85 11.23
N ILE C 431 24.59 29.44 11.01
CA ILE C 431 23.99 29.52 9.68
C ILE C 431 23.31 30.87 9.43
N THR C 432 22.64 31.43 10.44
CA THR C 432 21.82 32.62 10.20
C THR C 432 22.31 33.87 10.92
N SER C 433 22.88 33.76 12.13
CA SER C 433 23.42 34.92 12.82
C SER C 433 22.37 36.02 12.97
N ASN C 434 22.81 37.22 13.32
CA ASN C 434 21.90 38.36 13.48
C ASN C 434 21.18 38.69 12.17
N GLY C 435 20.14 37.95 11.83
CA GLY C 435 19.29 38.31 10.71
C GLY C 435 19.83 38.09 9.32
N THR C 436 21.15 38.01 9.16
CA THR C 436 21.77 37.95 7.84
C THR C 436 22.71 36.76 7.74
N LEU C 437 22.68 36.09 6.60
CA LEU C 437 23.55 34.94 6.39
C LEU C 437 25.00 35.41 6.26
N PRO C 438 25.94 34.73 6.91
CA PRO C 438 27.35 35.09 6.77
C PRO C 438 27.86 34.81 5.37
N ASP C 439 29.08 35.27 5.12
CA ASP C 439 29.70 35.10 3.80
C ASP C 439 29.78 33.62 3.41
N LYS C 440 30.21 32.77 4.34
CA LYS C 440 30.37 31.35 4.04
C LYS C 440 29.05 30.67 3.68
N TYR C 441 27.93 31.20 4.16
CA TYR C 441 26.62 30.64 3.87
C TYR C 441 25.74 31.57 3.05
N LYS C 442 26.32 32.62 2.46
CA LYS C 442 25.53 33.52 1.62
C LYS C 442 25.04 32.80 0.36
N TYR C 443 25.81 31.81 -0.12
CA TYR C 443 25.48 31.09 -1.34
C TYR C 443 24.11 30.44 -1.29
N ILE C 444 23.57 30.18 -0.10
CA ILE C 444 22.29 29.48 0.02
C ILE C 444 21.20 30.23 -0.75
N GLN C 445 21.21 31.56 -0.66
CA GLN C 445 20.18 32.35 -1.34
C GLN C 445 20.24 32.14 -2.85
N THR C 446 21.45 32.10 -3.42
CA THR C 446 21.59 31.85 -4.85
C THR C 446 21.17 30.44 -5.23
N LEU C 447 21.34 29.47 -4.33
CA LEU C 447 20.91 28.10 -4.61
C LEU C 447 19.43 27.88 -4.39
N ARG C 448 18.64 28.95 -4.30
CA ARG C 448 17.19 28.93 -4.03
C ARG C 448 16.61 27.58 -3.62
N ALA D 6 -50.69 -0.23 -0.84
CA ALA D 6 -49.93 -0.52 -2.04
C ALA D 6 -49.04 0.64 -2.42
N VAL D 7 -47.98 0.88 -1.62
CA VAL D 7 -47.06 1.98 -1.85
C VAL D 7 -45.67 1.40 -2.00
N LEU D 8 -44.94 1.86 -3.03
CA LEU D 8 -43.62 1.37 -3.36
C LEU D 8 -42.58 2.45 -3.09
N ALA D 9 -41.43 2.05 -2.56
CA ALA D 9 -40.32 2.97 -2.32
C ALA D 9 -39.03 2.38 -2.85
N VAL D 10 -38.20 3.24 -3.43
CA VAL D 10 -36.86 2.87 -3.87
C VAL D 10 -35.88 3.48 -2.89
N ARG D 11 -35.27 2.64 -2.06
CA ARG D 11 -34.38 3.13 -1.02
C ARG D 11 -33.05 3.57 -1.62
N ARG D 12 -32.32 4.37 -0.84
CA ARG D 12 -31.00 4.83 -1.23
C ARG D 12 -29.95 3.77 -0.92
N GLU D 13 -29.05 3.54 -1.86
CA GLU D 13 -27.97 2.58 -1.67
C GLU D 13 -26.89 3.18 -0.77
N ASP D 14 -26.49 2.44 0.25
CA ASP D 14 -25.46 2.90 1.17
C ASP D 14 -24.50 1.79 1.57
N VAL D 15 -24.40 0.72 0.78
CA VAL D 15 -23.45 -0.35 1.06
C VAL D 15 -22.01 0.16 0.94
N ASN D 16 -21.64 0.62 -0.25
CA ASN D 16 -20.31 1.19 -0.48
C ASN D 16 -20.44 2.41 -1.39
N ALA D 17 -19.30 3.08 -1.62
CA ALA D 17 -19.31 4.31 -2.39
C ALA D 17 -19.57 4.07 -3.87
N TRP D 18 -19.24 2.89 -4.38
CA TRP D 18 -19.33 2.61 -5.81
C TRP D 18 -20.69 2.06 -6.23
N GLU D 19 -21.63 1.90 -5.31
CA GLU D 19 -22.96 1.40 -5.64
C GLU D 19 -23.82 2.55 -6.12
N ARG D 20 -23.74 2.83 -7.41
CA ARG D 20 -24.51 3.91 -8.03
C ARG D 20 -25.73 3.41 -8.79
N ARG D 21 -26.01 2.11 -8.74
CA ARG D 21 -27.14 1.54 -9.45
C ARG D 21 -28.43 1.70 -8.65
N ALA D 22 -29.55 1.41 -9.31
CA ALA D 22 -30.87 1.40 -8.72
C ALA D 22 -31.61 0.16 -9.19
N PRO D 23 -32.56 -0.34 -8.41
CA PRO D 23 -33.32 -1.52 -8.85
C PRO D 23 -34.29 -1.22 -9.98
N LEU D 24 -34.70 0.03 -10.15
CA LEU D 24 -35.63 0.40 -11.21
C LEU D 24 -35.20 1.74 -11.80
N ALA D 25 -35.39 1.88 -13.11
CA ALA D 25 -35.06 3.09 -13.84
C ALA D 25 -36.29 4.00 -13.90
N PRO D 26 -36.10 5.27 -14.28
CA PRO D 26 -37.26 6.17 -14.38
C PRO D 26 -38.36 5.66 -15.31
N LYS D 27 -38.03 5.05 -16.46
CA LYS D 27 -39.11 4.59 -17.33
C LYS D 27 -39.93 3.49 -16.67
N HIS D 28 -39.32 2.72 -15.77
CA HIS D 28 -40.07 1.70 -15.04
C HIS D 28 -40.97 2.35 -13.99
N ILE D 29 -40.49 3.41 -13.35
CA ILE D 29 -41.31 4.12 -12.37
C ILE D 29 -42.53 4.73 -13.04
N LYS D 30 -42.37 5.22 -14.27
CA LYS D 30 -43.51 5.78 -15.00
C LYS D 30 -44.55 4.70 -15.29
N GLY D 31 -44.10 3.48 -15.61
CA GLY D 31 -45.03 2.40 -15.84
C GLY D 31 -45.79 1.99 -14.58
N ILE D 32 -45.10 2.00 -13.44
CA ILE D 32 -45.75 1.63 -12.18
C ILE D 32 -46.78 2.69 -11.80
N THR D 33 -46.47 3.97 -12.04
CA THR D 33 -47.44 5.02 -11.76
C THR D 33 -48.62 4.97 -12.73
N ASN D 34 -48.40 4.48 -13.95
CA ASN D 34 -49.50 4.31 -14.90
C ASN D 34 -50.48 3.25 -14.41
N LEU D 35 -49.98 2.23 -13.69
CA LEU D 35 -50.86 1.21 -13.14
C LEU D 35 -51.67 1.74 -11.97
N GLY D 36 -51.31 2.89 -11.41
CA GLY D 36 -52.01 3.47 -10.30
C GLY D 36 -51.35 3.33 -8.95
N TYR D 37 -50.09 2.92 -8.89
CA TYR D 37 -49.37 2.73 -7.64
C TYR D 37 -48.52 3.95 -7.32
N LYS D 38 -48.48 4.33 -6.06
CA LYS D 38 -47.66 5.45 -5.60
C LYS D 38 -46.23 4.99 -5.36
N VAL D 39 -45.27 5.73 -5.88
CA VAL D 39 -43.85 5.39 -5.80
C VAL D 39 -43.11 6.51 -5.10
N LEU D 40 -42.44 6.19 -4.00
CA LEU D 40 -41.59 7.12 -3.28
C LEU D 40 -40.14 6.87 -3.67
N ILE D 41 -39.39 7.96 -3.88
CA ILE D 41 -37.98 7.88 -4.24
C ILE D 41 -37.19 8.55 -3.12
N GLN D 42 -36.38 7.77 -2.42
CA GLN D 42 -35.54 8.33 -1.38
C GLN D 42 -34.38 9.10 -2.03
N PRO D 43 -34.16 10.37 -1.67
CA PRO D 43 -33.11 11.14 -2.33
C PRO D 43 -31.74 10.54 -2.08
N SER D 44 -30.90 10.56 -3.12
CA SER D 44 -29.59 9.91 -3.06
C SER D 44 -28.66 10.63 -4.03
N ASN D 45 -27.63 11.30 -3.50
CA ASN D 45 -26.60 11.86 -4.34
C ASN D 45 -25.68 10.78 -4.92
N ARG D 46 -25.71 9.57 -4.36
CA ARG D 46 -24.85 8.49 -4.82
C ARG D 46 -25.36 7.84 -6.10
N ARG D 47 -26.67 7.86 -6.36
CA ARG D 47 -27.22 7.24 -7.54
C ARG D 47 -26.78 7.96 -8.80
N ALA D 48 -26.48 7.20 -9.85
CA ALA D 48 -26.01 7.78 -11.10
C ALA D 48 -27.13 8.47 -11.87
N ILE D 49 -28.36 8.01 -11.73
CA ILE D 49 -29.50 8.68 -12.33
C ILE D 49 -30.01 9.72 -11.35
N HIS D 50 -30.12 10.97 -11.80
CA HIS D 50 -30.41 12.07 -10.90
C HIS D 50 -31.82 11.97 -10.37
N ASP D 51 -32.02 12.55 -9.17
CA ASP D 51 -33.33 12.54 -8.54
C ASP D 51 -34.39 13.21 -9.42
N LYS D 52 -33.99 14.22 -10.19
CA LYS D 52 -34.94 14.96 -11.01
C LYS D 52 -35.55 14.09 -12.10
N ASP D 53 -34.84 13.05 -12.55
CA ASP D 53 -35.37 12.19 -13.59
C ASP D 53 -36.47 11.26 -13.05
N TYR D 54 -36.38 10.88 -11.77
CA TYR D 54 -37.46 10.09 -11.18
C TYR D 54 -38.69 10.93 -10.90
N VAL D 55 -38.49 12.21 -10.55
CA VAL D 55 -39.63 13.10 -10.35
C VAL D 55 -40.39 13.29 -11.66
N LYS D 56 -39.67 13.41 -12.77
CA LYS D 56 -40.33 13.54 -14.07
C LYS D 56 -41.17 12.31 -14.40
N ALA D 57 -40.72 11.13 -13.98
CA ALA D 57 -41.46 9.89 -14.25
C ALA D 57 -42.68 9.71 -13.37
N GLY D 58 -42.84 10.51 -12.33
CA GLY D 58 -43.97 10.39 -11.41
C GLY D 58 -43.59 10.03 -9.98
N GLY D 59 -42.31 9.83 -9.67
CA GLY D 59 -41.92 9.52 -8.31
C GLY D 59 -41.91 10.73 -7.42
N ILE D 60 -42.00 10.48 -6.12
CA ILE D 60 -42.05 11.52 -5.10
C ILE D 60 -40.78 11.45 -4.28
N LEU D 61 -40.05 12.56 -4.23
CA LEU D 61 -38.80 12.63 -3.49
C LEU D 61 -39.11 12.83 -2.01
N GLN D 62 -38.77 11.83 -1.19
CA GLN D 62 -39.13 11.85 0.22
C GLN D 62 -38.14 11.02 1.02
N GLU D 63 -37.67 11.58 2.13
CA GLU D 63 -36.77 10.85 3.02
C GLU D 63 -37.50 9.76 3.80
N ASP D 64 -38.69 10.05 4.31
CA ASP D 64 -39.43 9.08 5.11
C ASP D 64 -40.20 8.15 4.17
N ILE D 65 -39.81 6.87 4.15
CA ILE D 65 -40.46 5.88 3.30
C ILE D 65 -41.19 4.88 4.18
N SER D 66 -41.64 5.34 5.36
CA SER D 66 -42.43 4.50 6.24
C SER D 66 -43.80 4.18 5.65
N GLU D 67 -44.29 5.02 4.74
CA GLU D 67 -45.59 4.78 4.12
C GLU D 67 -45.59 3.53 3.25
N ALA D 68 -44.45 3.21 2.64
CA ALA D 68 -44.38 2.09 1.70
C ALA D 68 -44.37 0.76 2.43
N CYS D 69 -45.04 -0.23 1.83
CA CYS D 69 -44.99 -1.60 2.32
C CYS D 69 -43.93 -2.43 1.60
N LEU D 70 -43.44 -1.97 0.45
CA LEU D 70 -42.41 -2.66 -0.31
C LEU D 70 -41.24 -1.72 -0.53
N ILE D 71 -40.05 -2.16 -0.14
CA ILE D 71 -38.83 -1.37 -0.24
C ILE D 71 -37.89 -2.09 -1.18
N LEU D 72 -37.55 -1.45 -2.30
CA LEU D 72 -36.66 -2.02 -3.30
C LEU D 72 -35.28 -1.39 -3.20
N GLY D 73 -34.26 -2.23 -3.12
CA GLY D 73 -32.88 -1.79 -3.17
C GLY D 73 -32.06 -2.71 -4.05
N VAL D 74 -30.78 -2.36 -4.21
CA VAL D 74 -29.87 -3.21 -4.97
C VAL D 74 -29.11 -4.14 -4.02
N LYS D 75 -28.31 -3.57 -3.14
CA LYS D 75 -27.49 -4.35 -2.22
C LYS D 75 -28.03 -4.26 -0.80
N ARG D 76 -27.31 -4.90 0.12
CA ARG D 76 -27.76 -5.04 1.49
C ARG D 76 -27.92 -3.68 2.17
N PRO D 77 -28.99 -3.46 2.92
CA PRO D 77 -29.13 -2.24 3.72
C PRO D 77 -28.54 -2.43 5.11
N PRO D 78 -28.13 -1.35 5.77
CA PRO D 78 -27.68 -1.47 7.16
C PRO D 78 -28.80 -1.96 8.07
N ALA D 79 -28.39 -2.63 9.16
CA ALA D 79 -29.37 -3.24 10.06
C ALA D 79 -30.29 -2.19 10.69
N ALA D 80 -29.73 -1.04 11.07
CA ALA D 80 -30.54 -0.01 11.74
C ALA D 80 -31.59 0.57 10.81
N ALA D 81 -31.33 0.62 9.51
CA ALA D 81 -32.27 1.24 8.58
C ALA D 81 -33.51 0.39 8.37
N LEU D 82 -33.45 -0.90 8.72
CA LEU D 82 -34.57 -1.81 8.46
C LEU D 82 -35.83 -1.36 9.19
N MET D 83 -36.94 -1.31 8.45
CA MET D 83 -38.24 -0.98 9.01
C MET D 83 -39.03 -2.26 9.19
N SER D 84 -39.63 -2.43 10.37
CA SER D 84 -40.31 -3.67 10.70
C SER D 84 -41.61 -3.81 9.90
N ARG D 85 -42.00 -5.06 9.67
CA ARG D 85 -43.30 -5.39 9.07
C ARG D 85 -43.42 -4.83 7.65
N LYS D 86 -42.35 -4.94 6.88
CA LYS D 86 -42.29 -4.49 5.50
C LYS D 86 -41.74 -5.61 4.63
N THR D 87 -41.85 -5.43 3.32
CA THR D 87 -41.27 -6.36 2.35
C THR D 87 -40.07 -5.69 1.70
N TYR D 88 -38.90 -6.33 1.81
CA TYR D 88 -37.67 -5.83 1.24
C TYR D 88 -37.20 -6.76 0.12
N ALA D 89 -36.63 -6.18 -0.93
CA ALA D 89 -36.04 -6.95 -2.02
C ALA D 89 -34.68 -6.37 -2.35
N PHE D 90 -33.64 -7.17 -2.19
CA PHE D 90 -32.27 -6.78 -2.51
C PHE D 90 -31.42 -8.04 -2.58
N PHE D 91 -30.15 -7.86 -2.90
CA PHE D 91 -29.18 -8.95 -2.82
C PHE D 91 -28.72 -9.07 -1.37
N SER D 92 -29.10 -10.16 -0.71
CA SER D 92 -28.78 -10.33 0.70
C SER D 92 -27.43 -11.02 0.89
N HIS D 93 -27.09 -11.95 0.01
CA HIS D 93 -25.89 -12.78 0.14
C HIS D 93 -25.88 -13.49 1.50
N THR D 94 -27.00 -14.11 1.81
CA THR D 94 -27.18 -14.95 2.98
C THR D 94 -27.42 -16.40 2.59
N ILE D 95 -27.46 -16.69 1.28
CA ILE D 95 -27.75 -18.04 0.80
C ILE D 95 -26.69 -19.02 1.28
N LYS D 96 -25.43 -18.58 1.35
CA LYS D 96 -24.35 -19.41 1.86
C LYS D 96 -24.06 -19.15 3.33
N ALA D 97 -24.97 -18.45 4.03
CA ALA D 97 -24.82 -18.16 5.45
C ALA D 97 -23.52 -17.40 5.72
N GLN D 98 -23.27 -16.39 4.91
CA GLN D 98 -22.08 -15.55 5.09
C GLN D 98 -22.14 -14.84 6.44
N GLU D 99 -21.04 -14.91 7.19
CA GLU D 99 -21.01 -14.32 8.53
C GLU D 99 -21.32 -12.83 8.51
N ALA D 100 -20.80 -12.10 7.51
CA ALA D 100 -20.99 -10.66 7.47
C ALA D 100 -22.47 -10.31 7.40
N ASN D 101 -23.26 -11.10 6.68
CA ASN D 101 -24.68 -10.85 6.52
C ASN D 101 -25.53 -11.63 7.51
N MET D 102 -24.90 -12.33 8.46
CA MET D 102 -25.66 -13.00 9.52
C MET D 102 -26.20 -11.99 10.52
N GLY D 103 -25.43 -10.94 10.80
CA GLY D 103 -25.93 -9.87 11.64
C GLY D 103 -27.12 -9.14 11.03
N LEU D 104 -27.19 -9.10 9.70
CA LEU D 104 -28.36 -8.55 9.03
C LEU D 104 -29.56 -9.48 9.14
N LEU D 105 -29.33 -10.79 9.02
CA LEU D 105 -30.43 -11.74 8.95
C LEU D 105 -31.25 -11.76 10.22
N ASP D 106 -30.61 -11.60 11.38
CA ASP D 106 -31.33 -11.63 12.65
C ASP D 106 -32.28 -10.44 12.78
N GLU D 107 -31.83 -9.26 12.34
CA GLU D 107 -32.67 -8.07 12.41
C GLU D 107 -33.89 -8.21 11.52
N ILE D 108 -33.74 -8.84 10.36
CA ILE D 108 -34.88 -9.08 9.49
C ILE D 108 -35.88 -9.99 10.17
N LEU D 109 -35.39 -11.04 10.84
CA LEU D 109 -36.28 -11.92 11.60
C LEU D 109 -36.90 -11.21 12.79
N LYS D 110 -36.11 -10.38 13.49
CA LYS D 110 -36.63 -9.67 14.65
C LYS D 110 -37.69 -8.64 14.24
N GLN D 111 -37.46 -7.93 13.14
CA GLN D 111 -38.40 -6.94 12.65
C GLN D 111 -39.59 -7.55 11.91
N GLU D 112 -39.62 -8.88 11.74
CA GLU D 112 -40.70 -9.57 11.04
C GLU D 112 -40.85 -9.03 9.62
N ILE D 113 -39.77 -9.15 8.86
CA ILE D 113 -39.66 -8.60 7.52
C ILE D 113 -39.68 -9.76 6.52
N ARG D 114 -40.38 -9.56 5.40
CA ARG D 114 -40.37 -10.51 4.30
C ARG D 114 -39.28 -10.10 3.33
N LEU D 115 -38.33 -11.00 3.07
CA LEU D 115 -37.16 -10.71 2.26
C LEU D 115 -37.18 -11.55 1.01
N ILE D 116 -37.12 -10.89 -0.15
CA ILE D 116 -37.02 -11.55 -1.45
C ILE D 116 -35.62 -11.29 -1.99
N ASP D 117 -34.93 -12.34 -2.39
CA ASP D 117 -33.57 -12.25 -2.90
C ASP D 117 -33.59 -12.43 -4.41
N TYR D 118 -33.04 -11.45 -5.14
CA TYR D 118 -33.01 -11.52 -6.59
C TYR D 118 -32.29 -12.78 -7.07
N GLU D 119 -31.23 -13.17 -6.37
CA GLU D 119 -30.41 -14.29 -6.83
C GLU D 119 -31.18 -15.59 -6.85
N LYS D 120 -32.13 -15.77 -5.92
CA LYS D 120 -32.93 -16.98 -5.89
C LYS D 120 -34.07 -17.00 -6.92
N MET D 121 -34.44 -15.85 -7.48
CA MET D 121 -35.48 -15.80 -8.48
C MET D 121 -35.02 -16.51 -9.76
N VAL D 122 -35.69 -17.61 -10.11
CA VAL D 122 -35.33 -18.42 -11.27
C VAL D 122 -36.61 -18.88 -11.96
N ASP D 123 -36.47 -19.29 -13.22
CA ASP D 123 -37.59 -19.82 -13.98
C ASP D 123 -37.69 -21.33 -13.78
N HIS D 124 -38.59 -21.98 -14.53
CA HIS D 124 -38.80 -23.41 -14.35
C HIS D 124 -37.59 -24.24 -14.79
N ARG D 125 -36.83 -23.75 -15.77
CA ARG D 125 -35.63 -24.47 -16.18
C ARG D 125 -34.44 -24.18 -15.27
N GLY D 126 -34.56 -23.23 -14.34
CA GLY D 126 -33.52 -22.93 -13.40
C GLY D 126 -32.64 -21.73 -13.73
N VAL D 127 -32.90 -21.05 -14.83
CA VAL D 127 -32.12 -19.88 -15.21
C VAL D 127 -32.61 -18.66 -14.43
N ARG D 128 -31.67 -17.88 -13.90
CA ARG D 128 -32.04 -16.66 -13.18
C ARG D 128 -32.71 -15.69 -14.13
N VAL D 129 -33.80 -15.06 -13.65
CA VAL D 129 -34.62 -14.19 -14.48
C VAL D 129 -34.34 -12.71 -14.24
N VAL D 130 -33.57 -12.37 -13.21
CA VAL D 130 -33.27 -10.97 -12.91
C VAL D 130 -31.75 -10.84 -12.73
N ALA D 131 -31.11 -10.10 -13.62
CA ALA D 131 -29.66 -9.94 -13.61
C ALA D 131 -29.31 -8.65 -14.35
N PHE D 132 -28.02 -8.39 -14.47
CA PHE D 132 -27.51 -7.18 -15.12
C PHE D 132 -27.13 -7.40 -16.57
N GLY D 133 -27.39 -8.58 -17.13
CA GLY D 133 -27.22 -8.79 -18.56
C GLY D 133 -25.76 -8.79 -18.98
N GLN D 134 -25.50 -8.08 -20.08
CA GLN D 134 -24.19 -8.09 -20.73
C GLN D 134 -23.24 -7.03 -20.21
N TRP D 135 -23.68 -6.19 -19.27
CA TRP D 135 -22.90 -5.00 -18.93
C TRP D 135 -21.65 -5.32 -18.12
N ALA D 136 -21.62 -6.46 -17.43
CA ALA D 136 -20.39 -6.88 -16.77
C ALA D 136 -19.29 -7.15 -17.79
N GLY D 137 -19.65 -7.74 -18.93
CA GLY D 137 -18.68 -7.96 -19.99
C GLY D 137 -18.26 -6.67 -20.68
N VAL D 138 -19.20 -5.73 -20.83
CA VAL D 138 -18.86 -4.45 -21.42
C VAL D 138 -17.86 -3.71 -20.55
N ALA D 139 -18.11 -3.67 -19.25
CA ALA D 139 -17.18 -3.02 -18.33
C ALA D 139 -15.85 -3.75 -18.26
N GLY D 140 -15.88 -5.09 -18.26
CA GLY D 140 -14.65 -5.84 -18.15
C GLY D 140 -13.71 -5.63 -19.33
N MET D 141 -14.27 -5.48 -20.52
CA MET D 141 -13.42 -5.27 -21.70
C MET D 141 -12.75 -3.90 -21.68
N ILE D 142 -13.48 -2.87 -21.26
CA ILE D 142 -12.89 -1.54 -21.15
C ILE D 142 -11.74 -1.55 -20.14
N ASN D 143 -11.98 -2.18 -18.99
CA ASN D 143 -10.96 -2.24 -17.94
C ASN D 143 -9.72 -2.99 -18.42
N ILE D 144 -9.91 -4.14 -19.07
CA ILE D 144 -8.78 -4.97 -19.46
C ILE D 144 -7.98 -4.31 -20.57
N LEU D 145 -8.64 -3.57 -21.48
CA LEU D 145 -7.89 -2.80 -22.47
C LEU D 145 -7.11 -1.68 -21.81
N HIS D 146 -7.71 -1.01 -20.82
CA HIS D 146 -7.00 -0.02 -20.03
C HIS D 146 -5.82 -0.64 -19.29
N GLY D 147 -6.03 -1.82 -18.70
CA GLY D 147 -4.97 -2.48 -17.96
C GLY D 147 -3.82 -2.92 -18.85
N MET D 148 -4.12 -3.35 -20.08
CA MET D 148 -3.06 -3.75 -21.00
C MET D 148 -2.19 -2.57 -21.42
N GLY D 149 -2.78 -1.38 -21.54
CA GLY D 149 -1.97 -0.20 -21.83
C GLY D 149 -0.96 0.09 -20.74
N LEU D 150 -1.40 0.04 -19.48
CA LEU D 150 -0.49 0.25 -18.36
C LEU D 150 0.53 -0.88 -18.26
N ARG D 151 0.09 -2.13 -18.42
CA ARG D 151 1.01 -3.26 -18.33
C ARG D 151 2.06 -3.21 -19.43
N LEU D 152 1.66 -2.90 -20.66
CA LEU D 152 2.62 -2.80 -21.74
C LEU D 152 3.57 -1.64 -21.56
N LEU D 153 3.07 -0.53 -21.00
CA LEU D 153 3.94 0.60 -20.69
C LEU D 153 4.96 0.22 -19.62
N ALA D 154 4.53 -0.57 -18.63
CA ALA D 154 5.47 -1.02 -17.61
C ALA D 154 6.56 -1.91 -18.21
N LEU D 155 6.24 -2.65 -19.25
CA LEU D 155 7.24 -3.45 -19.97
C LEU D 155 8.06 -2.63 -20.94
N GLY D 156 7.75 -1.35 -21.12
CA GLY D 156 8.54 -0.47 -21.95
C GLY D 156 7.94 -0.10 -23.29
N HIS D 157 6.66 -0.40 -23.52
CA HIS D 157 6.03 -0.21 -24.82
C HIS D 157 4.85 0.72 -24.69
N HIS D 158 4.92 1.88 -25.35
CA HIS D 158 3.77 2.76 -25.49
C HIS D 158 2.84 2.22 -26.58
N THR D 159 1.56 2.11 -26.26
CA THR D 159 0.55 1.56 -27.15
C THR D 159 -0.68 2.45 -27.13
N PRO D 160 -1.52 2.39 -28.16
CA PRO D 160 -2.78 3.13 -28.13
C PRO D 160 -3.69 2.75 -26.96
N PHE D 161 -3.49 1.57 -26.37
CA PHE D 161 -4.29 1.19 -25.21
C PHE D 161 -4.09 2.12 -24.03
N MET D 162 -3.00 2.89 -24.02
CA MET D 162 -2.80 3.92 -22.99
C MET D 162 -3.88 4.99 -23.04
N HIS D 163 -4.59 5.12 -24.16
CA HIS D 163 -5.59 6.16 -24.34
C HIS D 163 -7.00 5.65 -24.09
N ILE D 164 -7.15 4.54 -23.35
CA ILE D 164 -8.44 4.04 -22.91
C ILE D 164 -8.43 4.03 -21.39
N GLY D 165 -9.39 4.73 -20.78
CA GLY D 165 -9.50 4.80 -19.34
C GLY D 165 -10.30 3.64 -18.77
N MET D 166 -10.53 3.72 -17.46
CA MET D 166 -11.36 2.73 -16.80
C MET D 166 -12.83 2.91 -17.20
N ALA D 167 -13.61 1.83 -17.02
CA ALA D 167 -15.01 1.86 -17.42
C ALA D 167 -15.77 2.97 -16.71
N HIS D 168 -15.51 3.16 -15.41
CA HIS D 168 -16.23 4.18 -14.65
C HIS D 168 -15.81 5.60 -15.02
N ASN D 169 -14.78 5.76 -15.84
CA ASN D 169 -14.35 7.09 -16.30
C ASN D 169 -15.20 7.61 -17.47
N TYR D 170 -16.13 6.82 -17.99
CA TYR D 170 -16.94 7.21 -19.13
C TYR D 170 -18.39 7.39 -18.70
N ARG D 171 -19.06 8.38 -19.32
CA ARG D 171 -20.46 8.66 -18.99
C ARG D 171 -21.35 7.46 -19.27
N ASN D 172 -21.15 6.79 -20.39
CA ASN D 172 -21.92 5.61 -20.76
C ASN D 172 -21.08 4.77 -21.71
N SER D 173 -21.65 3.64 -22.13
CA SER D 173 -20.93 2.75 -23.04
C SER D 173 -20.66 3.40 -24.39
N SER D 174 -21.51 4.35 -24.80
CA SER D 174 -21.31 5.02 -26.08
C SER D 174 -20.03 5.86 -26.07
N GLN D 175 -19.82 6.64 -25.01
CA GLN D 175 -18.60 7.42 -24.93
C GLN D 175 -17.37 6.54 -24.82
N ALA D 176 -17.50 5.40 -24.13
CA ALA D 176 -16.39 4.44 -24.08
C ALA D 176 -16.13 3.82 -25.44
N VAL D 177 -17.19 3.55 -26.22
CA VAL D 177 -17.02 2.99 -27.54
C VAL D 177 -16.23 3.95 -28.43
N GLN D 178 -16.50 5.24 -28.31
CA GLN D 178 -15.76 6.23 -29.09
C GLN D 178 -14.28 6.22 -28.74
N ALA D 179 -13.96 6.08 -27.45
CA ALA D 179 -12.56 6.00 -27.04
C ALA D 179 -11.89 4.73 -27.57
N VAL D 180 -12.63 3.62 -27.58
CA VAL D 180 -12.08 2.38 -28.12
C VAL D 180 -11.81 2.52 -29.61
N ARG D 181 -12.72 3.18 -30.34
CA ARG D 181 -12.51 3.40 -31.77
C ARG D 181 -11.28 4.27 -32.01
N ASP D 182 -11.10 5.32 -31.21
CA ASP D 182 -9.97 6.22 -31.40
C ASP D 182 -8.64 5.50 -31.16
N ALA D 183 -8.59 4.66 -30.13
CA ALA D 183 -7.38 3.85 -29.92
C ALA D 183 -7.23 2.81 -31.01
N GLY D 184 -8.35 2.24 -31.48
CA GLY D 184 -8.30 1.32 -32.61
C GLY D 184 -7.79 1.96 -33.87
N TYR D 185 -8.17 3.23 -34.10
CA TYR D 185 -7.66 3.97 -35.26
C TYR D 185 -6.14 4.04 -35.24
N GLU D 186 -5.56 4.33 -34.07
CA GLU D 186 -4.10 4.40 -33.97
C GLU D 186 -3.46 3.05 -34.26
N ILE D 187 -4.10 1.96 -33.85
CA ILE D 187 -3.59 0.63 -34.16
C ILE D 187 -3.62 0.37 -35.66
N SER D 188 -4.72 0.73 -36.32
CA SER D 188 -4.80 0.56 -37.77
C SER D 188 -3.86 1.48 -38.52
N LEU D 189 -3.44 2.59 -37.91
CA LEU D 189 -2.45 3.47 -38.50
C LEU D 189 -1.03 2.93 -38.37
N GLY D 190 -0.83 1.85 -37.62
CA GLY D 190 0.49 1.29 -37.44
C GLY D 190 1.29 1.86 -36.28
N LEU D 191 0.62 2.48 -35.30
CA LEU D 191 1.31 3.07 -34.16
C LEU D 191 1.65 2.06 -33.08
N MET D 192 1.29 0.80 -33.25
CA MET D 192 1.67 -0.23 -32.29
C MET D 192 3.16 -0.54 -32.42
N PRO D 193 3.83 -0.87 -31.31
CA PRO D 193 5.24 -1.26 -31.40
C PRO D 193 5.37 -2.62 -32.08
N LYS D 194 6.29 -2.71 -33.04
CA LYS D 194 6.39 -3.91 -33.86
C LYS D 194 6.98 -5.09 -33.09
N SER D 195 7.84 -4.82 -32.10
CA SER D 195 8.60 -5.90 -31.47
C SER D 195 7.72 -6.80 -30.62
N ILE D 196 6.60 -6.29 -30.10
CA ILE D 196 5.75 -7.13 -29.25
C ILE D 196 4.93 -8.11 -30.07
N GLY D 197 4.73 -7.85 -31.36
CA GLY D 197 4.04 -8.78 -32.21
C GLY D 197 2.53 -8.61 -32.17
N PRO D 198 1.82 -9.46 -32.91
CA PRO D 198 0.37 -9.35 -32.95
C PRO D 198 -0.27 -9.74 -31.63
N LEU D 199 -1.44 -9.16 -31.37
CA LEU D 199 -2.18 -9.38 -30.14
C LEU D 199 -3.39 -10.26 -30.44
N THR D 200 -3.58 -11.29 -29.61
CA THR D 200 -4.67 -12.24 -29.77
C THR D 200 -5.56 -12.22 -28.54
N PHE D 201 -6.86 -12.14 -28.75
CA PHE D 201 -7.86 -12.08 -27.69
C PHE D 201 -8.73 -13.33 -27.76
N VAL D 202 -8.86 -14.03 -26.64
CA VAL D 202 -9.66 -15.24 -26.56
C VAL D 202 -10.86 -14.98 -25.66
N PHE D 203 -12.05 -15.29 -26.17
CA PHE D 203 -13.30 -15.11 -25.44
C PHE D 203 -13.87 -16.49 -25.12
N THR D 204 -14.24 -16.70 -23.87
CA THR D 204 -14.82 -17.95 -23.42
C THR D 204 -16.21 -17.71 -22.87
N GLY D 205 -17.05 -18.75 -22.92
CA GLY D 205 -18.39 -18.67 -22.40
C GLY D 205 -19.41 -18.30 -23.46
N THR D 206 -20.66 -18.66 -23.19
CA THR D 206 -21.78 -18.37 -24.08
C THR D 206 -22.79 -17.41 -23.47
N GLY D 207 -22.53 -16.88 -22.27
CA GLY D 207 -23.47 -16.01 -21.60
C GLY D 207 -23.51 -14.61 -22.20
N ASN D 208 -24.38 -13.79 -21.62
CA ASN D 208 -24.54 -12.42 -22.11
C ASN D 208 -23.29 -11.58 -21.87
N VAL D 209 -22.53 -11.88 -20.81
CA VAL D 209 -21.35 -11.07 -20.54
C VAL D 209 -20.31 -11.25 -21.63
N SER D 210 -20.21 -12.44 -22.22
CA SER D 210 -19.26 -12.66 -23.30
C SER D 210 -19.63 -11.85 -24.53
N LYS D 211 -20.92 -11.78 -24.86
CA LYS D 211 -21.33 -10.95 -26.01
C LYS D 211 -21.10 -9.47 -25.74
N GLY D 212 -21.30 -9.04 -24.48
CA GLY D 212 -21.02 -7.65 -24.16
C GLY D 212 -19.55 -7.32 -24.30
N ALA D 213 -18.68 -8.24 -23.88
CA ALA D 213 -17.24 -8.03 -24.04
C ALA D 213 -16.84 -8.04 -25.52
N GLN D 214 -17.47 -8.91 -26.32
CA GLN D 214 -17.19 -8.94 -27.75
C GLN D 214 -17.67 -7.67 -28.44
N ALA D 215 -18.74 -7.06 -27.94
CA ALA D 215 -19.26 -5.85 -28.57
C ALA D 215 -18.25 -4.71 -28.50
N ILE D 216 -17.57 -4.55 -27.37
CA ILE D 216 -16.51 -3.55 -27.28
C ILE D 216 -15.35 -3.92 -28.18
N PHE D 217 -15.03 -5.22 -28.26
CA PHE D 217 -13.91 -5.67 -29.07
C PHE D 217 -14.15 -5.40 -30.56
N ASN D 218 -15.40 -5.50 -31.01
CA ASN D 218 -15.71 -5.29 -32.42
C ASN D 218 -15.44 -3.86 -32.88
N GLU D 219 -15.31 -2.91 -31.95
CA GLU D 219 -15.01 -1.54 -32.33
C GLU D 219 -13.55 -1.34 -32.71
N LEU D 220 -12.68 -2.28 -32.36
CA LEU D 220 -11.28 -2.23 -32.74
C LEU D 220 -11.12 -2.78 -34.14
N PRO D 221 -9.94 -2.57 -34.78
CA PRO D 221 -9.69 -3.20 -36.08
C PRO D 221 -9.44 -4.69 -35.92
N CYS D 222 -10.50 -5.46 -35.74
CA CYS D 222 -10.42 -6.85 -35.35
C CYS D 222 -10.65 -7.79 -36.54
N GLU D 223 -10.01 -8.96 -36.47
CA GLU D 223 -10.29 -10.07 -37.37
C GLU D 223 -10.48 -11.31 -36.53
N TYR D 224 -11.62 -11.98 -36.69
CA TYR D 224 -11.92 -13.19 -35.94
C TYR D 224 -11.36 -14.40 -36.67
N VAL D 225 -10.66 -15.26 -35.92
CA VAL D 225 -10.07 -16.48 -36.46
C VAL D 225 -10.50 -17.66 -35.58
N GLU D 226 -10.39 -18.84 -36.14
CA GLU D 226 -10.69 -20.06 -35.40
C GLU D 226 -9.57 -20.39 -34.43
N PRO D 227 -9.89 -21.12 -33.35
CA PRO D 227 -8.85 -21.42 -32.34
C PRO D 227 -7.63 -22.10 -32.90
N HIS D 228 -7.77 -23.01 -33.87
CA HIS D 228 -6.60 -23.69 -34.39
C HIS D 228 -5.71 -22.74 -35.19
N GLU D 229 -6.26 -21.63 -35.66
CA GLU D 229 -5.48 -20.63 -36.39
C GLU D 229 -4.72 -19.69 -35.45
N LEU D 230 -4.95 -19.77 -34.14
CA LEU D 230 -4.29 -18.87 -33.21
C LEU D 230 -2.78 -19.05 -33.23
N LYS D 231 -2.31 -20.30 -33.42
CA LYS D 231 -0.88 -20.55 -33.52
C LYS D 231 -0.27 -19.79 -34.69
N GLU D 232 -0.99 -19.72 -35.82
CA GLU D 232 -0.48 -19.05 -37.00
C GLU D 232 -0.50 -17.53 -36.84
N VAL D 233 -1.62 -16.98 -36.36
CA VAL D 233 -1.76 -15.53 -36.29
C VAL D 233 -0.81 -14.92 -35.28
N SER D 234 -0.51 -15.65 -34.20
CA SER D 234 0.35 -15.11 -33.15
C SER D 234 1.75 -14.77 -33.63
N GLN D 235 2.19 -15.35 -34.75
CA GLN D 235 3.51 -15.09 -35.31
C GLN D 235 3.50 -14.26 -36.58
N THR D 236 2.57 -14.52 -37.50
CA THR D 236 2.55 -13.86 -38.79
C THR D 236 1.38 -12.90 -38.95
N GLY D 237 0.66 -12.60 -37.87
CA GLY D 237 -0.48 -11.72 -37.96
C GLY D 237 -0.09 -10.30 -38.31
N ASP D 238 -1.00 -9.60 -38.96
CA ASP D 238 -0.77 -8.20 -39.28
C ASP D 238 -0.76 -7.36 -38.01
N LEU D 239 0.24 -6.50 -37.87
CA LEU D 239 0.38 -5.67 -36.69
C LEU D 239 -0.56 -4.48 -36.68
N ARG D 240 -1.26 -4.22 -37.78
CA ARG D 240 -2.25 -3.16 -37.86
C ARG D 240 -3.64 -3.66 -37.49
N LYS D 241 -3.75 -4.92 -37.05
CA LYS D 241 -5.00 -5.52 -36.59
C LYS D 241 -4.81 -6.18 -35.24
N VAL D 242 -5.91 -6.38 -34.54
CA VAL D 242 -5.98 -7.27 -33.38
C VAL D 242 -6.81 -8.48 -33.77
N TYR D 243 -6.48 -9.63 -33.18
CA TYR D 243 -7.10 -10.88 -33.55
C TYR D 243 -7.88 -11.45 -32.37
N GLY D 244 -9.09 -11.91 -32.65
CA GLY D 244 -9.93 -12.50 -31.62
C GLY D 244 -10.45 -13.86 -32.03
N THR D 245 -10.75 -14.67 -31.03
CA THR D 245 -11.34 -15.98 -31.25
C THR D 245 -12.31 -16.28 -30.10
N VAL D 246 -13.39 -16.99 -30.44
CA VAL D 246 -14.41 -17.39 -29.47
C VAL D 246 -14.24 -18.87 -29.20
N LEU D 247 -13.95 -19.21 -27.95
CA LEU D 247 -13.70 -20.59 -27.54
C LEU D 247 -15.02 -21.27 -27.21
N SER D 248 -15.31 -22.37 -27.90
CA SER D 248 -16.46 -23.21 -27.62
C SER D 248 -16.03 -24.49 -26.89
N ARG D 249 -17.02 -25.22 -26.40
CA ARG D 249 -16.73 -26.45 -25.65
C ARG D 249 -15.98 -27.46 -26.50
N HIS D 250 -16.44 -27.68 -27.74
CA HIS D 250 -15.84 -28.69 -28.59
C HIS D 250 -14.41 -28.37 -29.01
N HIS D 251 -13.96 -27.12 -28.83
CA HIS D 251 -12.62 -26.75 -29.25
C HIS D 251 -11.55 -27.29 -28.32
N HIS D 252 -11.83 -27.36 -27.00
CA HIS D 252 -10.81 -27.70 -26.02
C HIS D 252 -11.16 -28.84 -25.08
N LEU D 253 -12.40 -29.32 -25.06
CA LEU D 253 -12.83 -30.34 -24.12
C LEU D 253 -12.69 -31.72 -24.75
N VAL D 254 -11.97 -32.60 -24.07
CA VAL D 254 -11.75 -33.98 -24.51
C VAL D 254 -11.93 -34.93 -23.35
N ARG D 255 -12.37 -36.15 -23.65
CA ARG D 255 -12.53 -37.18 -22.64
C ARG D 255 -11.17 -37.67 -22.15
N LYS D 256 -11.11 -38.02 -20.86
CA LYS D 256 -9.87 -38.59 -20.33
C LYS D 256 -9.54 -39.92 -20.99
N THR D 257 -10.57 -40.70 -21.33
CA THR D 257 -10.35 -42.05 -21.84
C THR D 257 -10.06 -42.05 -23.33
N ASP D 258 -10.83 -41.29 -24.12
CA ASP D 258 -10.73 -41.36 -25.57
C ASP D 258 -10.47 -40.04 -26.27
N ALA D 259 -10.26 -38.95 -25.52
CA ALA D 259 -10.07 -37.60 -26.09
C ALA D 259 -11.22 -37.18 -27.00
N VAL D 260 -12.37 -37.81 -26.85
CA VAL D 260 -13.55 -37.52 -27.67
C VAL D 260 -14.43 -36.52 -26.94
N TYR D 261 -15.07 -35.64 -27.69
CA TYR D 261 -16.03 -34.69 -27.15
C TYR D 261 -17.44 -35.11 -27.54
N ASP D 262 -18.29 -35.31 -26.54
CA ASP D 262 -19.71 -35.60 -26.75
C ASP D 262 -20.51 -34.51 -26.06
N PRO D 263 -21.31 -33.72 -26.78
CA PRO D 263 -22.02 -32.61 -26.12
C PRO D 263 -22.98 -33.08 -25.03
N ALA D 264 -23.77 -34.11 -25.30
CA ALA D 264 -24.72 -34.59 -24.30
C ALA D 264 -24.00 -35.22 -23.11
N GLU D 265 -22.92 -35.96 -23.35
CA GLU D 265 -22.22 -36.63 -22.25
C GLU D 265 -21.51 -35.63 -21.36
N TYR D 266 -20.91 -34.59 -21.94
CA TYR D 266 -20.19 -33.61 -21.12
C TYR D 266 -21.13 -32.86 -20.19
N ASP D 267 -22.32 -32.52 -20.67
CA ASP D 267 -23.27 -31.79 -19.83
C ASP D 267 -23.72 -32.64 -18.64
N LYS D 268 -23.99 -33.93 -18.88
CA LYS D 268 -24.39 -34.80 -17.79
C LYS D 268 -23.20 -35.24 -16.95
N HIS D 269 -22.04 -35.47 -17.56
CA HIS D 269 -20.87 -36.00 -16.88
C HIS D 269 -19.64 -35.16 -17.22
N PRO D 270 -19.53 -33.97 -16.61
CA PRO D 270 -18.33 -33.16 -16.84
C PRO D 270 -17.08 -33.73 -16.20
N GLU D 271 -17.21 -34.61 -15.22
CA GLU D 271 -16.05 -35.18 -14.53
C GLU D 271 -15.21 -36.07 -15.44
N ARG D 272 -15.80 -36.59 -16.52
CA ARG D 272 -15.08 -37.46 -17.44
C ARG D 272 -14.20 -36.71 -18.43
N TYR D 273 -14.25 -35.37 -18.45
CA TYR D 273 -13.57 -34.58 -19.45
C TYR D 273 -12.42 -33.78 -18.86
N ILE D 274 -11.52 -33.37 -19.76
CA ILE D 274 -10.40 -32.48 -19.43
C ILE D 274 -10.35 -31.38 -20.48
N SER D 275 -9.54 -30.37 -20.20
CA SER D 275 -9.41 -29.21 -21.08
C SER D 275 -8.03 -29.18 -21.72
N ARG D 276 -7.98 -29.03 -23.04
CA ARG D 276 -6.75 -28.87 -23.79
C ARG D 276 -6.41 -27.40 -24.03
N PHE D 277 -7.06 -26.50 -23.29
CA PHE D 277 -6.80 -25.07 -23.46
C PHE D 277 -5.37 -24.71 -23.11
N ASN D 278 -4.78 -25.40 -22.12
CA ASN D 278 -3.46 -25.02 -21.64
C ASN D 278 -2.38 -25.20 -22.71
N THR D 279 -2.54 -26.18 -23.60
CA THR D 279 -1.54 -26.44 -24.62
C THR D 279 -1.95 -25.97 -26.01
N ASP D 280 -3.25 -26.02 -26.33
CA ASP D 280 -3.71 -25.69 -27.68
C ASP D 280 -3.95 -24.20 -27.89
N ILE D 281 -4.37 -23.47 -26.86
CA ILE D 281 -4.80 -22.08 -26.99
C ILE D 281 -3.93 -21.15 -26.17
N ALA D 282 -3.66 -21.50 -24.91
CA ALA D 282 -2.97 -20.61 -23.99
C ALA D 282 -1.63 -20.08 -24.48
N PRO D 283 -0.72 -20.87 -25.07
CA PRO D 283 0.57 -20.31 -25.48
C PRO D 283 0.47 -19.25 -26.56
N TYR D 284 -0.64 -19.17 -27.28
CA TYR D 284 -0.80 -18.20 -28.37
C TYR D 284 -1.80 -17.11 -28.04
N THR D 285 -2.13 -16.95 -26.76
CA THR D 285 -3.15 -16.00 -26.31
C THR D 285 -2.47 -14.82 -25.61
N THR D 286 -2.71 -13.61 -26.12
CA THR D 286 -2.23 -12.42 -25.44
C THR D 286 -3.14 -12.03 -24.28
N CYS D 287 -4.45 -12.10 -24.48
CA CYS D 287 -5.42 -11.68 -23.47
C CYS D 287 -6.59 -12.65 -23.45
N LEU D 288 -6.92 -13.15 -22.27
CA LEU D 288 -7.99 -14.11 -22.08
C LEU D 288 -9.15 -13.43 -21.36
N ILE D 289 -10.33 -13.46 -21.99
CA ILE D 289 -11.55 -12.91 -21.41
C ILE D 289 -12.38 -14.12 -20.99
N ASN D 290 -12.41 -14.39 -19.68
CA ASN D 290 -13.03 -15.60 -19.15
C ASN D 290 -14.48 -15.31 -18.75
N GLY D 291 -15.42 -15.86 -19.50
CA GLY D 291 -16.83 -15.79 -19.17
C GLY D 291 -17.48 -17.12 -18.85
N ILE D 292 -16.71 -18.20 -18.72
CA ILE D 292 -17.29 -19.51 -18.47
C ILE D 292 -17.88 -19.55 -17.07
N TYR D 293 -19.13 -20.01 -16.95
CA TYR D 293 -19.74 -20.22 -15.64
C TYR D 293 -19.43 -21.65 -15.21
N TRP D 294 -18.53 -21.76 -14.23
CA TRP D 294 -17.97 -23.04 -13.82
C TRP D 294 -19.00 -23.82 -12.99
N ALA D 295 -19.16 -25.10 -13.31
CA ALA D 295 -20.10 -25.97 -12.62
C ALA D 295 -19.35 -27.10 -11.92
N ALA D 296 -20.13 -28.01 -11.33
CA ALA D 296 -19.56 -29.11 -10.55
C ALA D 296 -18.75 -30.03 -11.46
N ASN D 297 -17.51 -30.30 -11.08
CA ASN D 297 -16.58 -31.16 -11.80
C ASN D 297 -16.24 -30.64 -13.20
N THR D 298 -16.47 -29.36 -13.47
CA THR D 298 -16.07 -28.80 -14.75
C THR D 298 -14.55 -28.64 -14.79
N PRO D 299 -13.90 -29.03 -15.89
CA PRO D 299 -12.44 -28.92 -15.94
C PRO D 299 -12.01 -27.45 -15.94
N ARG D 300 -10.84 -27.20 -15.35
CA ARG D 300 -10.29 -25.86 -15.32
C ARG D 300 -9.50 -25.55 -16.57
N LEU D 301 -9.60 -24.29 -17.02
CA LEU D 301 -8.88 -23.85 -18.21
C LEU D 301 -7.38 -23.83 -17.96
N LEU D 302 -6.95 -23.25 -16.84
CA LEU D 302 -5.54 -23.18 -16.51
C LEU D 302 -5.35 -23.54 -15.04
N THR D 303 -4.24 -24.19 -14.75
CA THR D 303 -3.86 -24.58 -13.41
C THR D 303 -2.55 -23.88 -13.03
N ARG D 304 -2.13 -24.09 -11.78
CA ARG D 304 -0.87 -23.51 -11.33
C ARG D 304 0.30 -24.11 -12.09
N GLN D 305 0.21 -25.39 -12.45
CA GLN D 305 1.27 -26.03 -13.23
C GLN D 305 1.35 -25.42 -14.63
N ASP D 306 0.19 -25.08 -15.19
CA ASP D 306 0.16 -24.42 -16.49
C ASP D 306 0.80 -23.04 -16.45
N ALA D 307 0.60 -22.29 -15.37
CA ALA D 307 1.21 -20.97 -15.24
C ALA D 307 2.73 -21.08 -15.18
N GLN D 308 3.24 -22.11 -14.50
CA GLN D 308 4.68 -22.31 -14.44
C GLN D 308 5.27 -22.57 -15.83
N SER D 309 4.54 -23.31 -16.67
CA SER D 309 4.99 -23.53 -18.04
C SER D 309 4.93 -22.24 -18.86
N LEU D 310 3.90 -21.42 -18.63
CA LEU D 310 3.77 -20.17 -19.38
C LEU D 310 4.80 -19.13 -18.93
N LEU D 311 5.20 -19.16 -17.67
CA LEU D 311 6.16 -18.21 -17.12
C LEU D 311 7.55 -18.84 -17.14
N ALA D 312 8.39 -18.39 -18.06
CA ALA D 312 9.75 -18.92 -18.18
C ALA D 312 10.71 -17.84 -18.65
N GLU D 322 17.59 -3.72 -28.59
CA GLU D 322 17.73 -3.34 -27.20
C GLU D 322 16.64 -2.38 -26.79
N GLY D 323 16.34 -1.41 -27.66
CA GLY D 323 15.29 -0.46 -27.38
C GLY D 323 13.90 -1.02 -27.53
N CYS D 324 13.73 -2.02 -28.39
CA CYS D 324 12.43 -2.63 -28.68
C CYS D 324 12.48 -4.10 -28.30
N PRO D 325 12.30 -4.43 -27.03
CA PRO D 325 12.32 -5.83 -26.61
C PRO D 325 11.00 -6.53 -26.90
N ALA D 326 11.07 -7.85 -27.03
CA ALA D 326 9.87 -8.64 -27.17
C ALA D 326 9.25 -8.90 -25.80
N LEU D 327 8.00 -9.34 -25.81
CA LEU D 327 7.33 -9.68 -24.57
C LEU D 327 8.05 -10.82 -23.86
N PRO D 328 8.10 -10.83 -22.53
CA PRO D 328 8.70 -11.98 -21.84
C PRO D 328 7.91 -13.26 -22.05
N HIS D 329 6.59 -13.17 -22.07
CA HIS D 329 5.72 -14.29 -22.40
C HIS D 329 4.53 -13.77 -23.18
N LYS D 330 3.93 -14.65 -23.98
CA LYS D 330 2.83 -14.25 -24.85
C LYS D 330 1.62 -13.79 -24.04
N LEU D 331 1.27 -14.53 -22.99
CA LEU D 331 0.10 -14.19 -22.19
C LEU D 331 0.40 -12.97 -21.34
N VAL D 332 -0.42 -11.93 -21.48
CA VAL D 332 -0.22 -10.67 -20.79
C VAL D 332 -1.26 -10.46 -19.69
N ALA D 333 -2.53 -10.73 -19.98
CA ALA D 333 -3.59 -10.41 -19.03
C ALA D 333 -4.72 -11.42 -19.14
N ILE D 334 -5.43 -11.61 -18.03
CA ILE D 334 -6.63 -12.43 -17.96
C ILE D 334 -7.70 -11.66 -17.19
N CYS D 335 -8.88 -11.52 -17.79
CA CYS D 335 -10.01 -10.85 -17.16
C CYS D 335 -11.21 -11.78 -17.13
N ASP D 336 -11.71 -12.09 -15.93
CA ASP D 336 -12.93 -12.88 -15.77
C ASP D 336 -14.09 -11.92 -15.54
N ILE D 337 -15.10 -12.01 -16.41
CA ILE D 337 -16.25 -11.11 -16.38
C ILE D 337 -17.50 -11.77 -15.80
N SER D 338 -17.43 -13.05 -15.47
CA SER D 338 -18.60 -13.74 -14.91
C SER D 338 -18.61 -13.66 -13.38
N GLY D 342 -13.85 -17.50 -10.69
CA GLY D 342 -14.97 -18.44 -10.84
C GLY D 342 -14.49 -19.87 -10.79
N GLY D 343 -13.28 -20.08 -10.26
CA GLY D 343 -12.69 -21.41 -10.19
C GLY D 343 -12.15 -21.95 -11.48
N SER D 344 -12.40 -21.28 -12.62
CA SER D 344 -11.86 -21.74 -13.90
C SER D 344 -10.35 -21.67 -13.92
N ILE D 345 -9.77 -20.68 -13.24
CA ILE D 345 -8.34 -20.44 -13.18
C ILE D 345 -7.91 -20.57 -11.74
N GLU D 346 -7.13 -21.61 -11.44
CA GLU D 346 -6.79 -21.91 -10.04
C GLU D 346 -5.92 -20.84 -9.42
N PHE D 347 -4.95 -20.31 -10.16
CA PHE D 347 -4.02 -19.34 -9.59
C PHE D 347 -4.62 -17.95 -9.44
N MET D 348 -5.87 -17.74 -9.87
CA MET D 348 -6.57 -16.48 -9.62
C MET D 348 -7.40 -16.62 -8.34
N THR D 349 -6.69 -16.66 -7.21
CA THR D 349 -7.30 -16.92 -5.91
C THR D 349 -7.86 -15.68 -5.24
N GLU D 350 -7.43 -14.49 -5.64
CA GLU D 350 -7.87 -13.25 -5.00
C GLU D 350 -8.55 -12.36 -6.02
N CYS D 351 -9.50 -11.56 -5.54
CA CYS D 351 -10.27 -10.68 -6.39
C CYS D 351 -9.82 -9.24 -6.21
N THR D 352 -10.03 -8.44 -7.25
CA THR D 352 -9.71 -7.03 -7.23
C THR D 352 -10.97 -6.19 -7.04
N THR D 353 -10.77 -4.90 -6.85
CA THR D 353 -11.86 -3.94 -6.66
C THR D 353 -11.76 -2.84 -7.70
N ILE D 354 -12.82 -2.03 -7.79
CA ILE D 354 -12.82 -0.91 -8.73
C ILE D 354 -11.68 0.05 -8.42
N GLU D 355 -11.40 0.26 -7.13
CA GLU D 355 -10.33 1.18 -6.75
C GLU D 355 -8.96 0.61 -7.13
N HIS D 356 -8.76 -0.70 -6.97
CA HIS D 356 -7.50 -1.38 -7.28
C HIS D 356 -7.80 -2.50 -8.26
N PRO D 357 -7.90 -2.19 -9.55
CA PRO D 357 -8.46 -3.16 -10.51
C PRO D 357 -7.53 -4.31 -10.89
N PHE D 358 -6.22 -4.13 -10.80
CA PHE D 358 -5.29 -5.09 -11.36
C PHE D 358 -4.30 -5.60 -10.31
N CYS D 359 -3.92 -6.88 -10.46
CA CYS D 359 -2.89 -7.50 -9.65
C CYS D 359 -2.04 -8.40 -10.54
N MET D 360 -0.85 -8.74 -10.05
CA MET D 360 0.11 -9.52 -10.82
C MET D 360 0.36 -10.86 -10.14
N TYR D 361 0.32 -11.93 -10.92
CA TYR D 361 0.65 -13.28 -10.44
C TYR D 361 1.98 -13.70 -11.08
N ASP D 362 3.03 -13.78 -10.26
CA ASP D 362 4.37 -14.04 -10.73
C ASP D 362 4.65 -15.55 -10.74
N ALA D 363 5.86 -15.91 -11.18
CA ALA D 363 6.28 -17.31 -11.19
C ALA D 363 6.49 -17.86 -9.78
N ASP D 364 6.67 -16.98 -8.79
CA ASP D 364 6.80 -17.42 -7.41
C ASP D 364 5.46 -17.71 -6.75
N GLN D 365 4.38 -17.66 -7.54
CA GLN D 365 3.02 -17.98 -7.07
C GLN D 365 2.57 -17.07 -5.94
N HIS D 366 3.09 -15.84 -5.92
CA HIS D 366 2.66 -14.80 -5.00
C HIS D 366 2.00 -13.66 -5.79
N ILE D 367 1.01 -13.03 -5.18
CA ILE D 367 0.18 -12.02 -5.83
C ILE D 367 0.63 -10.63 -5.38
N ILE D 368 0.93 -9.77 -6.36
CA ILE D 368 1.25 -8.37 -6.09
C ILE D 368 -0.01 -7.55 -6.41
N HIS D 369 -0.66 -7.04 -5.38
CA HIS D 369 -1.90 -6.29 -5.55
C HIS D 369 -1.63 -4.85 -5.95
N ASP D 370 -2.55 -4.30 -6.74
CA ASP D 370 -2.50 -2.90 -7.18
C ASP D 370 -1.18 -2.61 -7.89
N SER D 371 -0.79 -3.50 -8.80
CA SER D 371 0.47 -3.37 -9.52
C SER D 371 0.30 -3.89 -10.93
N VAL D 372 1.04 -3.25 -11.86
CA VAL D 372 1.20 -3.72 -13.22
C VAL D 372 2.66 -4.04 -13.53
N GLU D 373 3.52 -4.05 -12.52
CA GLU D 373 4.95 -4.23 -12.68
C GLU D 373 5.35 -5.68 -12.45
N GLY D 374 6.57 -6.00 -12.85
CA GLY D 374 7.10 -7.33 -12.63
C GLY D 374 6.97 -8.21 -13.85
N SER D 375 7.34 -9.48 -13.66
CA SER D 375 7.33 -10.48 -14.72
C SER D 375 6.10 -11.37 -14.68
N GLY D 376 5.12 -11.04 -13.83
CA GLY D 376 3.94 -11.85 -13.68
C GLY D 376 2.91 -11.65 -14.80
N ILE D 377 1.72 -12.19 -14.56
CA ILE D 377 0.59 -12.06 -15.46
C ILE D 377 -0.42 -11.11 -14.85
N LEU D 378 -0.90 -10.15 -15.65
CA LEU D 378 -1.89 -9.20 -15.17
C LEU D 378 -3.24 -9.89 -15.02
N MET D 379 -3.90 -9.67 -13.89
CA MET D 379 -5.18 -10.30 -13.59
C MET D 379 -6.18 -9.25 -13.12
N CYS D 380 -7.43 -9.40 -13.56
CA CYS D 380 -8.50 -8.50 -13.20
C CYS D 380 -9.73 -9.33 -12.85
N SER D 381 -10.29 -9.11 -11.66
CA SER D 381 -11.45 -9.87 -11.20
C SER D 381 -12.28 -8.94 -10.31
N ILE D 382 -13.26 -8.29 -10.92
CA ILE D 382 -14.12 -7.34 -10.23
C ILE D 382 -15.46 -8.00 -9.95
N ASP D 383 -15.91 -7.93 -8.70
CA ASP D 383 -17.16 -8.57 -8.30
C ASP D 383 -18.40 -7.77 -8.72
N ASN D 384 -18.26 -6.46 -8.93
CA ASN D 384 -19.39 -5.60 -9.28
C ASN D 384 -19.05 -4.77 -10.52
N LEU D 385 -18.74 -5.48 -11.60
CA LEU D 385 -18.48 -4.81 -12.88
C LEU D 385 -19.61 -3.90 -13.34
N PRO D 386 -20.89 -4.30 -13.30
CA PRO D 386 -21.94 -3.41 -13.81
C PRO D 386 -22.04 -2.08 -13.08
N ALA D 387 -21.51 -1.98 -11.86
CA ALA D 387 -21.53 -0.71 -11.15
C ALA D 387 -20.71 0.37 -11.85
N GLN D 388 -19.78 -0.02 -12.72
CA GLN D 388 -19.01 0.97 -13.48
C GLN D 388 -19.82 1.60 -14.60
N LEU D 389 -20.88 0.93 -15.06
CA LEU D 389 -21.81 1.48 -16.04
C LEU D 389 -23.21 1.45 -15.42
N PRO D 390 -23.43 2.28 -14.38
CA PRO D 390 -24.63 2.10 -13.56
C PRO D 390 -25.92 2.51 -14.25
N ILE D 391 -25.89 3.48 -15.16
CA ILE D 391 -27.11 3.92 -15.83
C ILE D 391 -27.64 2.80 -16.72
N GLU D 392 -26.79 2.25 -17.58
CA GLU D 392 -27.21 1.16 -18.46
C GLU D 392 -27.49 -0.12 -17.68
N ALA D 393 -26.75 -0.36 -16.59
CA ALA D 393 -27.03 -1.52 -15.76
C ALA D 393 -28.37 -1.40 -15.04
N THR D 394 -28.75 -0.18 -14.66
CA THR D 394 -30.02 0.00 -13.96
C THR D 394 -31.21 -0.27 -14.86
N GLU D 395 -31.17 0.21 -16.11
CA GLU D 395 -32.28 -0.05 -17.02
C GLU D 395 -32.39 -1.53 -17.36
N CYS D 396 -31.26 -2.21 -17.53
CA CYS D 396 -31.30 -3.63 -17.84
C CYS D 396 -31.86 -4.43 -16.66
N PHE D 397 -31.39 -4.14 -15.45
CA PHE D 397 -31.91 -4.81 -14.27
C PHE D 397 -33.39 -4.51 -14.09
N GLY D 398 -33.79 -3.26 -14.30
CA GLY D 398 -35.19 -2.91 -14.13
C GLY D 398 -36.11 -3.56 -15.15
N ASP D 399 -35.63 -3.74 -16.38
CA ASP D 399 -36.43 -4.41 -17.40
C ASP D 399 -36.75 -5.84 -16.99
N MET D 400 -35.78 -6.55 -16.40
CA MET D 400 -36.01 -7.93 -15.98
C MET D 400 -36.90 -7.99 -14.75
N LEU D 401 -36.77 -7.02 -13.84
CA LEU D 401 -37.53 -7.04 -12.60
C LEU D 401 -38.96 -6.54 -12.77
N TYR D 402 -39.20 -5.69 -13.78
CA TYR D 402 -40.48 -5.01 -13.93
C TYR D 402 -41.70 -5.93 -13.90
N PRO D 403 -41.72 -7.07 -14.61
CA PRO D 403 -42.96 -7.89 -14.59
C PRO D 403 -43.31 -8.44 -13.22
N TYR D 404 -42.33 -8.64 -12.35
CA TYR D 404 -42.58 -9.18 -11.02
C TYR D 404 -42.84 -8.11 -9.97
N VAL D 405 -42.80 -6.84 -10.35
CA VAL D 405 -42.95 -5.77 -9.36
C VAL D 405 -44.37 -5.72 -8.82
N GLU D 406 -45.37 -5.87 -9.69
CA GLU D 406 -46.76 -5.69 -9.28
C GLU D 406 -47.16 -6.72 -8.22
N GLU D 407 -46.74 -7.97 -8.38
CA GLU D 407 -47.08 -8.96 -7.37
C GLU D 407 -46.34 -8.73 -6.06
N MET D 408 -45.18 -8.08 -6.12
CA MET D 408 -44.47 -7.75 -4.88
C MET D 408 -45.15 -6.62 -4.13
N ILE D 409 -45.65 -5.60 -4.85
CA ILE D 409 -46.33 -4.49 -4.19
C ILE D 409 -47.61 -4.98 -3.53
N LEU D 410 -48.32 -5.92 -4.16
CA LEU D 410 -49.55 -6.45 -3.61
C LEU D 410 -49.33 -7.37 -2.42
N SER D 411 -48.08 -7.75 -2.15
CA SER D 411 -47.80 -8.63 -1.03
C SER D 411 -48.01 -7.90 0.30
N ASP D 412 -48.31 -8.68 1.33
CA ASP D 412 -48.55 -8.15 2.67
C ASP D 412 -47.61 -8.85 3.63
N ALA D 413 -46.76 -8.07 4.30
CA ALA D 413 -45.76 -8.65 5.20
C ALA D 413 -46.39 -9.29 6.43
N THR D 414 -47.57 -8.83 6.84
CA THR D 414 -48.19 -9.40 8.03
C THR D 414 -48.89 -10.74 7.74
N GLN D 415 -49.44 -10.91 6.53
CA GLN D 415 -50.13 -12.14 6.20
C GLN D 415 -49.15 -13.28 5.95
N PRO D 416 -49.57 -14.52 6.19
CA PRO D 416 -48.69 -15.67 5.94
C PRO D 416 -48.35 -15.83 4.47
N LEU D 417 -47.23 -16.53 4.22
CA LEU D 417 -46.81 -16.78 2.85
C LEU D 417 -47.83 -17.58 2.07
N GLU D 418 -48.55 -18.50 2.74
CA GLU D 418 -49.48 -19.36 2.03
C GLU D 418 -50.69 -18.59 1.51
N SER D 419 -51.07 -17.49 2.17
CA SER D 419 -52.18 -16.68 1.72
C SER D 419 -51.79 -15.70 0.61
N GLN D 420 -50.50 -15.51 0.36
CA GLN D 420 -50.05 -14.58 -0.67
C GLN D 420 -50.24 -15.17 -2.05
N ASN D 421 -50.63 -14.33 -3.00
CA ASN D 421 -50.79 -14.73 -4.40
C ASN D 421 -49.46 -14.50 -5.11
N PHE D 422 -48.54 -15.45 -4.91
CA PHE D 422 -47.21 -15.39 -5.48
C PHE D 422 -47.03 -16.38 -6.62
N SER D 423 -46.24 -16.01 -7.61
CA SER D 423 -45.76 -16.92 -8.62
C SER D 423 -44.60 -17.74 -8.06
N PRO D 424 -44.30 -18.90 -8.66
CA PRO D 424 -43.16 -19.69 -8.17
C PRO D 424 -41.83 -18.95 -8.17
N VAL D 425 -41.65 -17.98 -9.08
CA VAL D 425 -40.40 -17.24 -9.14
C VAL D 425 -40.19 -16.41 -7.89
N VAL D 426 -41.23 -15.69 -7.45
CA VAL D 426 -41.13 -14.86 -6.26
C VAL D 426 -41.19 -15.73 -5.00
N ARG D 427 -42.04 -16.76 -5.01
CA ARG D 427 -42.28 -17.55 -3.81
C ARG D 427 -41.01 -18.27 -3.37
N ASP D 428 -40.32 -18.94 -4.30
CA ASP D 428 -39.11 -19.66 -3.96
C ASP D 428 -37.97 -18.75 -3.53
N ALA D 429 -38.06 -17.45 -3.80
CA ALA D 429 -36.99 -16.52 -3.48
C ALA D 429 -37.13 -15.89 -2.10
N VAL D 430 -38.23 -16.14 -1.39
CA VAL D 430 -38.45 -15.54 -0.07
C VAL D 430 -37.57 -16.26 0.94
N ILE D 431 -36.62 -15.53 1.52
CA ILE D 431 -35.71 -16.14 2.50
C ILE D 431 -36.30 -16.07 3.90
N THR D 432 -36.88 -14.93 4.26
CA THR D 432 -37.47 -14.72 5.57
C THR D 432 -38.93 -14.29 5.38
N SER D 433 -39.79 -14.69 6.31
CA SER D 433 -41.18 -14.26 6.27
C SER D 433 -41.83 -14.54 7.61
N ASN D 434 -42.48 -13.52 8.16
CA ASN D 434 -43.15 -13.62 9.46
C ASN D 434 -42.20 -14.15 10.51
N GLY D 435 -41.01 -13.55 10.59
CA GLY D 435 -40.07 -13.88 11.64
C GLY D 435 -39.33 -15.19 11.47
N THR D 436 -39.81 -16.11 10.63
CA THR D 436 -39.26 -17.46 10.57
C THR D 436 -38.85 -17.86 9.16
N LEU D 437 -37.72 -18.55 9.07
CA LEU D 437 -37.22 -19.04 7.79
C LEU D 437 -38.09 -20.22 7.31
N PRO D 438 -38.42 -20.26 6.02
CA PRO D 438 -39.17 -21.41 5.50
C PRO D 438 -38.33 -22.68 5.51
N ASP D 439 -39.01 -23.79 5.19
CA ASP D 439 -38.35 -25.10 5.20
C ASP D 439 -37.16 -25.13 4.25
N LYS D 440 -37.34 -24.62 3.03
CA LYS D 440 -36.28 -24.66 2.02
C LYS D 440 -35.04 -23.89 2.44
N TYR D 441 -35.18 -22.90 3.32
CA TYR D 441 -34.04 -22.10 3.79
C TYR D 441 -33.78 -22.29 5.28
N LYS D 442 -34.34 -23.35 5.88
CA LYS D 442 -34.07 -23.62 7.29
C LYS D 442 -32.61 -23.98 7.52
N TYR D 443 -31.97 -24.60 6.53
CA TYR D 443 -30.58 -25.06 6.68
C TYR D 443 -29.62 -23.93 7.07
N ILE D 444 -29.97 -22.68 6.80
CA ILE D 444 -29.07 -21.56 7.06
C ILE D 444 -28.69 -21.53 8.54
N GLN D 445 -29.65 -21.78 9.43
CA GLN D 445 -29.39 -21.69 10.87
C GLN D 445 -28.32 -22.70 11.29
N THR D 446 -28.37 -23.93 10.75
CA THR D 446 -27.35 -24.90 11.11
C THR D 446 -25.97 -24.50 10.58
N LEU D 447 -25.93 -23.80 9.45
CA LEU D 447 -24.67 -23.29 8.90
C LEU D 447 -24.30 -21.98 9.61
N ARG D 448 -23.92 -22.11 10.87
CA ARG D 448 -23.55 -20.97 11.71
C ARG D 448 -24.65 -19.91 11.76
MG MG E . -4.68 3.97 -8.13
MG MG F . 4.71 -3.52 8.33
#